data_7WJP
# 
_entry.id   7WJP 
# 
_audit_conform.dict_name       mmcif_pdbx.dic 
_audit_conform.dict_version    5.380 
_audit_conform.dict_location   http://mmcif.pdb.org/dictionaries/ascii/mmcif_pdbx.dic 
# 
loop_
_database_2.database_id 
_database_2.database_code 
_database_2.pdbx_database_accession 
_database_2.pdbx_DOI 
PDB   7WJP         pdb_00007wjp 10.2210/pdb7wjp/pdb 
WWPDB D_1300026829 ?            ?                   
# 
_pdbx_database_status.status_code                     REL 
_pdbx_database_status.status_code_sf                  REL 
_pdbx_database_status.status_code_mr                  ? 
_pdbx_database_status.entry_id                        7WJP 
_pdbx_database_status.recvd_initial_deposition_date   2022-01-07 
_pdbx_database_status.SG_entry                        N 
_pdbx_database_status.deposit_site                    PDBJ 
_pdbx_database_status.process_site                    PDBJ 
_pdbx_database_status.status_code_cs                  ? 
_pdbx_database_status.status_code_nmr_data            ? 
_pdbx_database_status.methods_development_category    ? 
_pdbx_database_status.pdb_format_compatible           Y 
# 
loop_
_audit_author.name 
_audit_author.pdbx_ordinal 
_audit_author.identifier_ORCID 
'Hong, M.' 1 0000-0002-5953-1282 
'Kim, J.'  2 0000-0002-5060-3075 
# 
_citation.abstract                  ? 
_citation.abstract_id_CAS           ? 
_citation.book_id_ISBN              ? 
_citation.book_publisher            ? 
_citation.book_publisher_city       ? 
_citation.book_title                ? 
_citation.coordinate_linkage        ? 
_citation.country                   US 
_citation.database_id_Medline       ? 
_citation.details                   ? 
_citation.id                        primary 
_citation.journal_abbrev            Biochem.Biophys.Res.Commun. 
_citation.journal_id_ASTM           BBRCA9 
_citation.journal_id_CSD            0146 
_citation.journal_id_ISSN           1090-2104 
_citation.journal_full              ? 
_citation.journal_issue             ? 
_citation.journal_volume            600 
_citation.language                  ? 
_citation.page_first                142 
_citation.page_last                 149 
_citation.title                     
'Structure-based molecular characterization of the LltR transcription factor from Listeria monocytogenes.' 
_citation.year                      2022 
_citation.database_id_CSD           ? 
_citation.pdbx_database_id_DOI      10.1016/j.bbrc.2022.02.067 
_citation.pdbx_database_id_PubMed   35219103 
_citation.pdbx_database_id_patent   ? 
_citation.unpublished_flag          ? 
# 
loop_
_citation_author.citation_id 
_citation_author.name 
_citation_author.ordinal 
_citation_author.identifier_ORCID 
primary 'Kim, J.'  1 ? 
primary 'Park, J.' 2 ? 
primary 'Choi, Z.' 3 ? 
primary 'Hong, M.' 4 ? 
# 
_cell.angle_alpha                  90.000 
_cell.angle_alpha_esd              ? 
_cell.angle_beta                   90.000 
_cell.angle_beta_esd               ? 
_cell.angle_gamma                  90.000 
_cell.angle_gamma_esd              ? 
_cell.entry_id                     7WJP 
_cell.details                      ? 
_cell.formula_units_Z              ? 
_cell.length_a                     72.182 
_cell.length_a_esd                 ? 
_cell.length_b                     72.182 
_cell.length_b_esd                 ? 
_cell.length_c                     46.670 
_cell.length_c_esd                 ? 
_cell.volume                       243161.953 
_cell.volume_esd                   ? 
_cell.Z_PDB                        8 
_cell.reciprocal_angle_alpha       ? 
_cell.reciprocal_angle_beta        ? 
_cell.reciprocal_angle_gamma       ? 
_cell.reciprocal_angle_alpha_esd   ? 
_cell.reciprocal_angle_beta_esd    ? 
_cell.reciprocal_angle_gamma_esd   ? 
_cell.reciprocal_length_a          ? 
_cell.reciprocal_length_b          ? 
_cell.reciprocal_length_c          ? 
_cell.reciprocal_length_a_esd      ? 
_cell.reciprocal_length_b_esd      ? 
_cell.reciprocal_length_c_esd      ? 
_cell.pdbx_unique_axis             ? 
# 
_symmetry.entry_id                         7WJP 
_symmetry.cell_setting                     ? 
_symmetry.Int_Tables_number                92 
_symmetry.space_group_name_Hall            'P 4abw 2nw' 
_symmetry.space_group_name_H-M             'P 41 21 2' 
_symmetry.pdbx_full_space_group_name_H-M   ? 
# 
loop_
_entity.id 
_entity.type 
_entity.src_method 
_entity.pdbx_description 
_entity.formula_weight 
_entity.pdbx_number_of_molecules 
_entity.pdbx_ec 
_entity.pdbx_mutation 
_entity.pdbx_fragment 
_entity.details 
1 polymer man 'PadR family transcriptional regulator' 12714.470 1  ? ? ? ? 
2 water   nat water                                   18.015    17 ? ? ? ? 
# 
_entity_name_com.entity_id   1 
_entity_name_com.name        'Transcriptional regulator,PadR family' 
# 
_entity_poly.entity_id                      1 
_entity_poly.type                           'polypeptide(L)' 
_entity_poly.nstd_linkage                   no 
_entity_poly.nstd_monomer                   no 
_entity_poly.pdbx_seq_one_letter_code       
;MEVNPQFKKGVLELCCLFLIQKKDCYGYELANQVSKYIEVAEGAIYPVLRRLVKEEYCSTYLVESNEGPSRKYYQLTVKG
EIYLNELISEWNNFTDSVAKLLTEGEAVNE
;
_entity_poly.pdbx_seq_one_letter_code_can   
;MEVNPQFKKGVLELCCLFLIQKKDCYGYELANQVSKYIEVAEGAIYPVLRRLVKEEYCSTYLVESNEGPSRKYYQLTVKG
EIYLNELISEWNNFTDSVAKLLTEGEAVNE
;
_entity_poly.pdbx_strand_id                 A 
_entity_poly.pdbx_target_identifier         ? 
# 
loop_
_entity_poly_seq.entity_id 
_entity_poly_seq.num 
_entity_poly_seq.mon_id 
_entity_poly_seq.hetero 
1 1   MET n 
1 2   GLU n 
1 3   VAL n 
1 4   ASN n 
1 5   PRO n 
1 6   GLN n 
1 7   PHE n 
1 8   LYS n 
1 9   LYS n 
1 10  GLY n 
1 11  VAL n 
1 12  LEU n 
1 13  GLU n 
1 14  LEU n 
1 15  CYS n 
1 16  CYS n 
1 17  LEU n 
1 18  PHE n 
1 19  LEU n 
1 20  ILE n 
1 21  GLN n 
1 22  LYS n 
1 23  LYS n 
1 24  ASP n 
1 25  CYS n 
1 26  TYR n 
1 27  GLY n 
1 28  TYR n 
1 29  GLU n 
1 30  LEU n 
1 31  ALA n 
1 32  ASN n 
1 33  GLN n 
1 34  VAL n 
1 35  SER n 
1 36  LYS n 
1 37  TYR n 
1 38  ILE n 
1 39  GLU n 
1 40  VAL n 
1 41  ALA n 
1 42  GLU n 
1 43  GLY n 
1 44  ALA n 
1 45  ILE n 
1 46  TYR n 
1 47  PRO n 
1 48  VAL n 
1 49  LEU n 
1 50  ARG n 
1 51  ARG n 
1 52  LEU n 
1 53  VAL n 
1 54  LYS n 
1 55  GLU n 
1 56  GLU n 
1 57  TYR n 
1 58  CYS n 
1 59  SER n 
1 60  THR n 
1 61  TYR n 
1 62  LEU n 
1 63  VAL n 
1 64  GLU n 
1 65  SER n 
1 66  ASN n 
1 67  GLU n 
1 68  GLY n 
1 69  PRO n 
1 70  SER n 
1 71  ARG n 
1 72  LYS n 
1 73  TYR n 
1 74  TYR n 
1 75  GLN n 
1 76  LEU n 
1 77  THR n 
1 78  VAL n 
1 79  LYS n 
1 80  GLY n 
1 81  GLU n 
1 82  ILE n 
1 83  TYR n 
1 84  LEU n 
1 85  ASN n 
1 86  GLU n 
1 87  LEU n 
1 88  ILE n 
1 89  SER n 
1 90  GLU n 
1 91  TRP n 
1 92  ASN n 
1 93  ASN n 
1 94  PHE n 
1 95  THR n 
1 96  ASP n 
1 97  SER n 
1 98  VAL n 
1 99  ALA n 
1 100 LYS n 
1 101 LEU n 
1 102 LEU n 
1 103 THR n 
1 104 GLU n 
1 105 GLY n 
1 106 GLU n 
1 107 ALA n 
1 108 VAL n 
1 109 ASN n 
1 110 GLU n 
# 
_entity_src_gen.entity_id                          1 
_entity_src_gen.pdbx_src_id                        1 
_entity_src_gen.pdbx_alt_source_flag               sample 
_entity_src_gen.pdbx_seq_type                      'Biological sequence' 
_entity_src_gen.pdbx_beg_seq_num                   1 
_entity_src_gen.pdbx_end_seq_num                   110 
_entity_src_gen.gene_src_common_name               ? 
_entity_src_gen.gene_src_genus                     ? 
_entity_src_gen.pdbx_gene_src_gene                 ? 
_entity_src_gen.gene_src_species                   ? 
_entity_src_gen.gene_src_strain                    ? 
_entity_src_gen.gene_src_tissue                    ? 
_entity_src_gen.gene_src_tissue_fraction           ? 
_entity_src_gen.gene_src_details                   ? 
_entity_src_gen.pdbx_gene_src_fragment             ? 
_entity_src_gen.pdbx_gene_src_scientific_name      'Listeria monocytogenes' 
_entity_src_gen.pdbx_gene_src_ncbi_taxonomy_id     1639 
_entity_src_gen.pdbx_gene_src_variant              ? 
_entity_src_gen.pdbx_gene_src_cell_line            ? 
_entity_src_gen.pdbx_gene_src_atcc                 ? 
_entity_src_gen.pdbx_gene_src_organ                ? 
_entity_src_gen.pdbx_gene_src_organelle            ? 
_entity_src_gen.pdbx_gene_src_cell                 ? 
_entity_src_gen.pdbx_gene_src_cellular_location    ? 
_entity_src_gen.host_org_common_name               ? 
_entity_src_gen.pdbx_host_org_scientific_name      'Escherichia coli' 
_entity_src_gen.pdbx_host_org_ncbi_taxonomy_id     562 
_entity_src_gen.host_org_genus                     ? 
_entity_src_gen.pdbx_host_org_gene                 ? 
_entity_src_gen.pdbx_host_org_organ                ? 
_entity_src_gen.host_org_species                   ? 
_entity_src_gen.pdbx_host_org_tissue               ? 
_entity_src_gen.pdbx_host_org_tissue_fraction      ? 
_entity_src_gen.pdbx_host_org_strain               ? 
_entity_src_gen.pdbx_host_org_variant              ? 
_entity_src_gen.pdbx_host_org_cell_line            ? 
_entity_src_gen.pdbx_host_org_atcc                 ? 
_entity_src_gen.pdbx_host_org_culture_collection   ? 
_entity_src_gen.pdbx_host_org_cell                 ? 
_entity_src_gen.pdbx_host_org_organelle            ? 
_entity_src_gen.pdbx_host_org_cellular_location    ? 
_entity_src_gen.pdbx_host_org_vector_type          ? 
_entity_src_gen.pdbx_host_org_vector               ? 
_entity_src_gen.host_org_details                   ? 
_entity_src_gen.expression_system_id               ? 
_entity_src_gen.plasmid_name                       ? 
_entity_src_gen.plasmid_details                    ? 
_entity_src_gen.pdbx_description                   ? 
# 
_struct_ref.id                         1 
_struct_ref.db_name                    UNP 
_struct_ref.db_code                    A0A1D2INR9_LISMN 
_struct_ref.pdbx_db_accession          A0A1D2INR9 
_struct_ref.pdbx_db_isoform            ? 
_struct_ref.entity_id                  1 
_struct_ref.pdbx_seq_one_letter_code   
;MEVNPQFKKGVLELCCLFLIQKKDCYGYELANQVSKYIEVAEGAIYPVLRRLVKEEYCSTYLVESNEGPSRKYYQLTVKG
EIYLNELISEWNNFTDSVAKLLTEGEAVNE
;
_struct_ref.pdbx_align_begin           1 
# 
_struct_ref_seq.align_id                      1 
_struct_ref_seq.ref_id                        1 
_struct_ref_seq.pdbx_PDB_id_code              7WJP 
_struct_ref_seq.pdbx_strand_id                A 
_struct_ref_seq.seq_align_beg                 1 
_struct_ref_seq.pdbx_seq_align_beg_ins_code   ? 
_struct_ref_seq.seq_align_end                 110 
_struct_ref_seq.pdbx_seq_align_end_ins_code   ? 
_struct_ref_seq.pdbx_db_accession             A0A1D2INR9 
_struct_ref_seq.db_align_beg                  1 
_struct_ref_seq.pdbx_db_align_beg_ins_code    ? 
_struct_ref_seq.db_align_end                  110 
_struct_ref_seq.pdbx_db_align_end_ins_code    ? 
_struct_ref_seq.pdbx_auth_seq_align_beg       1 
_struct_ref_seq.pdbx_auth_seq_align_end       110 
# 
loop_
_chem_comp.id 
_chem_comp.type 
_chem_comp.mon_nstd_flag 
_chem_comp.name 
_chem_comp.pdbx_synonyms 
_chem_comp.formula 
_chem_comp.formula_weight 
ALA 'L-peptide linking' y ALANINE         ? 'C3 H7 N O2'     89.093  
ARG 'L-peptide linking' y ARGININE        ? 'C6 H15 N4 O2 1' 175.209 
ASN 'L-peptide linking' y ASPARAGINE      ? 'C4 H8 N2 O3'    132.118 
ASP 'L-peptide linking' y 'ASPARTIC ACID' ? 'C4 H7 N O4'     133.103 
CYS 'L-peptide linking' y CYSTEINE        ? 'C3 H7 N O2 S'   121.158 
GLN 'L-peptide linking' y GLUTAMINE       ? 'C5 H10 N2 O3'   146.144 
GLU 'L-peptide linking' y 'GLUTAMIC ACID' ? 'C5 H9 N O4'     147.129 
GLY 'peptide linking'   y GLYCINE         ? 'C2 H5 N O2'     75.067  
HOH non-polymer         . WATER           ? 'H2 O'           18.015  
ILE 'L-peptide linking' y ISOLEUCINE      ? 'C6 H13 N O2'    131.173 
LEU 'L-peptide linking' y LEUCINE         ? 'C6 H13 N O2'    131.173 
LYS 'L-peptide linking' y LYSINE          ? 'C6 H15 N2 O2 1' 147.195 
MET 'L-peptide linking' y METHIONINE      ? 'C5 H11 N O2 S'  149.211 
PHE 'L-peptide linking' y PHENYLALANINE   ? 'C9 H11 N O2'    165.189 
PRO 'L-peptide linking' y PROLINE         ? 'C5 H9 N O2'     115.130 
SER 'L-peptide linking' y SERINE          ? 'C3 H7 N O3'     105.093 
THR 'L-peptide linking' y THREONINE       ? 'C4 H9 N O3'     119.119 
TRP 'L-peptide linking' y TRYPTOPHAN      ? 'C11 H12 N2 O2'  204.225 
TYR 'L-peptide linking' y TYROSINE        ? 'C9 H11 N O3'    181.189 
VAL 'L-peptide linking' y VALINE          ? 'C5 H11 N O2'    117.146 
# 
_exptl.absorpt_coefficient_mu     ? 
_exptl.absorpt_correction_T_max   ? 
_exptl.absorpt_correction_T_min   ? 
_exptl.absorpt_correction_type    ? 
_exptl.absorpt_process_details    ? 
_exptl.entry_id                   7WJP 
_exptl.crystals_number            1 
_exptl.details                    ? 
_exptl.method                     'X-RAY DIFFRACTION' 
_exptl.method_details             ? 
# 
_exptl_crystal.colour                      ? 
_exptl_crystal.density_diffrn              ? 
_exptl_crystal.density_Matthews            2.39 
_exptl_crystal.density_method              ? 
_exptl_crystal.density_percent_sol         48.55 
_exptl_crystal.description                 ? 
_exptl_crystal.F_000                       ? 
_exptl_crystal.id                          1 
_exptl_crystal.preparation                 ? 
_exptl_crystal.size_max                    ? 
_exptl_crystal.size_mid                    ? 
_exptl_crystal.size_min                    ? 
_exptl_crystal.size_rad                    ? 
_exptl_crystal.colour_lustre               ? 
_exptl_crystal.colour_modifier             ? 
_exptl_crystal.colour_primary              ? 
_exptl_crystal.density_meas                ? 
_exptl_crystal.density_meas_esd            ? 
_exptl_crystal.density_meas_gt             ? 
_exptl_crystal.density_meas_lt             ? 
_exptl_crystal.density_meas_temp           ? 
_exptl_crystal.density_meas_temp_esd       ? 
_exptl_crystal.density_meas_temp_gt        ? 
_exptl_crystal.density_meas_temp_lt        ? 
_exptl_crystal.pdbx_crystal_image_url      ? 
_exptl_crystal.pdbx_crystal_image_format   ? 
_exptl_crystal.pdbx_mosaicity              ? 
_exptl_crystal.pdbx_mosaicity_esd          ? 
# 
_exptl_crystal_grow.apparatus       ? 
_exptl_crystal_grow.atmosphere      ? 
_exptl_crystal_grow.crystal_id      1 
_exptl_crystal_grow.details         ? 
_exptl_crystal_grow.method          'VAPOR DIFFUSION, SITTING DROP' 
_exptl_crystal_grow.method_ref      ? 
_exptl_crystal_grow.pH              6.5 
_exptl_crystal_grow.pressure        ? 
_exptl_crystal_grow.pressure_esd    ? 
_exptl_crystal_grow.seeding         ? 
_exptl_crystal_grow.seeding_ref     ? 
_exptl_crystal_grow.temp            291 
_exptl_crystal_grow.temp_details    ? 
_exptl_crystal_grow.temp_esd        ? 
_exptl_crystal_grow.time            ? 
_exptl_crystal_grow.pdbx_details    '1 M lithium chloride, 0.1 M MES, pH 6.5, 17% polyethylene glycol 6000' 
_exptl_crystal_grow.pdbx_pH_range   ? 
# 
_diffrn.ambient_environment              ? 
_diffrn.ambient_temp                     100 
_diffrn.ambient_temp_details             ? 
_diffrn.ambient_temp_esd                 ? 
_diffrn.crystal_id                       1 
_diffrn.crystal_support                  ? 
_diffrn.crystal_treatment                ? 
_diffrn.details                          ? 
_diffrn.id                               1 
_diffrn.ambient_pressure                 ? 
_diffrn.ambient_pressure_esd             ? 
_diffrn.ambient_pressure_gt              ? 
_diffrn.ambient_pressure_lt              ? 
_diffrn.ambient_temp_gt                  ? 
_diffrn.ambient_temp_lt                  ? 
_diffrn.pdbx_serial_crystal_experiment   N 
# 
_diffrn_detector.details                      ? 
_diffrn_detector.detector                     CCD 
_diffrn_detector.diffrn_id                    1 
_diffrn_detector.type                         'ADSC QUANTUM 270' 
_diffrn_detector.area_resol_mean              ? 
_diffrn_detector.dtime                        ? 
_diffrn_detector.pdbx_frames_total            ? 
_diffrn_detector.pdbx_collection_time_total   ? 
_diffrn_detector.pdbx_collection_date         2021-06-01 
_diffrn_detector.pdbx_frequency               ? 
# 
_diffrn_radiation.collimation                      ? 
_diffrn_radiation.diffrn_id                        1 
_diffrn_radiation.filter_edge                      ? 
_diffrn_radiation.inhomogeneity                    ? 
_diffrn_radiation.monochromator                    ? 
_diffrn_radiation.polarisn_norm                    ? 
_diffrn_radiation.polarisn_ratio                   ? 
_diffrn_radiation.probe                            ? 
_diffrn_radiation.type                             ? 
_diffrn_radiation.xray_symbol                      ? 
_diffrn_radiation.wavelength_id                    1 
_diffrn_radiation.pdbx_monochromatic_or_laue_m_l   M 
_diffrn_radiation.pdbx_wavelength_list             ? 
_diffrn_radiation.pdbx_wavelength                  ? 
_diffrn_radiation.pdbx_diffrn_protocol             'SINGLE WAVELENGTH' 
_diffrn_radiation.pdbx_analyzer                    ? 
_diffrn_radiation.pdbx_scattering_type             x-ray 
# 
_diffrn_radiation_wavelength.id           1 
_diffrn_radiation_wavelength.wavelength   0.97933 
_diffrn_radiation_wavelength.wt           1.0 
# 
_diffrn_source.current                     ? 
_diffrn_source.details                     ? 
_diffrn_source.diffrn_id                   1 
_diffrn_source.power                       ? 
_diffrn_source.size                        ? 
_diffrn_source.source                      SYNCHROTRON 
_diffrn_source.target                      ? 
_diffrn_source.type                        'PAL/PLS BEAMLINE 7A (6B, 6C1)' 
_diffrn_source.voltage                     ? 
_diffrn_source.take-off_angle              ? 
_diffrn_source.pdbx_wavelength_list        0.97933 
_diffrn_source.pdbx_wavelength             ? 
_diffrn_source.pdbx_synchrotron_beamline   '7A (6B, 6C1)' 
_diffrn_source.pdbx_synchrotron_site       PAL/PLS 
# 
_reflns.B_iso_Wilson_estimate                          49.05 
_reflns.entry_id                                       7WJP 
_reflns.data_reduction_details                         ? 
_reflns.data_reduction_method                          ? 
_reflns.d_resolution_high                              2.25 
_reflns.d_resolution_low                               50 
_reflns.details                                        ? 
_reflns.limit_h_max                                    ? 
_reflns.limit_h_min                                    ? 
_reflns.limit_k_max                                    ? 
_reflns.limit_k_min                                    ? 
_reflns.limit_l_max                                    ? 
_reflns.limit_l_min                                    ? 
_reflns.number_all                                     ? 
_reflns.number_obs                                     6256 
_reflns.observed_criterion                             ? 
_reflns.observed_criterion_F_max                       ? 
_reflns.observed_criterion_F_min                       ? 
_reflns.observed_criterion_I_max                       ? 
_reflns.observed_criterion_I_min                       ? 
_reflns.observed_criterion_sigma_F                     ? 
_reflns.observed_criterion_sigma_I                     ? 
_reflns.percent_possible_obs                           99.9 
_reflns.R_free_details                                 ? 
_reflns.Rmerge_F_all                                   ? 
_reflns.Rmerge_F_obs                                   ? 
_reflns.Friedel_coverage                               ? 
_reflns.number_gt                                      ? 
_reflns.threshold_expression                           ? 
_reflns.pdbx_redundancy                                13.5 
_reflns.pdbx_Rmerge_I_obs                              0.073 
_reflns.pdbx_Rmerge_I_all                              ? 
_reflns.pdbx_Rsym_value                                ? 
_reflns.pdbx_netI_over_av_sigmaI                       ? 
_reflns.pdbx_netI_over_sigmaI                          56.6 
_reflns.pdbx_res_netI_over_av_sigmaI_2                 ? 
_reflns.pdbx_res_netI_over_sigmaI_2                    ? 
_reflns.pdbx_chi_squared                               ? 
_reflns.pdbx_scaling_rejects                           ? 
_reflns.pdbx_d_res_high_opt                            ? 
_reflns.pdbx_d_res_low_opt                             ? 
_reflns.pdbx_d_res_opt_method                          ? 
_reflns.phase_calculation_details                      ? 
_reflns.pdbx_Rrim_I_all                                ? 
_reflns.pdbx_Rpim_I_all                                ? 
_reflns.pdbx_d_opt                                     ? 
_reflns.pdbx_number_measured_all                       ? 
_reflns.pdbx_diffrn_id                                 1 
_reflns.pdbx_ordinal                                   1 
_reflns.pdbx_CC_half                                   1.00 
_reflns.pdbx_CC_star                                   ? 
_reflns.pdbx_R_split                                   ? 
_reflns.pdbx_aniso_diffraction_limit_axis_1_ortho[1]   ? 
_reflns.pdbx_aniso_diffraction_limit_axis_1_ortho[2]   ? 
_reflns.pdbx_aniso_diffraction_limit_axis_1_ortho[3]   ? 
_reflns.pdbx_aniso_diffraction_limit_axis_2_ortho[1]   ? 
_reflns.pdbx_aniso_diffraction_limit_axis_2_ortho[2]   ? 
_reflns.pdbx_aniso_diffraction_limit_axis_2_ortho[3]   ? 
_reflns.pdbx_aniso_diffraction_limit_axis_3_ortho[1]   ? 
_reflns.pdbx_aniso_diffraction_limit_axis_3_ortho[2]   ? 
_reflns.pdbx_aniso_diffraction_limit_axis_3_ortho[3]   ? 
_reflns.pdbx_aniso_diffraction_limit_1                 ? 
_reflns.pdbx_aniso_diffraction_limit_2                 ? 
_reflns.pdbx_aniso_diffraction_limit_3                 ? 
_reflns.pdbx_aniso_B_tensor_eigenvector_1_ortho[1]     ? 
_reflns.pdbx_aniso_B_tensor_eigenvector_1_ortho[2]     ? 
_reflns.pdbx_aniso_B_tensor_eigenvector_1_ortho[3]     ? 
_reflns.pdbx_aniso_B_tensor_eigenvector_2_ortho[1]     ? 
_reflns.pdbx_aniso_B_tensor_eigenvector_2_ortho[2]     ? 
_reflns.pdbx_aniso_B_tensor_eigenvector_2_ortho[3]     ? 
_reflns.pdbx_aniso_B_tensor_eigenvector_3_ortho[1]     ? 
_reflns.pdbx_aniso_B_tensor_eigenvector_3_ortho[2]     ? 
_reflns.pdbx_aniso_B_tensor_eigenvector_3_ortho[3]     ? 
_reflns.pdbx_aniso_B_tensor_eigenvalue_1               ? 
_reflns.pdbx_aniso_B_tensor_eigenvalue_2               ? 
_reflns.pdbx_aniso_B_tensor_eigenvalue_3               ? 
_reflns.pdbx_orthogonalization_convention              ? 
_reflns.pdbx_percent_possible_ellipsoidal              ? 
_reflns.pdbx_percent_possible_spherical                ? 
_reflns.pdbx_percent_possible_ellipsoidal_anomalous    ? 
_reflns.pdbx_percent_possible_spherical_anomalous      ? 
_reflns.pdbx_redundancy_anomalous                      ? 
_reflns.pdbx_CC_half_anomalous                         ? 
_reflns.pdbx_absDiff_over_sigma_anomalous              ? 
_reflns.pdbx_percent_possible_anomalous                ? 
_reflns.pdbx_observed_signal_threshold                 ? 
_reflns.pdbx_signal_type                               ? 
_reflns.pdbx_signal_details                            ? 
_reflns.pdbx_signal_software_id                        ? 
# 
_reflns_shell.d_res_high                                    2.25 
_reflns_shell.d_res_low                                     2.29 
_reflns_shell.meanI_over_sigI_all                           ? 
_reflns_shell.meanI_over_sigI_obs                           3.25 
_reflns_shell.number_measured_all                           ? 
_reflns_shell.number_measured_obs                           ? 
_reflns_shell.number_possible                               ? 
_reflns_shell.number_unique_all                             ? 
_reflns_shell.number_unique_obs                             188 
_reflns_shell.percent_possible_all                          99.9 
_reflns_shell.percent_possible_obs                          ? 
_reflns_shell.Rmerge_F_all                                  ? 
_reflns_shell.Rmerge_F_obs                                  ? 
_reflns_shell.Rmerge_I_all                                  ? 
_reflns_shell.Rmerge_I_obs                                  0.387 
_reflns_shell.meanI_over_sigI_gt                            ? 
_reflns_shell.meanI_over_uI_all                             ? 
_reflns_shell.meanI_over_uI_gt                              ? 
_reflns_shell.number_measured_gt                            ? 
_reflns_shell.number_unique_gt                              ? 
_reflns_shell.percent_possible_gt                           ? 
_reflns_shell.Rmerge_F_gt                                   ? 
_reflns_shell.Rmerge_I_gt                                   ? 
_reflns_shell.pdbx_redundancy                               12.9 
_reflns_shell.pdbx_Rsym_value                               ? 
_reflns_shell.pdbx_chi_squared                              ? 
_reflns_shell.pdbx_netI_over_sigmaI_all                     ? 
_reflns_shell.pdbx_netI_over_sigmaI_obs                     ? 
_reflns_shell.pdbx_Rrim_I_all                               ? 
_reflns_shell.pdbx_Rpim_I_all                               ? 
_reflns_shell.pdbx_rejects                                  ? 
_reflns_shell.pdbx_ordinal                                  1 
_reflns_shell.pdbx_diffrn_id                                1 
_reflns_shell.pdbx_CC_half                                  0.983 
_reflns_shell.pdbx_CC_star                                  0.997 
_reflns_shell.pdbx_R_split                                  ? 
_reflns_shell.pdbx_percent_possible_ellipsoidal             ? 
_reflns_shell.pdbx_percent_possible_spherical               ? 
_reflns_shell.pdbx_percent_possible_ellipsoidal_anomalous   ? 
_reflns_shell.pdbx_percent_possible_spherical_anomalous     ? 
_reflns_shell.pdbx_redundancy_anomalous                     ? 
_reflns_shell.pdbx_CC_half_anomalous                        ? 
_reflns_shell.pdbx_absDiff_over_sigma_anomalous             ? 
_reflns_shell.pdbx_percent_possible_anomalous               ? 
# 
_refine.aniso_B[1][1]                            ? 
_refine.aniso_B[1][2]                            ? 
_refine.aniso_B[1][3]                            ? 
_refine.aniso_B[2][2]                            ? 
_refine.aniso_B[2][3]                            ? 
_refine.aniso_B[3][3]                            ? 
_refine.B_iso_max                                ? 
_refine.B_iso_mean                               65.07 
_refine.B_iso_min                                ? 
_refine.correlation_coeff_Fo_to_Fc               ? 
_refine.correlation_coeff_Fo_to_Fc_free          ? 
_refine.details                                  ? 
_refine.diff_density_max                         ? 
_refine.diff_density_max_esd                     ? 
_refine.diff_density_min                         ? 
_refine.diff_density_min_esd                     ? 
_refine.diff_density_rms                         ? 
_refine.diff_density_rms_esd                     ? 
_refine.entry_id                                 7WJP 
_refine.pdbx_refine_id                           'X-RAY DIFFRACTION' 
_refine.ls_abs_structure_details                 ? 
_refine.ls_abs_structure_Flack                   ? 
_refine.ls_abs_structure_Flack_esd               ? 
_refine.ls_abs_structure_Rogers                  ? 
_refine.ls_abs_structure_Rogers_esd              ? 
_refine.ls_d_res_high                            2.25 
_refine.ls_d_res_low                             36.09 
_refine.ls_extinction_coef                       ? 
_refine.ls_extinction_coef_esd                   ? 
_refine.ls_extinction_expression                 ? 
_refine.ls_extinction_method                     ? 
_refine.ls_goodness_of_fit_all                   ? 
_refine.ls_goodness_of_fit_all_esd               ? 
_refine.ls_goodness_of_fit_obs                   ? 
_refine.ls_goodness_of_fit_obs_esd               ? 
_refine.ls_hydrogen_treatment                    ? 
_refine.ls_matrix_type                           ? 
_refine.ls_number_constraints                    ? 
_refine.ls_number_parameters                     ? 
_refine.ls_number_reflns_all                     ? 
_refine.ls_number_reflns_obs                     6224 
_refine.ls_number_reflns_R_free                  318 
_refine.ls_number_reflns_R_work                  5901 
_refine.ls_number_restraints                     ? 
_refine.ls_percent_reflns_obs                    99.84 
_refine.ls_percent_reflns_R_free                 5.11 
_refine.ls_R_factor_all                          ? 
_refine.ls_R_factor_obs                          0.2282 
_refine.ls_R_factor_R_free                       0.2885 
_refine.ls_R_factor_R_free_error                 ? 
_refine.ls_R_factor_R_free_error_details         ? 
_refine.ls_R_factor_R_work                       0.2249 
_refine.ls_R_Fsqd_factor_obs                     ? 
_refine.ls_R_I_factor_obs                        ? 
_refine.ls_redundancy_reflns_all                 ? 
_refine.ls_redundancy_reflns_obs                 ? 
_refine.ls_restrained_S_all                      ? 
_refine.ls_restrained_S_obs                      ? 
_refine.ls_shift_over_esd_max                    ? 
_refine.ls_shift_over_esd_mean                   ? 
_refine.ls_structure_factor_coef                 ? 
_refine.ls_weighting_details                     ? 
_refine.ls_weighting_scheme                      ? 
_refine.ls_wR_factor_all                         ? 
_refine.ls_wR_factor_obs                         ? 
_refine.ls_wR_factor_R_free                      ? 
_refine.ls_wR_factor_R_work                      ? 
_refine.occupancy_max                            ? 
_refine.occupancy_min                            ? 
_refine.solvent_model_details                    'FLAT BULK SOLVENT MODEL' 
_refine.solvent_model_param_bsol                 ? 
_refine.solvent_model_param_ksol                 ? 
_refine.pdbx_R_complete                          ? 
_refine.ls_R_factor_gt                           ? 
_refine.ls_goodness_of_fit_gt                    ? 
_refine.ls_goodness_of_fit_ref                   ? 
_refine.ls_shift_over_su_max                     ? 
_refine.ls_shift_over_su_max_lt                  ? 
_refine.ls_shift_over_su_mean                    ? 
_refine.ls_shift_over_su_mean_lt                 ? 
_refine.pdbx_ls_sigma_I                          ? 
_refine.pdbx_ls_sigma_F                          1.36 
_refine.pdbx_ls_sigma_Fsqd                       ? 
_refine.pdbx_data_cutoff_high_absF               ? 
_refine.pdbx_data_cutoff_high_rms_absF           ? 
_refine.pdbx_data_cutoff_low_absF                ? 
_refine.pdbx_isotropic_thermal_model             ? 
_refine.pdbx_ls_cross_valid_method               'FREE R-VALUE' 
_refine.pdbx_method_to_determine_struct          'MOLECULAR REPLACEMENT' 
_refine.pdbx_starting_model                      5ZQH 
_refine.pdbx_stereochemistry_target_values       'GeoStd + Monomer Library + CDL v1.2' 
_refine.pdbx_R_Free_selection_details            318 
_refine.pdbx_stereochem_target_val_spec_case     ? 
_refine.pdbx_overall_ESU_R                       ? 
_refine.pdbx_overall_ESU_R_Free                  ? 
_refine.pdbx_solvent_vdw_probe_radii             1.1100 
_refine.pdbx_solvent_ion_probe_radii             ? 
_refine.pdbx_solvent_shrinkage_radii             0.9000 
_refine.pdbx_real_space_R                        ? 
_refine.pdbx_density_correlation                 ? 
_refine.pdbx_pd_number_of_powder_patterns        ? 
_refine.pdbx_pd_number_of_points                 ? 
_refine.pdbx_pd_meas_number_of_points            ? 
_refine.pdbx_pd_proc_ls_prof_R_factor            ? 
_refine.pdbx_pd_proc_ls_prof_wR_factor           ? 
_refine.pdbx_pd_Marquardt_correlation_coeff      ? 
_refine.pdbx_pd_Fsqrd_R_factor                   ? 
_refine.pdbx_pd_ls_matrix_band_width             ? 
_refine.pdbx_overall_phase_error                 33.9989 
_refine.pdbx_overall_SU_R_free_Cruickshank_DPI   ? 
_refine.pdbx_overall_SU_R_free_Blow_DPI          ? 
_refine.pdbx_overall_SU_R_Blow_DPI               ? 
_refine.pdbx_TLS_residual_ADP_flag               ? 
_refine.pdbx_diffrn_id                           1 
_refine.overall_SU_B                             ? 
_refine.overall_SU_ML                            0.1646 
_refine.overall_SU_R_Cruickshank_DPI             ? 
_refine.overall_SU_R_free                        ? 
_refine.overall_FOM_free_R_set                   ? 
_refine.overall_FOM_work_R_set                   ? 
_refine.pdbx_average_fsc_overall                 ? 
_refine.pdbx_average_fsc_work                    ? 
_refine.pdbx_average_fsc_free                    ? 
# 
_refine_hist.pdbx_refine_id                   'X-RAY DIFFRACTION' 
_refine_hist.cycle_id                         LAST 
_refine_hist.details                          ? 
_refine_hist.d_res_high                       2.25 
_refine_hist.d_res_low                        36.09 
_refine_hist.number_atoms_solvent             17 
_refine_hist.number_atoms_total               818 
_refine_hist.number_reflns_all                ? 
_refine_hist.number_reflns_obs                ? 
_refine_hist.number_reflns_R_free             ? 
_refine_hist.number_reflns_R_work             ? 
_refine_hist.R_factor_all                     ? 
_refine_hist.R_factor_obs                     ? 
_refine_hist.R_factor_R_free                  ? 
_refine_hist.R_factor_R_work                  ? 
_refine_hist.pdbx_number_residues_total       ? 
_refine_hist.pdbx_B_iso_mean_ligand           ? 
_refine_hist.pdbx_B_iso_mean_solvent          ? 
_refine_hist.pdbx_number_atoms_protein        801 
_refine_hist.pdbx_number_atoms_nucleic_acid   0 
_refine_hist.pdbx_number_atoms_ligand         0 
_refine_hist.pdbx_number_atoms_lipid          ? 
_refine_hist.pdbx_number_atoms_carb           ? 
_refine_hist.pdbx_pseudo_atom_details         ? 
# 
loop_
_refine_ls_restr.pdbx_refine_id 
_refine_ls_restr.criterion 
_refine_ls_restr.dev_ideal 
_refine_ls_restr.dev_ideal_target 
_refine_ls_restr.number 
_refine_ls_restr.rejects 
_refine_ls_restr.type 
_refine_ls_restr.weight 
_refine_ls_restr.pdbx_restraint_function 
'X-RAY DIFFRACTION' ? 0.0071  ? 816  ? f_bond_d           ? ? 
'X-RAY DIFFRACTION' ? 0.9374  ? 1099 ? f_angle_d          ? ? 
'X-RAY DIFFRACTION' ? 0.0457  ? 123  ? f_chiral_restr     ? ? 
'X-RAY DIFFRACTION' ? 0.0040  ? 134  ? f_plane_restr      ? ? 
'X-RAY DIFFRACTION' ? 19.6086 ? 492  ? f_dihedral_angle_d ? ? 
# 
loop_
_refine_ls_shell.pdbx_refine_id 
_refine_ls_shell.d_res_high 
_refine_ls_shell.d_res_low 
_refine_ls_shell.number_reflns_all 
_refine_ls_shell.number_reflns_obs 
_refine_ls_shell.number_reflns_R_free 
_refine_ls_shell.number_reflns_R_work 
_refine_ls_shell.percent_reflns_obs 
_refine_ls_shell.percent_reflns_R_free 
_refine_ls_shell.R_factor_all 
_refine_ls_shell.R_factor_obs 
_refine_ls_shell.R_factor_R_free 
_refine_ls_shell.R_factor_R_free_error 
_refine_ls_shell.R_factor_R_work 
_refine_ls_shell.redundancy_reflns_all 
_refine_ls_shell.redundancy_reflns_obs 
_refine_ls_shell.wR_factor_all 
_refine_ls_shell.wR_factor_obs 
_refine_ls_shell.wR_factor_R_free 
_refine_ls_shell.wR_factor_R_work 
_refine_ls_shell.pdbx_R_complete 
_refine_ls_shell.pdbx_total_number_of_bins_used 
_refine_ls_shell.pdbx_phase_error 
_refine_ls_shell.pdbx_fsc_work 
_refine_ls_shell.pdbx_fsc_free 
'X-RAY DIFFRACTION' 2.25 2.83  . . 150 2881 99.90 . . . 0.3521 . 0.2737 . . . . . . . . . . . 
'X-RAY DIFFRACTION' 2.83 36.09 . . 168 3020 99.78 . . . 0.2736 . 0.2135 . . . . . . . . . . . 
# 
_struct.entry_id                     7WJP 
_struct.title                        'Structure of PadR-like protein from Listeria monocytogenes' 
_struct.pdbx_model_details           ? 
_struct.pdbx_formula_weight          ? 
_struct.pdbx_formula_weight_method   ? 
_struct.pdbx_model_type_details      ? 
_struct.pdbx_CASP_flag               N 
# 
_struct_keywords.entry_id        7WJP 
_struct_keywords.text            'listeria monocytogenes, Transcription factor, regulation, PadR, TRANSCRIPTION' 
_struct_keywords.pdbx_keywords   TRANSCRIPTION 
# 
loop_
_struct_asym.id 
_struct_asym.pdbx_blank_PDB_chainid_flag 
_struct_asym.pdbx_modified 
_struct_asym.entity_id 
_struct_asym.details 
A N N 1 ? 
B N N 2 ? 
# 
loop_
_struct_conf.conf_type_id 
_struct_conf.id 
_struct_conf.pdbx_PDB_helix_id 
_struct_conf.beg_label_comp_id 
_struct_conf.beg_label_asym_id 
_struct_conf.beg_label_seq_id 
_struct_conf.pdbx_beg_PDB_ins_code 
_struct_conf.end_label_comp_id 
_struct_conf.end_label_asym_id 
_struct_conf.end_label_seq_id 
_struct_conf.pdbx_end_PDB_ins_code 
_struct_conf.beg_auth_comp_id 
_struct_conf.beg_auth_asym_id 
_struct_conf.beg_auth_seq_id 
_struct_conf.end_auth_comp_id 
_struct_conf.end_auth_asym_id 
_struct_conf.end_auth_seq_id 
_struct_conf.pdbx_PDB_helix_class 
_struct_conf.details 
_struct_conf.pdbx_PDB_helix_length 
HELX_P HELX_P1 AA1 GLN A 6  ? LYS A 23  ? GLN A 6  LYS A 23  1 ? 18 
HELX_P HELX_P2 AA2 GLY A 27 ? SER A 35  ? GLY A 27 SER A 35  1 ? 9  
HELX_P HELX_P3 AA3 ALA A 44 ? GLU A 55  ? ALA A 44 GLU A 55  1 ? 12 
HELX_P HELX_P4 AA4 THR A 77 ? THR A 103 ? THR A 77 THR A 103 1 ? 27 
# 
_struct_conf_type.id          HELX_P 
_struct_conf_type.criteria    ? 
_struct_conf_type.reference   ? 
# 
_struct_sheet.id               AA1 
_struct_sheet.type             ? 
_struct_sheet.number_strands   3 
_struct_sheet.details          ? 
# 
loop_
_struct_sheet_order.sheet_id 
_struct_sheet_order.range_id_1 
_struct_sheet_order.range_id_2 
_struct_sheet_order.offset 
_struct_sheet_order.sense 
AA1 1 2 ? anti-parallel 
AA1 2 3 ? anti-parallel 
# 
loop_
_struct_sheet_range.sheet_id 
_struct_sheet_range.id 
_struct_sheet_range.beg_label_comp_id 
_struct_sheet_range.beg_label_asym_id 
_struct_sheet_range.beg_label_seq_id 
_struct_sheet_range.pdbx_beg_PDB_ins_code 
_struct_sheet_range.end_label_comp_id 
_struct_sheet_range.end_label_asym_id 
_struct_sheet_range.end_label_seq_id 
_struct_sheet_range.pdbx_end_PDB_ins_code 
_struct_sheet_range.beg_auth_comp_id 
_struct_sheet_range.beg_auth_asym_id 
_struct_sheet_range.beg_auth_seq_id 
_struct_sheet_range.end_auth_comp_id 
_struct_sheet_range.end_auth_asym_id 
_struct_sheet_range.end_auth_seq_id 
AA1 1 CYS A 25 ? TYR A 26 ? CYS A 25 TYR A 26 
AA1 2 ARG A 71 ? LEU A 76 ? ARG A 71 LEU A 76 
AA1 3 CYS A 58 ? VAL A 63 ? CYS A 58 VAL A 63 
# 
loop_
_pdbx_struct_sheet_hbond.sheet_id 
_pdbx_struct_sheet_hbond.range_id_1 
_pdbx_struct_sheet_hbond.range_id_2 
_pdbx_struct_sheet_hbond.range_1_label_atom_id 
_pdbx_struct_sheet_hbond.range_1_label_comp_id 
_pdbx_struct_sheet_hbond.range_1_label_asym_id 
_pdbx_struct_sheet_hbond.range_1_label_seq_id 
_pdbx_struct_sheet_hbond.range_1_PDB_ins_code 
_pdbx_struct_sheet_hbond.range_1_auth_atom_id 
_pdbx_struct_sheet_hbond.range_1_auth_comp_id 
_pdbx_struct_sheet_hbond.range_1_auth_asym_id 
_pdbx_struct_sheet_hbond.range_1_auth_seq_id 
_pdbx_struct_sheet_hbond.range_2_label_atom_id 
_pdbx_struct_sheet_hbond.range_2_label_comp_id 
_pdbx_struct_sheet_hbond.range_2_label_asym_id 
_pdbx_struct_sheet_hbond.range_2_label_seq_id 
_pdbx_struct_sheet_hbond.range_2_PDB_ins_code 
_pdbx_struct_sheet_hbond.range_2_auth_atom_id 
_pdbx_struct_sheet_hbond.range_2_auth_comp_id 
_pdbx_struct_sheet_hbond.range_2_auth_asym_id 
_pdbx_struct_sheet_hbond.range_2_auth_seq_id 
AA1 1 2 N CYS A 25 ? N CYS A 25 O TYR A 74 ? O TYR A 74 
AA1 2 3 O TYR A 73 ? O TYR A 73 N TYR A 61 ? N TYR A 61 
# 
_atom_sites.entry_id                    7WJP 
_atom_sites.Cartn_transf_matrix[1][1]   ? 
_atom_sites.Cartn_transf_matrix[1][2]   ? 
_atom_sites.Cartn_transf_matrix[1][3]   ? 
_atom_sites.Cartn_transf_matrix[2][1]   ? 
_atom_sites.Cartn_transf_matrix[2][2]   ? 
_atom_sites.Cartn_transf_matrix[2][3]   ? 
_atom_sites.Cartn_transf_matrix[3][1]   ? 
_atom_sites.Cartn_transf_matrix[3][2]   ? 
_atom_sites.Cartn_transf_matrix[3][3]   ? 
_atom_sites.Cartn_transf_vector[1]      ? 
_atom_sites.Cartn_transf_vector[2]      ? 
_atom_sites.Cartn_transf_vector[3]      ? 
_atom_sites.fract_transf_matrix[1][1]   -0.00825930 
_atom_sites.fract_transf_matrix[1][2]   -0.01043740 
_atom_sites.fract_transf_matrix[1][3]   0.00384422 
_atom_sites.fract_transf_matrix[2][1]   0.00953871 
_atom_sites.fract_transf_matrix[2][2]   -0.00910932 
_atom_sites.fract_transf_matrix[2][3]   -0.00423872 
_atom_sites.fract_transf_matrix[3][1]   0.00884834 
_atom_sites.fract_transf_matrix[3][2]   0.00018532 
_atom_sites.fract_transf_matrix[3][3]   0.01951381 
_atom_sites.fract_transf_vector[1]      0.021318 
_atom_sites.fract_transf_vector[2]      0.228824 
_atom_sites.fract_transf_vector[3]      0.220927 
_atom_sites.solution_primary            ? 
_atom_sites.solution_secondary          ? 
_atom_sites.solution_hydrogens          ? 
_atom_sites.special_details             ? 
# 
loop_
_atom_type.symbol 
_atom_type.scat_dispersion_real 
_atom_type.scat_dispersion_imag 
_atom_type.scat_Cromer_Mann_a1 
_atom_type.scat_Cromer_Mann_a2 
_atom_type.scat_Cromer_Mann_a3 
_atom_type.scat_Cromer_Mann_a4 
_atom_type.scat_Cromer_Mann_b1 
_atom_type.scat_Cromer_Mann_b2 
_atom_type.scat_Cromer_Mann_b3 
_atom_type.scat_Cromer_Mann_b4 
_atom_type.scat_Cromer_Mann_c 
_atom_type.scat_source 
_atom_type.scat_dispersion_source 
C ? ? 3.54356 2.42580 ? ? 25.62398 1.50364  ? ? 0.0 
;2-Gaussian fit: Grosse-Kunstleve RW, Sauter NK, Adams PD: Newsletter of the IUCr Commission on Crystallographic Computing 2004, 3, 22-31.
;
? 
N ? ? 4.01032 2.96436 ? ? 19.97189 1.75589  ? ? 0.0 
;2-Gaussian fit: Grosse-Kunstleve RW, Sauter NK, Adams PD: Newsletter of the IUCr Commission on Crystallographic Computing 2004, 3, 22-31.
;
? 
O ? ? 4.49882 3.47563 ? ? 15.80542 1.70748  ? ? 0.0 
;2-Gaussian fit: Grosse-Kunstleve RW, Sauter NK, Adams PD: Newsletter of the IUCr Commission on Crystallographic Computing 2004, 3, 22-31.
;
? 
S ? ? 9.55732 6.39887 ? ? 1.23737  29.19336 ? ? 0.0 
;2-Gaussian fit: Grosse-Kunstleve RW, Sauter NK, Adams PD: Newsletter of the IUCr Commission on Crystallographic Computing 2004, 3, 22-31.
;
? 
# 
loop_
_atom_site.group_PDB 
_atom_site.id 
_atom_site.type_symbol 
_atom_site.label_atom_id 
_atom_site.label_alt_id 
_atom_site.label_comp_id 
_atom_site.label_asym_id 
_atom_site.label_entity_id 
_atom_site.label_seq_id 
_atom_site.pdbx_PDB_ins_code 
_atom_site.Cartn_x 
_atom_site.Cartn_y 
_atom_site.Cartn_z 
_atom_site.occupancy 
_atom_site.B_iso_or_equiv 
_atom_site.pdbx_formal_charge 
_atom_site.auth_seq_id 
_atom_site.auth_comp_id 
_atom_site.auth_asym_id 
_atom_site.auth_atom_id 
_atom_site.pdbx_PDB_model_num 
ATOM   1   N N   . PRO A 1 5   ? -0.85062  16.35720  -7.31823  1.000 99.27971  ? 5   PRO A N   1 
ATOM   2   C CA  . PRO A 1 5   ? -0.91299  16.33133  -5.85667  1.000 91.84603  ? 5   PRO A CA  1 
ATOM   3   C C   . PRO A 1 5   ? 0.00025   15.26494  -5.25922  1.000 87.91322  ? 5   PRO A C   1 
ATOM   4   O O   . PRO A 1 5   ? -0.05644  14.10434  -5.66734  1.000 82.89612  ? 5   PRO A O   1 
ATOM   5   C CB  . PRO A 1 5   ? -2.38294  16.01487  -5.58565  1.000 90.49827  ? 5   PRO A CB  1 
ATOM   6   C CG  . PRO A 1 5   ? -3.12439  16.54735  -6.79604  1.000 91.97755  ? 5   PRO A CG  1 
ATOM   7   C CD  . PRO A 1 5   ? -2.11585  16.83490  -7.89584  1.000 101.29753 ? 5   PRO A CD  1 
ATOM   8   N N   . GLN A 1 6   ? 0.82377   15.65829  -4.28794  1.000 89.51286  ? 6   GLN A N   1 
ATOM   9   C CA  . GLN A 1 6   ? 1.85968   14.78078  -3.75796  1.000 90.44181  ? 6   GLN A CA  1 
ATOM   10  C C   . GLN A 1 6   ? 1.43391   14.00190  -2.52060  1.000 95.46395  ? 6   GLN A C   1 
ATOM   11  O O   . GLN A 1 6   ? 2.11242   13.02899  -2.15822  1.000 97.33333  ? 6   GLN A O   1 
ATOM   12  C CB  . GLN A 1 6   ? 3.11019   15.59507  -3.43339  1.000 98.56919  ? 6   GLN A CB  1 
ATOM   13  C CG  . GLN A 1 6   ? 2.91097   17.08701  -3.62759  1.000 107.70363 ? 6   GLN A CG  1 
ATOM   14  C CD  . GLN A 1 6   ? 3.65957   17.89301  -2.59740  1.000 113.33294 ? 6   GLN A CD  1 
ATOM   15  O OE1 . GLN A 1 6   ? 4.56049   17.38038  -1.92999  1.000 116.36395 ? 6   GLN A OE1 1 
ATOM   16  N NE2 . GLN A 1 6   ? 3.28354   19.15749  -2.44540  1.000 117.10725 ? 6   GLN A NE2 1 
ATOM   17  N N   . PHE A 1 7   ? 0.33882   14.38846  -1.85777  1.000 93.54565  ? 7   PHE A N   1 
ATOM   18  C CA  . PHE A 1 7   ? -0.14476  13.53372  -0.78031  1.000 92.50827  ? 7   PHE A CA  1 
ATOM   19  C C   . PHE A 1 7   ? -0.54646  12.15939  -1.28768  1.000 90.73805  ? 7   PHE A C   1 
ATOM   20  O O   . PHE A 1 7   ? -0.63489  11.21874  -0.49309  1.000 91.94996  ? 7   PHE A O   1 
ATOM   21  C CB  . PHE A 1 7   ? -1.31904  14.16360  -0.01334  1.000 91.80579  ? 7   PHE A CB  1 
ATOM   22  C CG  . PHE A 1 7   ? -2.19164  15.10585  -0.82092  1.000 88.23503  ? 7   PHE A CG  1 
ATOM   23  C CD1 . PHE A 1 7   ? -3.11350  14.62387  -1.74253  1.000 88.37810  ? 7   PHE A CD1 1 
ATOM   24  C CD2 . PHE A 1 7   ? -2.14837  16.47152  -0.58660  1.000 76.81652  ? 7   PHE A CD2 1 
ATOM   25  C CE1 . PHE A 1 7   ? -3.93921  15.50233  -2.45365  1.000 84.96068  ? 7   PHE A CE1 1 
ATOM   26  C CE2 . PHE A 1 7   ? -2.96571  17.35061  -1.29233  1.000 73.80663  ? 7   PHE A CE2 1 
ATOM   27  C CZ  . PHE A 1 7   ? -3.86012  16.86816  -2.22433  1.000 74.79195  ? 7   PHE A CZ  1 
ATOM   28  N N   . LYS A 1 8   ? -0.74526  12.00723  -2.59504  1.000 88.78858  ? 8   LYS A N   1 
ATOM   29  C CA  . LYS A 1 8   ? -1.24088  10.74417  -3.12245  1.000 82.02515  ? 8   LYS A CA  1 
ATOM   30  C C   . LYS A 1 8   ? -0.18540  9.64514   -3.12713  1.000 80.06469  ? 8   LYS A C   1 
ATOM   31  O O   . LYS A 1 8   ? -0.54448  8.46817   -3.24589  1.000 78.12519  ? 8   LYS A O   1 
ATOM   32  C CB  . LYS A 1 8   ? -1.79140  10.96543  -4.53009  1.000 83.87947  ? 8   LYS A CB  1 
ATOM   33  C CG  . LYS A 1 8   ? -2.80084  12.10183  -4.58179  1.000 89.37406  ? 8   LYS A CG  1 
ATOM   34  C CD  . LYS A 1 8   ? -3.72824  12.00281  -5.77837  1.000 91.15939  ? 8   LYS A CD  1 
ATOM   35  C CE  . LYS A 1 8   ? -4.86157  13.00993  -5.66078  1.000 92.88879  ? 8   LYS A CE  1 
ATOM   36  N NZ  . LYS A 1 8   ? -5.86084  12.86784  -6.75480  1.000 88.74345  ? 8   LYS A NZ  1 
ATOM   37  N N   . LYS A 1 9   ? 1.09616   9.98951   -2.98120  1.000 83.90684  ? 9   LYS A N   1 
ATOM   38  C CA  . LYS A 1 9   ? 2.14479   8.98110   -3.10985  1.000 90.20639  ? 9   LYS A CA  1 
ATOM   39  C C   . LYS A 1 9   ? 2.30092   8.16353   -1.83223  1.000 82.75548  ? 9   LYS A C   1 
ATOM   40  O O   . LYS A 1 9   ? 2.29536   6.92573   -1.87484  1.000 83.13191  ? 9   LYS A O   1 
ATOM   41  C CB  . LYS A 1 9   ? 3.47318   9.64206   -3.48897  1.000 103.09630 ? 9   LYS A CB  1 
ATOM   42  C CG  . LYS A 1 9   ? 4.55357   8.64900   -3.91777  1.000 105.45146 ? 9   LYS A CG  1 
ATOM   43  C CD  . LYS A 1 9   ? 4.05769   7.73894   -5.04451  1.000 102.15760 ? 9   LYS A CD  1 
ATOM   44  C CE  . LYS A 1 9   ? 5.17286   6.86466   -5.61651  1.000 98.32200  ? 9   LYS A CE  1 
ATOM   45  N NZ  . LYS A 1 9   ? 4.69588   6.01151   -6.75415  1.000 90.09061  ? 9   LYS A NZ  1 
ATOM   46  N N   . GLY A 1 10  ? 2.45286   8.83581   -0.68639  1.000 78.16702  ? 10  GLY A N   1 
ATOM   47  C CA  . GLY A 1 10  ? 2.53042   8.12271   0.58105   1.000 74.75075  ? 10  GLY A CA  1 
ATOM   48  C C   . GLY A 1 10  ? 1.27884   7.33305   0.89336   1.000 72.01105  ? 10  GLY A C   1 
ATOM   49  O O   . GLY A 1 10  ? 1.28609   6.46466   1.77766   1.000 78.79347  ? 10  GLY A O   1 
ATOM   50  N N   . VAL A 1 11  ? 0.19975   7.60878   0.17286   1.000 58.91196  ? 11  VAL A N   1 
ATOM   51  C CA  . VAL A 1 11  ? -1.03419  6.87754   0.37324   1.000 58.09012  ? 11  VAL A CA  1 
ATOM   52  C C   . VAL A 1 11  ? -1.00039  5.52818   -0.33767  1.000 58.98815  ? 11  VAL A C   1 
ATOM   53  O O   . VAL A 1 11  ? -1.65183  4.57581   0.10643   1.000 59.84147  ? 11  VAL A O   1 
ATOM   54  C CB  . VAL A 1 11  ? -2.19469  7.76091   -0.09863  1.000 46.80354  ? 11  VAL A CB  1 
ATOM   55  C CG1 . VAL A 1 11  ? -3.47705  6.95391   -0.22078  1.000 48.86985  ? 11  VAL A CG1 1 
ATOM   56  C CG2 . VAL A 1 11  ? -2.37187  8.88465   0.88352   1.000 58.67022  ? 11  VAL A CG2 1 
ATOM   57  N N   . LEU A 1 12  ? -0.25026  5.41926   -1.43789  1.000 52.03085  ? 12  LEU A N   1 
ATOM   58  C CA  . LEU A 1 12  ? -0.16598  4.14767   -2.15196  1.000 57.96760  ? 12  LEU A CA  1 
ATOM   59  C C   . LEU A 1 12  ? 0.47112   3.07956   -1.28519  1.000 52.89568  ? 12  LEU A C   1 
ATOM   60  O O   . LEU A 1 12  ? 0.06723   1.91134   -1.31759  1.000 55.02926  ? 12  LEU A O   1 
ATOM   61  C CB  . LEU A 1 12  ? 0.64611   4.31124   -3.42973  1.000 61.17711  ? 12  LEU A CB  1 
ATOM   62  C CG  . LEU A 1 12  ? -0.16433  4.23373   -4.70957  1.000 61.24859  ? 12  LEU A CG  1 
ATOM   63  C CD1 . LEU A 1 12  ? -1.23311  5.28410   -4.65565  1.000 57.25901  ? 12  LEU A CD1 1 
ATOM   64  C CD2 . LEU A 1 12  ? 0.75112   4.44545   -5.91537  1.000 72.64561  ? 12  LEU A CD2 1 
ATOM   65  N N   . GLU A 1 13  ? 1.49173   3.46156   -0.52581  1.000 45.77528  ? 13  GLU A N   1 
ATOM   66  C CA  . GLU A 1 13  ? 2.11151   2.53857   0.40482   1.000 52.18025  ? 13  GLU A CA  1 
ATOM   67  C C   . GLU A 1 13  ? 1.09094   1.98387   1.37063   1.000 55.46734  ? 13  GLU A C   1 
ATOM   68  O O   . GLU A 1 13  ? 1.08800   0.78285   1.66047   1.000 57.27706  ? 13  GLU A O   1 
ATOM   69  C CB  . GLU A 1 13  ? 3.23393   3.24720   1.15287   1.000 61.15793  ? 13  GLU A CB  1 
ATOM   70  C CG  . GLU A 1 13  ? 3.89047   2.40777   2.20967   1.000 58.22076  ? 13  GLU A CG  1 
ATOM   71  C CD  . GLU A 1 13  ? 5.24628   2.94700   2.58443   1.000 66.05211  ? 13  GLU A CD  1 
ATOM   72  O OE1 . GLU A 1 13  ? 5.38188   3.44924   3.71747   1.000 71.24220  ? 13  GLU A OE1 1 
ATOM   73  O OE2 . GLU A 1 13  ? 6.16988   2.87271   1.74424   1.000 68.64616  ? 13  GLU A OE2 1 
ATOM   74  N N   . LEU A 1 14  ? 0.19193   2.83903   1.85344   1.000 46.91587  ? 14  LEU A N   1 
ATOM   75  C CA  . LEU A 1 14  ? -0.80036  2.42641   2.83393   1.000 39.71712  ? 14  LEU A CA  1 
ATOM   76  C C   . LEU A 1 14  ? -1.89758  1.57455   2.20225   1.000 41.01180  ? 14  LEU A C   1 
ATOM   77  O O   . LEU A 1 14  ? -2.38162  0.61422   2.81878   1.000 41.94662  ? 14  LEU A O   1 
ATOM   78  C CB  . LEU A 1 14  ? -1.39203  3.66917   3.50698   1.000 42.63340  ? 14  LEU A CB  1 
ATOM   79  C CG  . LEU A 1 14  ? -2.57033  3.45773   4.45080   1.000 45.85676  ? 14  LEU A CG  1 
ATOM   80  C CD1 . LEU A 1 14  ? -2.20247  2.58600   5.61554   1.000 41.36939  ? 14  LEU A CD1 1 
ATOM   81  C CD2 . LEU A 1 14  ? -3.05258  4.80325   4.94646   1.000 58.51724  ? 14  LEU A CD2 1 
ATOM   82  N N   . CYS A 1 15  ? -2.31820  1.90809   0.98025   1.000 38.97664  ? 15  CYS A N   1 
ATOM   83  C CA  . CYS A 1 15  ? -3.33902  1.09650   0.32465   1.000 42.92778  ? 15  CYS A CA  1 
ATOM   84  C C   . CYS A 1 15  ? -2.77781  -0.25964  -0.08771  1.000 51.58705  ? 15  CYS A C   1 
ATOM   85  O O   . CYS A 1 15  ? -3.47253  -1.27685  -0.01952  1.000 48.30475  ? 15  CYS A O   1 
ATOM   86  C CB  . CYS A 1 15  ? -3.88169  1.82758   -0.89157  1.000 43.31203  ? 15  CYS A CB  1 
ATOM   87  S SG  . CYS A 1 15  ? -4.57709  3.43137   -0.48987  1.000 58.32628  ? 15  CYS A SG  1 
ATOM   88  N N   . CYS A 1 16  ? -1.52779  -0.28409  -0.53081  1.000 43.33946  ? 16  CYS A N   1 
ATOM   89  C CA  . CYS A 1 16  ? -0.90036  -1.53056  -0.92981  1.000 43.49402  ? 16  CYS A CA  1 
ATOM   90  C C   . CYS A 1 16  ? -0.72351  -2.45709  0.26781   1.000 48.82860  ? 16  CYS A C   1 
ATOM   91  O O   . CYS A 1 16  ? -1.08923  -3.63481  0.20715   1.000 43.03896  ? 16  CYS A O   1 
ATOM   92  C CB  . CYS A 1 16  ? 0.44073   -1.24381  -1.59792  1.000 40.56836  ? 16  CYS A CB  1 
ATOM   93  S SG  . CYS A 1 16  ? 0.36858   -0.63587  -3.32241  1.000 48.18161  ? 16  CYS A SG  1 
ATOM   94  N N   . LEU A 1 17  ? -0.15980  -1.94729  1.36837   1.000 40.62770  ? 17  LEU A N   1 
ATOM   95  C CA  . LEU A 1 17  ? -0.06014  -2.75735  2.58207   1.000 41.87779  ? 17  LEU A CA  1 
ATOM   96  C C   . LEU A 1 17  ? -1.41418  -3.31271  2.99041   1.000 45.39018  ? 17  LEU A C   1 
ATOM   97  O O   . LEU A 1 17  ? -1.53796  -4.49686  3.32668   1.000 46.23455  ? 17  LEU A O   1 
ATOM   98  C CB  . LEU A 1 17  ? 0.54089   -1.93572  3.71881   1.000 35.58110  ? 17  LEU A CB  1 
ATOM   99  C CG  . LEU A 1 17  ? 2.04472   -1.71984  3.51436   1.000 46.01532  ? 17  LEU A CG  1 
ATOM   100 C CD1 . LEU A 1 17  ? 2.64570   -0.92985  4.66685   1.000 44.29991  ? 17  LEU A CD1 1 
ATOM   101 C CD2 . LEU A 1 17  ? 2.71002   -3.06108  3.39334   1.000 41.35218  ? 17  LEU A CD2 1 
ATOM   102 N N   . PHE A 1 18  ? -2.44740  -2.47537  2.96891   1.000 41.82796  ? 18  PHE A N   1 
ATOM   103 C CA  . PHE A 1 18  ? -3.75082  -2.91373  3.45603   1.000 40.41648  ? 18  PHE A CA  1 
ATOM   104 C C   . PHE A 1 18  ? -4.30013  -4.04138  2.60333   1.000 38.67392  ? 18  PHE A C   1 
ATOM   105 O O   . PHE A 1 18  ? -4.88458  -4.99571  3.11690   1.000 41.09743  ? 18  PHE A O   1 
ATOM   106 C CB  . PHE A 1 18  ? -4.72936  -1.73633  3.46748   1.000 42.01368  ? 18  PHE A CB  1 
ATOM   107 C CG  . PHE A 1 18  ? -6.05333  -2.07601  4.04896   1.000 34.84655  ? 18  PHE A CG  1 
ATOM   108 C CD1 . PHE A 1 18  ? -6.24675  -2.03799  5.42475   1.000 36.99569  ? 18  PHE A CD1 1 
ATOM   109 C CD2 . PHE A 1 18  ? -7.10872  -2.45516  3.23214   1.000 42.94039  ? 18  PHE A CD2 1 
ATOM   110 C CE1 . PHE A 1 18  ? -7.47510  -2.37651  5.97866   1.000 43.12604  ? 18  PHE A CE1 1 
ATOM   111 C CE2 . PHE A 1 18  ? -8.33894  -2.78695  3.77774   1.000 46.50576  ? 18  PHE A CE2 1 
ATOM   112 C CZ  . PHE A 1 18  ? -8.51856  -2.75214  5.15489   1.000 44.00622  ? 18  PHE A CZ  1 
ATOM   113 N N   . LEU A 1 19  ? -4.13003  -3.94733  1.29248   1.000 45.19208  ? 19  LEU A N   1 
ATOM   114 C CA  . LEU A 1 19  ? -4.65935  -4.98759  0.42356   1.000 41.75996  ? 19  LEU A CA  1 
ATOM   115 C C   . LEU A 1 19  ? -3.83194  -6.26201  0.54224   1.000 47.69615  ? 19  LEU A C   1 
ATOM   116 O O   . LEU A 1 19  ? -4.38113  -7.36920  0.60169   1.000 48.71293  ? 19  LEU A O   1 
ATOM   117 C CB  . LEU A 1 19  ? -4.69549  -4.46522  -1.01533  1.000 37.25053  ? 19  LEU A CB  1 
ATOM   118 C CG  . LEU A 1 19  ? -5.75425  -3.35722  -1.11185  1.000 49.60097  ? 19  LEU A CG  1 
ATOM   119 C CD1 . LEU A 1 19  ? -5.66934  -2.60977  -2.41560  1.000 53.57055  ? 19  LEU A CD1 1 
ATOM   120 C CD2 . LEU A 1 19  ? -7.14693  -3.94811  -0.91255  1.000 42.46409  ? 19  LEU A CD2 1 
ATOM   121 N N   . ILE A 1 20  ? -2.50627  -6.11675  0.59954   1.000 42.72957  ? 20  ILE A N   1 
ATOM   122 C CA  . ILE A 1 20  ? -1.62779  -7.26677  0.74709   1.000 49.13113  ? 20  ILE A CA  1 
ATOM   123 C C   . ILE A 1 20  ? -1.91213  -7.99617  2.05348   1.000 51.76023  ? 20  ILE A C   1 
ATOM   124 O O   . ILE A 1 20  ? -1.82863  -9.22753  2.12256   1.000 52.14377  ? 20  ILE A O   1 
ATOM   125 C CB  . ILE A 1 20  ? -0.15677  -6.81020  0.62944   1.000 44.55021  ? 20  ILE A CB  1 
ATOM   126 C CG1 . ILE A 1 20  ? 0.10361   -6.26318  -0.77709  1.000 38.90706  ? 20  ILE A CG1 1 
ATOM   127 C CG2 . ILE A 1 20  ? 0.79102   -7.95294  0.89878   1.000 35.28047  ? 20  ILE A CG2 1 
ATOM   128 C CD1 . ILE A 1 20  ? 1.46277   -5.67994  -0.93132  1.000 40.80294  ? 20  ILE A CD1 1 
ATOM   129 N N   . GLN A 1 21  ? -2.28677  -7.26452  3.10017   1.000 55.80396  ? 21  GLN A N   1 
ATOM   130 C CA  . GLN A 1 21  ? -2.63194  -7.93138  4.35099   1.000 58.91544  ? 21  GLN A CA  1 
ATOM   131 C C   . GLN A 1 21  ? -3.84867  -8.83383  4.17883   1.000 59.85994  ? 21  GLN A C   1 
ATOM   132 O O   . GLN A 1 21  ? -3.90270  -9.92647  4.74912   1.000 69.71295  ? 21  GLN A O   1 
ATOM   133 C CB  . GLN A 1 21  ? -2.87214  -6.89791  5.44732   1.000 46.65420  ? 21  GLN A CB  1 
ATOM   134 C CG  . GLN A 1 21  ? -3.27078  -7.48395  6.76663   1.000 58.66817  ? 21  GLN A CG  1 
ATOM   135 C CD  . GLN A 1 21  ? -4.76786  -7.50303  6.93264   1.000 69.55204  ? 21  GLN A CD  1 
ATOM   136 O OE1 . GLN A 1 21  ? -5.46887  -6.61898  6.43680   1.000 81.38395  ? 21  GLN A OE1 1 
ATOM   137 N NE2 . GLN A 1 21  ? -5.27194  -8.51315  7.61668   1.000 72.86409  ? 21  GLN A NE2 1 
ATOM   138 N N   . LYS A 1 22  ? -4.83219  -8.39950  3.39312   1.000 57.36733  ? 22  LYS A N   1 
ATOM   139 C CA  . LYS A 1 22  ? -5.99200  -9.24348  3.13042   1.000 61.98865  ? 22  LYS A CA  1 
ATOM   140 C C   . LYS A 1 22  ? -5.56883  -10.53981 2.45140   1.000 60.77941  ? 22  LYS A C   1 
ATOM   141 O O   . LYS A 1 22  ? -5.82315  -11.64269 2.95038   1.000 59.57566  ? 22  LYS A O   1 
ATOM   142 C CB  . LYS A 1 22  ? -7.00738  -8.49711  2.25629   1.000 66.80568  ? 22  LYS A CB  1 
ATOM   143 C CG  . LYS A 1 22  ? -7.71578  -7.32522  2.90462   1.000 74.87097  ? 22  LYS A CG  1 
ATOM   144 C CD  . LYS A 1 22  ? -9.12706  -7.15944  2.32227   1.000 83.46811  ? 22  LYS A CD  1 
ATOM   145 C CE  . LYS A 1 22  ? -9.14119  -6.43944  0.97408   1.000 92.58861  ? 22  LYS A CE  1 
ATOM   146 N NZ  . LYS A 1 22  ? -10.52921 -6.13079  0.49807   1.000 98.74570  ? 22  LYS A NZ  1 
ATOM   147 N N   . LYS A 1 23  ? -4.88125  -10.41532 1.32381   1.000 56.79498  ? 23  LYS A N   1 
ATOM   148 C CA  . LYS A 1 23  ? -4.62526  -11.52859 0.42952   1.000 55.95711  ? 23  LYS A CA  1 
ATOM   149 C C   . LYS A 1 23  ? -3.22873  -11.38239 -0.17284  1.000 57.88173  ? 23  LYS A C   1 
ATOM   150 O O   . LYS A 1 23  ? -2.80381  -10.26742 -0.48183  1.000 66.68622  ? 23  LYS A O   1 
ATOM   151 C CB  . LYS A 1 23  ? -5.69502  -11.54112 -0.66849  1.000 49.74750  ? 23  LYS A CB  1 
ATOM   152 C CG  . LYS A 1 23  ? -5.68113  -12.75291 -1.55965  1.000 60.11731  ? 23  LYS A CG  1 
ATOM   153 C CD  . LYS A 1 23  ? -6.80611  -12.65365 -2.57702  1.000 73.07025  ? 23  LYS A CD  1 
ATOM   154 C CE  . LYS A 1 23  ? -6.31419  -12.97269 -3.98094  1.000 78.13711  ? 23  LYS A CE  1 
ATOM   155 N NZ  . LYS A 1 23  ? -5.50816  -11.86475 -4.54798  1.000 74.39432  ? 23  LYS A NZ  1 
ATOM   156 N N   . ASP A 1 24  ? -2.51192  -12.50272 -0.32481  1.000 44.17837  ? 24  ASP A N   1 
ATOM   157 C CA  . ASP A 1 24  ? -1.32180  -12.49401 -1.16225  1.000 50.63406  ? 24  ASP A CA  1 
ATOM   158 C C   . ASP A 1 24  ? -1.72744  -12.15719 -2.59213  1.000 50.91648  ? 24  ASP A C   1 
ATOM   159 O O   . ASP A 1 24  ? -2.58816  -12.81898 -3.17477  1.000 58.74884  ? 24  ASP A O   1 
ATOM   160 C CB  . ASP A 1 24  ? -0.61253  -13.85301 -1.12571  1.000 58.81347  ? 24  ASP A CB  1 
ATOM   161 C CG  . ASP A 1 24  ? -0.07962  -14.21782 0.25207   1.000 54.64554  ? 24  ASP A CG  1 
ATOM   162 O OD1 . ASP A 1 24  ? -0.21272  -13.42379 1.19492   1.000 61.51206  ? 24  ASP A OD1 1 
ATOM   163 O OD2 . ASP A 1 24  ? 0.46960   -15.32364 0.39049   1.000 67.80285  ? 24  ASP A OD2 1 
ATOM   164 N N   . CYS A 1 25  ? -1.11678  -11.12728 -3.15988  1.000 46.22381  ? 25  CYS A N   1 
ATOM   165 C CA  . CYS A 1 25  ? -1.47565  -10.64820 -4.48551  1.000 48.77514  ? 25  CYS A CA  1 
ATOM   166 C C   . CYS A 1 25  ? -0.22280  -10.56703 -5.34032  1.000 45.77663  ? 25  CYS A C   1 
ATOM   167 O O   . CYS A 1 25  ? 0.88453   -10.41633 -4.81877  1.000 43.15245  ? 25  CYS A O   1 
ATOM   168 C CB  . CYS A 1 25  ? -2.13300  -9.24310  -4.43006  1.000 54.24505  ? 25  CYS A CB  1 
ATOM   169 S SG  . CYS A 1 25  ? -3.68249  -9.11120  -3.49289  1.000 75.62896  ? 25  CYS A SG  1 
ATOM   170 N N   . TYR A 1 26  ? -0.39588  -10.64579 -6.65760  1.000 44.08486  ? 26  TYR A N   1 
ATOM   171 C CA  . TYR A 1 26  ? 0.67403   -10.26617 -7.56064  1.000 47.17919  ? 26  TYR A CA  1 
ATOM   172 C C   . TYR A 1 26  ? 0.46503   -8.81713  -8.02255  1.000 56.30716  ? 26  TYR A C   1 
ATOM   173 O O   . TYR A 1 26  ? -0.48126  -8.12826  -7.62377  1.000 55.63022  ? 26  TYR A O   1 
ATOM   174 C CB  . TYR A 1 26  ? 0.77392   -11.23568 -8.73591  1.000 55.11409  ? 26  TYR A CB  1 
ATOM   175 C CG  . TYR A 1 26  ? -0.41978  -11.27893 -9.64570  1.000 65.85619  ? 26  TYR A CG  1 
ATOM   176 C CD1 . TYR A 1 26  ? -1.49682  -12.11127 -9.37078  1.000 75.06051  ? 26  TYR A CD1 1 
ATOM   177 C CD2 . TYR A 1 26  ? -0.45956  -10.51262 -10.80075 1.000 72.67649  ? 26  TYR A CD2 1 
ATOM   178 C CE1 . TYR A 1 26  ? -2.59562  -12.16603 -10.21350 1.000 78.75414  ? 26  TYR A CE1 1 
ATOM   179 C CE2 . TYR A 1 26  ? -1.54932  -10.56042 -11.65101 1.000 81.76410  ? 26  TYR A CE2 1 
ATOM   180 C CZ  . TYR A 1 26  ? -2.61473  -11.39071 -11.35286 1.000 81.64630  ? 26  TYR A CZ  1 
ATOM   181 O OH  . TYR A 1 26  ? -3.70010  -11.44139 -12.19656 1.000 87.57712  ? 26  TYR A OH  1 
ATOM   182 N N   . GLY A 1 27  ? 1.36007   -8.36239  -8.89032  1.000 55.04315  ? 27  GLY A N   1 
ATOM   183 C CA  . GLY A 1 27  ? 1.49427   -6.95881  -9.22204  1.000 52.49710  ? 27  GLY A CA  1 
ATOM   184 C C   . GLY A 1 27  ? 0.29464   -6.34671  -9.89553  1.000 50.81748  ? 27  GLY A C   1 
ATOM   185 O O   . GLY A 1 27  ? -0.36920  -5.47939  -9.31655  1.000 56.36911  ? 27  GLY A O   1 
ATOM   186 N N   . TYR A 1 28  ? -0.00147  -6.78941  -11.11544 1.000 50.95905  ? 28  TYR A N   1 
ATOM   187 C CA  . TYR A 1 28  ? -1.11549  -6.19084  -11.83697 1.000 62.38542  ? 28  TYR A CA  1 
ATOM   188 C C   . TYR A 1 28  ? -2.41644  -6.33075  -11.05764 1.000 62.94610  ? 28  TYR A C   1 
ATOM   189 O O   . TYR A 1 28  ? -3.27737  -5.44759  -11.12291 1.000 62.78994  ? 28  TYR A O   1 
ATOM   190 C CB  . TYR A 1 28  ? -1.25250  -6.81044  -13.23237 1.000 66.91764  ? 28  TYR A CB  1 
ATOM   191 C CG  . TYR A 1 28  ? -2.34441  -6.14373  -14.05503 1.000 87.80547  ? 28  TYR A CG  1 
ATOM   192 C CD1 . TYR A 1 28  ? -2.54873  -4.76614  -13.98090 1.000 94.86166  ? 28  TYR A CD1 1 
ATOM   193 C CD2 . TYR A 1 28  ? -3.17395  -6.88215  -14.89492 1.000 95.21348  ? 28  TYR A CD2 1 
ATOM   194 C CE1 . TYR A 1 28  ? -3.54380  -4.14399  -14.70977 1.000 100.06006 ? 28  TYR A CE1 1 
ATOM   195 C CE2 . TYR A 1 28  ? -4.17753  -6.26236  -15.63495 1.000 100.96688 ? 28  TYR A CE2 1 
ATOM   196 C CZ  . TYR A 1 28  ? -4.35469  -4.89065  -15.53555 1.000 103.69847 ? 28  TYR A CZ  1 
ATOM   197 O OH  . TYR A 1 28  ? -5.34262  -4.25301  -16.25714 1.000 106.12197 ? 28  TYR A OH  1 
ATOM   198 N N   . GLU A 1 29  ? -2.57359  -7.42332  -10.31082 1.000 62.03073  ? 29  GLU A N   1 
ATOM   199 C CA  . GLU A 1 29  ? -3.79930  -7.62222  -9.54517  1.000 58.86037  ? 29  GLU A CA  1 
ATOM   200 C C   . GLU A 1 29  ? -3.94571  -6.54904  -8.47726  1.000 54.42581  ? 29  GLU A C   1 
ATOM   201 O O   . GLU A 1 29  ? -5.04845  -6.05418  -8.21877  1.000 47.40527  ? 29  GLU A O   1 
ATOM   202 C CB  . GLU A 1 29  ? -3.79154  -9.01588  -8.92139  1.000 58.09964  ? 29  GLU A CB  1 
ATOM   203 C CG  . GLU A 1 29  ? -4.92116  -9.29881  -7.95692  1.000 72.78329  ? 29  GLU A CG  1 
ATOM   204 C CD  . GLU A 1 29  ? -4.73770  -10.62202 -7.21747  1.000 84.50152  ? 29  GLU A CD  1 
ATOM   205 O OE1 . GLU A 1 29  ? -3.59670  -10.93852 -6.82312  1.000 90.67339  ? 29  GLU A OE1 1 
ATOM   206 O OE2 . GLU A 1 29  ? -5.73537  -11.34680 -7.02430  1.000 92.35014  ? 29  GLU A OE2 1 
ATOM   207 N N   . LEU A 1 30  ? -2.83596  -6.17316  -7.85235  1.000 47.08142  ? 30  LEU A N   1 
ATOM   208 C CA  . LEU A 1 30  ? -2.87193  -5.13591  -6.83666  1.000 43.77179  ? 30  LEU A CA  1 
ATOM   209 C C   . LEU A 1 30  ? -3.17974  -3.77130  -7.45472  1.000 48.26912  ? 30  LEU A C   1 
ATOM   210 O O   . LEU A 1 30  ? -3.99200  -3.00821  -6.92071  1.000 46.93031  ? 30  LEU A O   1 
ATOM   211 C CB  . LEU A 1 30  ? -1.53063  -5.12577  -6.11396  1.000 46.04028  ? 30  LEU A CB  1 
ATOM   212 C CG  . LEU A 1 30  ? -1.35574  -4.47559  -4.75501  1.000 53.86524  ? 30  LEU A CG  1 
ATOM   213 C CD1 . LEU A 1 30  ? -2.32698  -5.06842  -3.75855  1.000 48.53012  ? 30  LEU A CD1 1 
ATOM   214 C CD2 . LEU A 1 30  ? 0.07259   -4.72997  -4.31426  1.000 59.10074  ? 30  LEU A CD2 1 
ATOM   215 N N   . ALA A 1 31  ? -2.56413  -3.46122  -8.59765  1.000 44.73870  ? 31  ALA A N   1 
ATOM   216 C CA  . ALA A 1 31  ? -2.85942  -2.20464  -9.27952  1.000 51.59504  ? 31  ALA A CA  1 
ATOM   217 C C   . ALA A 1 31  ? -4.32823  -2.11435  -9.66126  1.000 59.42865  ? 31  ALA A C   1 
ATOM   218 O O   . ALA A 1 31  ? -4.93490  -1.04236  -9.55568  1.000 60.33863  ? 31  ALA A O   1 
ATOM   219 C CB  . ALA A 1 31  ? -1.98979  -2.05403  -10.52601 1.000 41.57049  ? 31  ALA A CB  1 
ATOM   220 N N   . ASN A 1 32  ? -4.92287  -3.22146  -10.11052 1.000 52.47488  ? 32  ASN A N   1 
ATOM   221 C CA  . ASN A 1 32  ? -6.33100  -3.15028  -10.46123 1.000 60.20509  ? 32  ASN A CA  1 
ATOM   222 C C   . ASN A 1 32  ? -7.23288  -3.08098  -9.23227  1.000 56.89215  ? 32  ASN A C   1 
ATOM   223 O O   . ASN A 1 32  ? -8.37412  -2.62614  -9.34476  1.000 59.09872  ? 32  ASN A O   1 
ATOM   224 C CB  . ASN A 1 32  ? -6.73548  -4.32370  -11.34279 1.000 66.61442  ? 32  ASN A CB  1 
ATOM   225 C CG  . ASN A 1 32  ? -7.82941  -3.94618  -12.32836 1.000 75.72036  ? 32  ASN A CG  1 
ATOM   226 O OD1 . ASN A 1 32  ? -9.01727  -3.96029  -11.99988 1.000 75.08924  ? 32  ASN A OD1 1 
ATOM   227 N ND2 . ASN A 1 32  ? -7.42708  -3.58257  -13.54035 1.000 86.11208  ? 32  ASN A ND2 1 
ATOM   228 N N   . GLN A 1 33  ? -6.75613  -3.49339  -8.05903  1.000 48.88338  ? 33  GLN A N   1 
ATOM   229 C CA  . GLN A 1 33  ? -7.59025  -3.33640  -6.87393  1.000 53.37079  ? 33  GLN A CA  1 
ATOM   230 C C   . GLN A 1 33  ? -7.46340  -1.93937  -6.27758  1.000 52.36773  ? 33  GLN A C   1 
ATOM   231 O O   . GLN A 1 33  ? -8.43810  -1.41142  -5.73473  1.000 46.64362  ? 33  GLN A O   1 
ATOM   232 C CB  . GLN A 1 33  ? -7.24506  -4.39313  -5.82540  1.000 50.75571  ? 33  GLN A CB  1 
ATOM   233 C CG  . GLN A 1 33  ? -8.33015  -4.57470  -4.73965  1.000 68.32277  ? 33  GLN A CG  1 
ATOM   234 C CD  . GLN A 1 33  ? -9.65473  -5.16216  -5.26198  1.000 79.62834  ? 33  GLN A CD  1 
ATOM   235 O OE1 . GLN A 1 33  ? -10.71319 -4.99493  -4.63647  1.000 88.69332  ? 33  GLN A OE1 1 
ATOM   236 N NE2 . GLN A 1 33  ? -9.59622  -5.86189  -6.39750  1.000 75.25503  ? 33  GLN A NE2 1 
ATOM   237 N N   . VAL A 1 34  ? -6.28234  -1.33023  -6.37051  1.000 47.56953  ? 34  VAL A N   1 
ATOM   238 C CA  . VAL A 1 34  ? -6.12474  0.04754   -5.92509  1.000 49.20220  ? 34  VAL A CA  1 
ATOM   239 C C   . VAL A 1 34  ? -6.95098  0.97478   -6.80018  1.000 44.41814  ? 34  VAL A C   1 
ATOM   240 O O   . VAL A 1 34  ? -7.57300  1.92308   -6.31169  1.000 42.23462  ? 34  VAL A O   1 
ATOM   241 C CB  . VAL A 1 34  ? -4.63265  0.42351   -5.92184  1.000 51.42076  ? 34  VAL A CB  1 
ATOM   242 C CG1 . VAL A 1 34  ? -4.43927  1.89594   -5.55873  1.000 55.86347  ? 34  VAL A CG1 1 
ATOM   243 C CG2 . VAL A 1 34  ? -3.90125  -0.47102  -4.94779  1.000 46.38154  ? 34  VAL A CG2 1 
ATOM   244 N N   . SER A 1 35  ? -7.01283  0.68075   -8.10070  1.000 44.45311  ? 35  SER A N   1 
ATOM   245 C CA  . SER A 1 35  ? -7.72914  1.51878   -9.05184  1.000 50.18571  ? 35  SER A CA  1 
ATOM   246 C C   . SER A 1 35  ? -9.23947  1.54647   -8.82251  1.000 46.57128  ? 35  SER A C   1 
ATOM   247 O O   . SER A 1 35  ? -9.90841  2.44002   -9.35543  1.000 46.49534  ? 35  SER A O   1 
ATOM   248 C CB  . SER A 1 35  ? -7.44277  1.05251   -10.47779 1.000 56.41909  ? 35  SER A CB  1 
ATOM   249 O OG  . SER A 1 35  ? -6.05245  0.88970   -10.68178 1.000 72.12961  ? 35  SER A OG  1 
ATOM   250 N N   . LYS A 1 36  ? -9.80331  0.59103   -8.07975  1.000 46.47959  ? 36  LYS A N   1 
ATOM   251 C CA  . LYS A 1 36  ? -11.21471 0.71067   -7.70403  1.000 48.72728  ? 36  LYS A CA  1 
ATOM   252 C C   . LYS A 1 36  ? -11.44395 1.93806   -6.83518  1.000 44.75626  ? 36  LYS A C   1 
ATOM   253 O O   . LYS A 1 36  ? -12.54205 2.49971   -6.82640  1.000 44.77422  ? 36  LYS A O   1 
ATOM   254 C CB  . LYS A 1 36  ? -11.68573 -0.52254  -6.93865  1.000 52.08600  ? 36  LYS A CB  1 
ATOM   255 C CG  . LYS A 1 36  ? -11.86389 -1.81164  -7.74138  1.000 65.93897  ? 36  LYS A CG  1 
ATOM   256 C CD  . LYS A 1 36  ? -12.16093 -2.97805  -6.77073  1.000 68.21457  ? 36  LYS A CD  1 
ATOM   257 C CE  . LYS A 1 36  ? -12.83279 -4.18606  -7.42949  1.000 75.46747  ? 36  LYS A CE  1 
ATOM   258 N NZ  . LYS A 1 36  ? -12.18386 -4.66918  -8.68648  1.000 77.09279  ? 36  LYS A NZ  1 
ATOM   259 N N   . TYR A 1 37  ? -10.41601 2.36601   -6.10575  1.000 45.25430  ? 37  TYR A N   1 
ATOM   260 C CA  . TYR A 1 37  ? -10.53596 3.38100   -5.07060  1.000 47.94685  ? 37  TYR A CA  1 
ATOM   261 C C   . TYR A 1 37  ? -9.84915  4.69425   -5.43000  1.000 47.67647  ? 37  TYR A C   1 
ATOM   262 O O   . TYR A 1 37  ? -10.46407 5.76164   -5.30543  1.000 47.19322  ? 37  TYR A O   1 
ATOM   263 C CB  . TYR A 1 37  ? -9.98228  2.81526   -3.75267  1.000 43.49535  ? 37  TYR A CB  1 
ATOM   264 C CG  . TYR A 1 37  ? -10.67917 1.55202   -3.28230  1.000 39.73134  ? 37  TYR A CG  1 
ATOM   265 C CD1 . TYR A 1 37  ? -11.89033 1.62553   -2.61843  1.000 45.03682  ? 37  TYR A CD1 1 
ATOM   266 C CD2 . TYR A 1 37  ? -10.12503 0.28244   -3.50036  1.000 38.12623  ? 37  TYR A CD2 1 
ATOM   267 C CE1 . TYR A 1 37  ? -12.55285 0.47494   -2.17638  1.000 48.46665  ? 37  TYR A CE1 1 
ATOM   268 C CE2 . TYR A 1 37  ? -10.77698 -0.87296  -3.06150  1.000 40.40709  ? 37  TYR A CE2 1 
ATOM   269 C CZ  . TYR A 1 37  ? -11.99474 -0.76120  -2.39806  1.000 50.93338  ? 37  TYR A CZ  1 
ATOM   270 O OH  . TYR A 1 37  ? -12.67065 -1.87470  -1.94195  1.000 55.47779  ? 37  TYR A OH  1 
ATOM   271 N N   . ILE A 1 38  ? -8.60060  4.66339   -5.90587  1.000 43.65389  ? 38  ILE A N   1 
ATOM   272 C CA  . ILE A 1 38  ? -7.90022  5.88252   -6.28862  1.000 42.84385  ? 38  ILE A CA  1 
ATOM   273 C C   . ILE A 1 38  ? -7.31770  5.71417   -7.68135  1.000 52.66146  ? 38  ILE A C   1 
ATOM   274 O O   . ILE A 1 38  ? -6.98830  4.60602   -8.10795  1.000 52.59567  ? 38  ILE A O   1 
ATOM   275 C CB  . ILE A 1 38  ? -6.78311  6.25504   -5.29899  1.000 46.98980  ? 38  ILE A CB  1 
ATOM   276 C CG1 . ILE A 1 38  ? -6.01384  5.00472   -4.90196  1.000 54.06293  ? 38  ILE A CG1 1 
ATOM   277 C CG2 . ILE A 1 38  ? -7.34366  6.96286   -4.07733  1.000 44.14807  ? 38  ILE A CG2 1 
ATOM   278 C CD1 . ILE A 1 38  ? -4.79173  5.31494   -4.07121  1.000 65.62209  ? 38  ILE A CD1 1 
ATOM   279 N N   . GLU A 1 39  ? -7.16571  6.83731   -8.37565  1.000 54.26686  ? 39  GLU A N   1 
ATOM   280 C CA  . GLU A 1 39  ? -6.71709  6.84766   -9.76455  1.000 65.90430  ? 39  GLU A CA  1 
ATOM   281 C C   . GLU A 1 39  ? -5.19625  6.80136   -9.77142  1.000 72.12382  ? 39  GLU A C   1 
ATOM   282 O O   . GLU A 1 39  ? -4.52812  7.83020   -9.64568  1.000 73.56219  ? 39  GLU A O   1 
ATOM   283 C CB  . GLU A 1 39  ? -7.24118  8.08561   -10.47995 1.000 75.89331  ? 39  GLU A CB  1 
ATOM   284 C CG  . GLU A 1 39  ? -7.80398  7.81642   -11.86006 1.000 86.63570  ? 39  GLU A CG  1 
ATOM   285 C CD  . GLU A 1 39  ? -7.47007  8.92218   -12.84447 1.000 99.34565  ? 39  GLU A CD  1 
ATOM   286 O OE1 . GLU A 1 39  ? -7.14495  10.04255  -12.39427 1.000 101.48659 ? 39  GLU A OE1 1 
ATOM   287 O OE2 . GLU A 1 39  ? -7.51547  8.66900   -14.06795 1.000 103.43995 ? 39  GLU A OE2 1 
ATOM   288 N N   . VAL A 1 40  ? -4.64226  5.60555   -9.92527  1.000 66.76800  ? 40  VAL A N   1 
ATOM   289 C CA  . VAL A 1 40  ? -3.20712  5.39377   -9.81738  1.000 70.36837  ? 40  VAL A CA  1 
ATOM   290 C C   . VAL A 1 40  ? -2.61702  5.28538   -11.21820 1.000 71.39041  ? 40  VAL A C   1 
ATOM   291 O O   . VAL A 1 40  ? -3.09834  4.50121   -12.04888 1.000 73.39686  ? 40  VAL A O   1 
ATOM   292 C CB  . VAL A 1 40  ? -2.90623  4.14434   -8.97299  1.000 73.70330  ? 40  VAL A CB  1 
ATOM   293 C CG1 . VAL A 1 40  ? -3.77795  2.96868   -9.42135  1.000 73.66571  ? 40  VAL A CG1 1 
ATOM   294 C CG2 . VAL A 1 40  ? -1.43333  3.79964   -9.03502  1.000 75.85793  ? 40  VAL A CG2 1 
ATOM   295 N N   . ALA A 1 41  ? -1.59844  6.09900   -11.49583 1.000 67.33194  ? 41  ALA A N   1 
ATOM   296 C CA  . ALA A 1 41  ? -0.81722  5.93358   -12.71553 1.000 64.03872  ? 41  ALA A CA  1 
ATOM   297 C C   . ALA A 1 41  ? -0.37954  4.48334   -12.85588 1.000 62.91419  ? 41  ALA A C   1 
ATOM   298 O O   . ALA A 1 41  ? 0.19034   3.90184   -11.92800 1.000 56.11183  ? 41  ALA A O   1 
ATOM   299 C CB  . ALA A 1 41  ? 0.40777   6.84657   -12.68215 1.000 63.66960  ? 41  ALA A CB  1 
ATOM   300 N N   . GLU A 1 42  ? -0.67349  3.88159   -14.00002 1.000 63.68960  ? 42  GLU A N   1 
ATOM   301 C CA  . GLU A 1 42  ? -0.29512  2.48740   -14.15327 1.000 67.26707  ? 42  GLU A CA  1 
ATOM   302 C C   . GLU A 1 42  ? 1.22060   2.39777   -14.14773 1.000 69.49786  ? 42  GLU A C   1 
ATOM   303 O O   . GLU A 1 42  ? 1.89448   3.04918   -14.94971 1.000 67.99150  ? 42  GLU A O   1 
ATOM   304 C CB  . GLU A 1 42  ? -0.88884  1.89066   -15.42690 1.000 76.16457  ? 42  GLU A CB  1 
ATOM   305 C CG  . GLU A 1 42  ? -0.57085  2.62542   -16.70148 1.000 82.09872  ? 42  GLU A CG  1 
ATOM   306 C CD  . GLU A 1 42  ? -1.24111  1.97897   -17.88924 1.000 89.95637  ? 42  GLU A CD  1 
ATOM   307 O OE1 . GLU A 1 42  ? -2.06407  1.06172   -17.66674 1.000 90.55478  ? 42  GLU A OE1 1 
ATOM   308 O OE2 . GLU A 1 42  ? -0.94800  2.38016   -19.03632 1.000 92.54004  ? 42  GLU A OE2 1 
ATOM   309 N N   . GLY A 1 43  ? 1.75540   1.64843   -13.19199 1.000 63.75622  ? 43  GLY A N   1 
ATOM   310 C CA  . GLY A 1 43  ? 3.17580   1.58446   -12.95086 1.000 54.19202  ? 43  GLY A CA  1 
ATOM   311 C C   . GLY A 1 43  ? 3.59825   2.23202   -11.65358 1.000 54.65439  ? 43  GLY A C   1 
ATOM   312 O O   . GLY A 1 43  ? 4.71776   1.98602   -11.18612 1.000 53.91880  ? 43  GLY A O   1 
ATOM   313 N N   . ALA A 1 44  ? 2.73460   3.04196   -11.04686 1.000 53.88611  ? 44  ALA A N   1 
ATOM   314 C CA  . ALA A 1 44  ? 3.13827   3.77840   -9.85637  1.000 53.24047  ? 44  ALA A CA  1 
ATOM   315 C C   . ALA A 1 44  ? 3.26795   2.89670   -8.62216  1.000 49.77422  ? 44  ALA A C   1 
ATOM   316 O O   . ALA A 1 44  ? 3.89679   3.31628   -7.64601  1.000 54.04835  ? 44  ALA A O   1 
ATOM   317 C CB  . ALA A 1 44  ? 2.14055   4.89937   -9.57278  1.000 61.82477  ? 44  ALA A CB  1 
ATOM   318 N N   . ILE A 1 45  ? 2.69605   1.69434   -8.62484  1.000 48.98710  ? 45  ILE A N   1 
ATOM   319 C CA  . ILE A 1 45  ? 2.79453   0.86800   -7.42296  1.000 56.04137  ? 45  ILE A CA  1 
ATOM   320 C C   . ILE A 1 45  ? 4.11655   0.12917   -7.32260  1.000 54.10072  ? 45  ILE A C   1 
ATOM   321 O O   . ILE A 1 45  ? 4.55348   -0.18958  -6.20980  1.000 59.85848  ? 45  ILE A O   1 
ATOM   322 C CB  . ILE A 1 45  ? 1.66173   -0.16437  -7.33107  1.000 55.80148  ? 45  ILE A CB  1 
ATOM   323 C CG1 . ILE A 1 45  ? 1.58953   -0.98065  -8.61580  1.000 54.40693  ? 45  ILE A CG1 1 
ATOM   324 C CG2 . ILE A 1 45  ? 0.33528   0.52148   -7.01833  1.000 52.19424  ? 45  ILE A CG2 1 
ATOM   325 C CD1 . ILE A 1 45  ? 0.79734   -2.23268  -8.44594  1.000 58.59181  ? 45  ILE A CD1 1 
ATOM   326 N N   . TYR A 1 46  ? 4.76451   -0.15265  -8.44283  1.000 55.70768  ? 46  TYR A N   1 
ATOM   327 C CA  . TYR A 1 46  ? 5.94919   -0.99907  -8.44435  1.000 48.39277  ? 46  TYR A CA  1 
ATOM   328 C C   . TYR A 1 46  ? 7.09765   -0.40545  -7.64050  1.000 51.35810  ? 46  TYR A C   1 
ATOM   329 O O   . TYR A 1 46  ? 7.74573   -1.14667  -6.88870  1.000 60.25292  ? 46  TYR A O   1 
ATOM   330 C CB  . TYR A 1 46  ? 6.35801   -1.30398  -9.88821  1.000 46.24471  ? 46  TYR A CB  1 
ATOM   331 C CG  . TYR A 1 46  ? 5.27874   -2.12445  -10.54650 1.000 58.24817  ? 46  TYR A CG  1 
ATOM   332 C CD1 . TYR A 1 46  ? 4.97389   -3.39843  -10.07356 1.000 60.41019  ? 46  TYR A CD1 1 
ATOM   333 C CD2 . TYR A 1 46  ? 4.51412   -1.61388  -11.58657 1.000 62.48733  ? 46  TYR A CD2 1 
ATOM   334 C CE1 . TYR A 1 46  ? 3.96385   -4.15659  -10.64768 1.000 60.07323  ? 46  TYR A CE1 1 
ATOM   335 C CE2 . TYR A 1 46  ? 3.49939   -2.36929  -12.17365 1.000 60.63744  ? 46  TYR A CE2 1 
ATOM   336 C CZ  . TYR A 1 46  ? 3.22994   -3.63818  -11.69384 1.000 64.99155  ? 46  TYR A CZ  1 
ATOM   337 O OH  . TYR A 1 46  ? 2.23047   -4.39351  -12.26433 1.000 68.72273  ? 46  TYR A OH  1 
ATOM   338 N N   . PRO A 1 47  ? 7.38634   0.90401   -7.71466  1.000 51.41015  ? 47  PRO A N   1 
ATOM   339 C CA  . PRO A 1 47  ? 8.41400   1.43839   -6.81057  1.000 51.27659  ? 47  PRO A CA  1 
ATOM   340 C C   . PRO A 1 47  ? 7.98309   1.36556   -5.35791  1.000 50.96635  ? 47  PRO A C   1 
ATOM   341 O O   . PRO A 1 47  ? 8.81619   1.12113   -4.47352  1.000 53.95363  ? 47  PRO A O   1 
ATOM   342 C CB  . PRO A 1 47  ? 8.59330   2.88555   -7.29053  1.000 55.51442  ? 47  PRO A CB  1 
ATOM   343 C CG  . PRO A 1 47  ? 8.02984   2.89361   -8.68880  1.000 54.26076  ? 47  PRO A CG  1 
ATOM   344 C CD  . PRO A 1 47  ? 6.85156   1.97417   -8.58170  1.000 44.51724  ? 47  PRO A CD  1 
ATOM   345 N N   . VAL A 1 48  ? 6.68342   1.49732   -5.09640  1.000 51.25008  ? 48  VAL A N   1 
ATOM   346 C CA  . VAL A 1 48  ? 6.17066   1.34241   -3.74152  1.000 49.27389  ? 48  VAL A CA  1 
ATOM   347 C C   . VAL A 1 48  ? 6.38231   -0.08713  -3.25685  1.000 43.33391  ? 48  VAL A C   1 
ATOM   348 O O   . VAL A 1 48  ? 6.80006   -0.31496  -2.11138  1.000 49.14946  ? 48  VAL A O   1 
ATOM   349 C CB  . VAL A 1 48  ? 4.68431   1.75656   -3.70183  1.000 53.48161  ? 48  VAL A CB  1 
ATOM   350 C CG1 . VAL A 1 48  ? 4.06051   1.36124   -2.38583  1.000 42.47157  ? 48  VAL A CG1 1 
ATOM   351 C CG2 . VAL A 1 48  ? 4.56315   3.26347   -3.92868  1.000 50.64939  ? 48  VAL A CG2 1 
ATOM   352 N N   . LEU A 1 49  ? 6.09076   -1.07012  -4.11380  1.000 39.18721  ? 49  LEU A N   1 
ATOM   353 C CA  . LEU A 1 49  ? 6.32013   -2.46654  -3.75961  1.000 36.20694  ? 49  LEU A CA  1 
ATOM   354 C C   . LEU A 1 49  ? 7.79822   -2.72299  -3.52674  1.000 47.93356  ? 49  LEU A C   1 
ATOM   355 O O   . LEU A 1 49  ? 8.18535   -3.34247  -2.53227  1.000 58.30948  ? 49  LEU A O   1 
ATOM   356 C CB  . LEU A 1 49  ? 5.77440   -3.39312  -4.85979  1.000 34.85851  ? 49  LEU A CB  1 
ATOM   357 C CG  . LEU A 1 49  ? 4.24382   -3.36656  -4.99807  1.000 41.12368  ? 49  LEU A CG  1 
ATOM   358 C CD1 . LEU A 1 49  ? 3.73622   -4.10529  -6.23947  1.000 36.84728  ? 49  LEU A CD1 1 
ATOM   359 C CD2 . LEU A 1 49  ? 3.61247   -3.95593  -3.75192  1.000 46.94697  ? 49  LEU A CD2 1 
ATOM   360 N N   . ARG A 1 50  ? 8.64575   -2.22922  -4.42855  1.000 48.05589  ? 50  ARG A N   1 
ATOM   361 C CA  . ARG A 1 50  ? 10.07307  -2.47611  -4.28785  1.000 51.35699  ? 50  ARG A CA  1 
ATOM   362 C C   . ARG A 1 50  ? 10.60990  -1.91734  -2.97872  1.000 54.54987  ? 50  ARG A C   1 
ATOM   363 O O   . ARG A 1 50  ? 11.50109  -2.51298  -2.36254  1.000 56.94651  ? 50  ARG A O   1 
ATOM   364 C CB  . ARG A 1 50  ? 10.82323  -1.87878  -5.47184  1.000 57.44063  ? 50  ARG A CB  1 
ATOM   365 C CG  . ARG A 1 50  ? 11.40027  -2.91997  -6.37243  1.000 62.42335  ? 50  ARG A CG  1 
ATOM   366 C CD  . ARG A 1 50  ? 12.15624  -2.29566  -7.51059  1.000 73.19092  ? 50  ARG A CD  1 
ATOM   367 N NE  . ARG A 1 50  ? 11.23815  -1.88112  -8.55912  1.000 69.16786  ? 50  ARG A NE  1 
ATOM   368 C CZ  . ARG A 1 50  ? 11.00883  -0.62384  -8.89828  1.000 61.42302  ? 50  ARG A CZ  1 
ATOM   369 N NH1 . ARG A 1 50  ? 11.65035  0.36265   -8.28096  1.000 67.04860  ? 50  ARG A NH1 1 
ATOM   370 N NH2 . ARG A 1 50  ? 10.16197  -0.36295  -9.88084  1.000 50.26966  ? 50  ARG A NH2 1 
ATOM   371 N N   . ARG A 1 51  ? 10.09271  -0.77028  -2.53678  1.000 51.66890  ? 51  ARG A N   1 
ATOM   372 C CA  . ARG A 1 51  ? 10.54621  -0.22042  -1.26555  1.000 52.98203  ? 51  ARG A CA  1 
ATOM   373 C C   . ARG A 1 51  ? 10.09982  -1.09482  -0.10170  1.000 54.43970  ? 51  ARG A C   1 
ATOM   374 O O   . ARG A 1 51  ? 10.88827  -1.40476  0.79969   1.000 51.61919  ? 51  ARG A O   1 
ATOM   375 C CB  . ARG A 1 51  ? 10.02809  1.20283   -1.08761  1.000 51.84478  ? 51  ARG A CB  1 
ATOM   376 C CG  . ARG A 1 51  ? 10.79792  1.97092   -0.02018  1.000 64.11117  ? 51  ARG A CG  1 
ATOM   377 C CD  . ARG A 1 51  ? 10.04336  3.20216   0.44803   1.000 68.33322  ? 51  ARG A CD  1 
ATOM   378 N NE  . ARG A 1 51  ? 10.22678  3.39648   1.88237   1.000 79.04783  ? 51  ARG A NE  1 
ATOM   379 C CZ  . ARG A 1 51  ? 11.29397  3.97302   2.42593   1.000 89.32494  ? 51  ARG A CZ  1 
ATOM   380 N NH1 . ARG A 1 51  ? 12.27329  4.42355   1.65374   1.000 93.43270  ? 51  ARG A NH1 1 
ATOM   381 N NH2 . ARG A 1 51  ? 11.38074  4.10228   3.74243   1.000 93.36971  ? 51  ARG A NH2 1 
ATOM   382 N N   . LEU A 1 52  ? 8.83513   -1.51380  -0.11148  1.000 47.02584  ? 52  LEU A N   1 
ATOM   383 C CA  . LEU A 1 52  ? 8.30793   -2.31132  0.98876   1.000 44.38500  ? 52  LEU A CA  1 
ATOM   384 C C   . LEU A 1 52  ? 8.99004   -3.65660  1.10150   1.000 44.32075  ? 52  LEU A C   1 
ATOM   385 O O   . LEU A 1 52  ? 9.04531   -4.22004  2.19897   1.000 47.00669  ? 52  LEU A O   1 
ATOM   386 C CB  . LEU A 1 52  ? 6.81569   -2.51280  0.80331   1.000 38.83675  ? 52  LEU A CB  1 
ATOM   387 C CG  . LEU A 1 52  ? 6.01424   -1.22549  0.93612   1.000 41.67749  ? 52  LEU A CG  1 
ATOM   388 C CD1 . LEU A 1 52  ? 4.68244   -1.39787  0.25276   1.000 53.36851  ? 52  LEU A CD1 1 
ATOM   389 C CD2 . LEU A 1 52  ? 5.82207   -0.92859  2.39102   1.000 42.66460  ? 52  LEU A CD2 1 
ATOM   390 N N   . VAL A 1 53  ? 9.48856   -4.19256  -0.01286  1.000 45.83362  ? 53  VAL A N   1 
ATOM   391 C CA  . VAL A 1 53  ? 10.27235  -5.42125  0.01550   1.000 43.47876  ? 53  VAL A CA  1 
ATOM   392 C C   . VAL A 1 53  ? 11.66383  -5.14922  0.56667   1.000 55.01122  ? 53  VAL A C   1 
ATOM   393 O O   . VAL A 1 53  ? 12.15376  -5.86261  1.44993   1.000 57.22121  ? 53  VAL A O   1 
ATOM   394 C CB  . VAL A 1 53  ? 10.34166  -6.02506  -1.39623  1.000 53.79976  ? 53  VAL A CB  1 
ATOM   395 C CG1 . VAL A 1 53  ? 11.43914  -7.08248  -1.47826  1.000 51.25905  ? 53  VAL A CG1 1 
ATOM   396 C CG2 . VAL A 1 53  ? 8.99073   -6.59287  -1.78860  1.000 51.66392  ? 53  VAL A CG2 1 
ATOM   397 N N   . LYS A 1 54  ? 12.31658  -4.10764  0.04021   1.000 62.37698  ? 54  LYS A N   1 
ATOM   398 C CA  . LYS A 1 54  ? 13.63226  -3.70407  0.52468   1.000 60.94210  ? 54  LYS A CA  1 
ATOM   399 C C   . LYS A 1 54  ? 13.62144  -3.46135  2.02506   1.000 61.83035  ? 54  LYS A C   1 
ATOM   400 O O   . LYS A 1 54  ? 14.51841  -3.91378  2.74383   1.000 56.35893  ? 54  LYS A O   1 
ATOM   401 C CB  . LYS A 1 54  ? 14.07974  -2.44450  -0.20967  1.000 66.98444  ? 54  LYS A CB  1 
ATOM   402 C CG  . LYS A 1 54  ? 15.48372  -1.95873  0.12399   1.000 74.26090  ? 54  LYS A CG  1 
ATOM   403 C CD  . LYS A 1 54  ? 15.79207  -0.66306  -0.63077  1.000 84.32278  ? 54  LYS A CD  1 
ATOM   404 C CE  . LYS A 1 54  ? 14.74396  0.41200   -0.34331  1.000 90.57945  ? 54  LYS A CE  1 
ATOM   405 N NZ  . LYS A 1 54  ? 14.78145  1.54385   -1.31510  1.000 97.59090  ? 54  LYS A NZ  1 
ATOM   406 N N   . GLU A 1 55  ? 12.61162  -2.74954  2.51684   1.000 64.64944  ? 55  GLU A N   1 
ATOM   407 C CA  . GLU A 1 55  ? 12.48359  -2.49396  3.94180   1.000 64.48898  ? 55  GLU A CA  1 
ATOM   408 C C   . GLU A 1 55  ? 11.92945  -3.68624  4.70907   1.000 64.05267  ? 55  GLU A C   1 
ATOM   409 O O   . GLU A 1 55  ? 11.67633  -3.55708  5.91126   1.000 62.21256  ? 55  GLU A O   1 
ATOM   410 C CB  . GLU A 1 55  ? 11.60070  -1.26744  4.17002   1.000 67.62627  ? 55  GLU A CB  1 
ATOM   411 C CG  . GLU A 1 55  ? 12.18606  0.01841   3.61349   1.000 81.16117  ? 55  GLU A CG  1 
ATOM   412 C CD  . GLU A 1 55  ? 13.53891  0.35257   4.22043   1.000 94.54842  ? 55  GLU A CD  1 
ATOM   413 O OE1 . GLU A 1 55  ? 13.70811  0.16778   5.44603   1.000 97.89000  ? 55  GLU A OE1 1 
ATOM   414 O OE2 . GLU A 1 55  ? 14.43887  0.78932   3.46877   1.000 98.73103  ? 55  GLU A OE2 1 
ATOM   415 N N   . GLU A 1 56  ? 11.73395  -4.82890  4.04610   1.000 63.07046  ? 56  GLU A N   1 
ATOM   416 C CA  . GLU A 1 56  ? 11.28212  -6.07212  4.68264   1.000 64.58821  ? 56  GLU A CA  1 
ATOM   417 C C   . GLU A 1 56  ? 9.90228   -5.91561  5.31684   1.000 57.57333  ? 56  GLU A C   1 
ATOM   418 O O   . GLU A 1 56  ? 9.54152   -6.62932  6.25688   1.000 56.48663  ? 56  GLU A O   1 
ATOM   419 C CB  . GLU A 1 56  ? 12.30087  -6.58650  5.70880   1.000 66.90555  ? 56  GLU A CB  1 
ATOM   420 C CG  . GLU A 1 56  ? 13.72301  -6.65277  5.18510   1.000 74.58882  ? 56  GLU A CG  1 
ATOM   421 C CD  . GLU A 1 56  ? 14.69028  -7.27759  6.17770   1.000 82.57572  ? 56  GLU A CD  1 
ATOM   422 O OE1 . GLU A 1 56  ? 14.91205  -8.50545  6.10037   1.000 85.19070  ? 56  GLU A OE1 1 
ATOM   423 O OE2 . GLU A 1 56  ? 15.22223  -6.54190  7.03780   1.000 84.91463  ? 56  GLU A OE2 1 
ATOM   424 N N   . TYR A 1 57  ? 9.11302   -4.97554  4.80913   1.000 59.13069  ? 57  TYR A N   1 
ATOM   425 C CA  . TYR A 1 57  ? 7.69884   -4.95952  5.15008   1.000 50.13690  ? 57  TYR A CA  1 
ATOM   426 C C   . TYR A 1 57  ? 6.95503   -6.02084  4.36439   1.000 53.19690  ? 57  TYR A C   1 
ATOM   427 O O   . TYR A 1 57  ? 5.93319   -6.53747  4.82483   1.000 45.31391  ? 57  TYR A O   1 
ATOM   428 C CB  . TYR A 1 57  ? 7.09354   -3.57954  4.87664   1.000 45.87519  ? 57  TYR A CB  1 
ATOM   429 C CG  . TYR A 1 57  ? 7.73688   -2.46406  5.66673   1.000 45.45031  ? 57  TYR A CG  1 
ATOM   430 C CD1 . TYR A 1 57  ? 7.97125   -2.60644  7.01892   1.000 46.84939  ? 57  TYR A CD1 1 
ATOM   431 C CD2 . TYR A 1 57  ? 8.12777   -1.28232  5.05350   1.000 57.33922  ? 57  TYR A CD2 1 
ATOM   432 C CE1 . TYR A 1 57  ? 8.57195   -1.59821  7.75059   1.000 49.46568  ? 57  TYR A CE1 1 
ATOM   433 C CE2 . TYR A 1 57  ? 8.72593   -0.25796  5.77844   1.000 60.05692  ? 57  TYR A CE2 1 
ATOM   434 C CZ  . TYR A 1 57  ? 8.94689   -0.42965  7.12961   1.000 59.46269  ? 57  TYR A CZ  1 
ATOM   435 O OH  . TYR A 1 57  ? 9.53798   0.56438   7.87509   1.000 68.26921  ? 57  TYR A OH  1 
ATOM   436 N N   . CYS A 1 58  ? 7.45867   -6.37120  3.18927   1.000 52.65877  ? 58  CYS A N   1 
ATOM   437 C CA  . CYS A 1 58  ? 6.85643   -7.43147  2.41187   1.000 48.36511  ? 58  CYS A CA  1 
ATOM   438 C C   . CYS A 1 58  ? 7.94247   -8.39028  1.96757   1.000 51.09953  ? 58  CYS A C   1 
ATOM   439 O O   . CYS A 1 58  ? 9.11330   -8.02609  1.85028   1.000 50.49085  ? 58  CYS A O   1 
ATOM   440 C CB  . CYS A 1 58  ? 6.11291   -6.89408  1.19420   1.000 42.12027  ? 58  CYS A CB  1 
ATOM   441 S SG  . CYS A 1 58  ? 4.78133   -5.78540  1.58920   1.000 53.37562  ? 58  CYS A SG  1 
ATOM   442 N N   . SER A 1 59  ? 7.54535   -9.62685  1.75035   1.000 50.60233  ? 59  SER A N   1 
ATOM   443 C CA  . SER A 1 59  ? 8.39285   -10.58287 1.06721   1.000 54.97758  ? 59  SER A CA  1 
ATOM   444 C C   . SER A 1 59  ? 7.65282   -11.04777 -0.17198  1.000 52.08179  ? 59  SER A C   1 
ATOM   445 O O   . SER A 1 59  ? 6.48734   -10.70740 -0.40627  1.000 57.95667  ? 59  SER A O   1 
ATOM   446 C CB  . SER A 1 59  ? 8.77512   -11.76334 1.96920   1.000 59.76692  ? 59  SER A CB  1 
ATOM   447 O OG  . SER A 1 59  ? 7.63327   -12.45480 2.42513   1.000 69.29295  ? 59  SER A OG  1 
ATOM   448 N N   . THR A 1 60  ? 8.34358   -11.81590 -0.98055  1.000 52.42112  ? 60  THR A N   1 
ATOM   449 C CA  . THR A 1 60  ? 7.82746   -12.12037 -2.29237  1.000 57.08804  ? 60  THR A CA  1 
ATOM   450 C C   . THR A 1 60  ? 8.14916   -13.56825 -2.60772  1.000 55.31705  ? 60  THR A C   1 
ATOM   451 O O   . THR A 1 60  ? 9.04204   -14.16006 -1.99456  1.000 50.64148  ? 60  THR A O   1 
ATOM   452 C CB  . THR A 1 60  ? 8.41006   -11.13871 -3.31999  1.000 58.49551  ? 60  THR A CB  1 
ATOM   453 O OG1 . THR A 1 60  ? 7.57012   -11.10886 -4.47318  1.000 70.92019  ? 60  THR A OG1 1 
ATOM   454 C CG2 . THR A 1 60  ? 9.82916   -11.52364 -3.71430  1.000 44.95226  ? 60  THR A CG2 1 
ATOM   455 N N   . TYR A 1 61  ? 7.36525   -14.15084 -3.51983  1.000 55.78020  ? 61  TYR A N   1 
ATOM   456 C CA  . TYR A 1 61  ? 7.58835   -15.50898 -3.99493  1.000 60.46612  ? 61  TYR A CA  1 
ATOM   457 C C   . TYR A 1 61  ? 6.91168   -15.67337 -5.34609  1.000 64.35071  ? 61  TYR A C   1 
ATOM   458 O O   . TYR A 1 61  ? 6.01702   -14.90680 -5.70589  1.000 54.44877  ? 61  TYR A O   1 
ATOM   459 C CB  . TYR A 1 61  ? 7.06757   -16.56037 -3.00893  1.000 64.52475  ? 61  TYR A CB  1 
ATOM   460 C CG  . TYR A 1 61  ? 5.56642   -16.53683 -2.75267  1.000 59.69473  ? 61  TYR A CG  1 
ATOM   461 C CD1 . TYR A 1 61  ? 4.68449   -17.21529 -3.58583  1.000 62.59788  ? 61  TYR A CD1 1 
ATOM   462 C CD2 . TYR A 1 61  ? 5.04963   -15.90512 -1.64438  1.000 55.42144  ? 61  TYR A CD2 1 
ATOM   463 C CE1 . TYR A 1 61  ? 3.33709   -17.21857 -3.34308  1.000 64.20212  ? 61  TYR A CE1 1 
ATOM   464 C CE2 . TYR A 1 61  ? 3.68719   -15.88935 -1.39306  1.000 58.33841  ? 61  TYR A CE2 1 
ATOM   465 C CZ  . TYR A 1 61  ? 2.83869   -16.55079 -2.24479  1.000 61.82177  ? 61  TYR A CZ  1 
ATOM   466 O OH  . TYR A 1 61  ? 1.48596   -16.56220 -1.98719  1.000 56.73844  ? 61  TYR A OH  1 
ATOM   467 N N   . LEU A 1 62  ? 7.33767   -16.69123 -6.08902  1.000 71.09592  ? 62  LEU A N   1 
ATOM   468 C CA  . LEU A 1 62  ? 6.89279   -16.89658 -7.45745  1.000 75.53314  ? 62  LEU A CA  1 
ATOM   469 C C   . LEU A 1 62  ? 5.96411   -18.09599 -7.54800  1.000 83.11097  ? 62  LEU A C   1 
ATOM   470 O O   . LEU A 1 62  ? 6.07827   -19.05443 -6.77711  1.000 80.92543  ? 62  LEU A O   1 
ATOM   471 C CB  . LEU A 1 62  ? 8.06620   -17.12810 -8.41496  1.000 77.94095  ? 62  LEU A CB  1 
ATOM   472 C CG  . LEU A 1 62  ? 9.11346   -16.04313 -8.64323  1.000 77.85241  ? 62  LEU A CG  1 
ATOM   473 C CD1 . LEU A 1 62  ? 10.13718  -16.06584 -7.52954  1.000 71.10035  ? 62  LEU A CD1 1 
ATOM   474 C CD2 . LEU A 1 62  ? 9.80185   -16.27172 -9.98941  1.000 84.50316  ? 62  LEU A CD2 1 
ATOM   475 N N   . VAL A 1 63  ? 5.06634   -18.04420 -8.52626  1.000 89.75935  ? 63  VAL A N   1 
ATOM   476 C CA  . VAL A 1 63  ? 4.24460   -19.18993 -8.89837  1.000 103.34566 ? 63  VAL A CA  1 
ATOM   477 C C   . VAL A 1 63  ? 4.24794   -19.30920 -10.41982 1.000 115.34022 ? 63  VAL A C   1 
ATOM   478 O O   . VAL A 1 63  ? 4.21418   -18.29894 -11.13035 1.000 119.69582 ? 63  VAL A O   1 
ATOM   479 C CB  . VAL A 1 63  ? 2.81621   -19.06187 -8.33339  1.000 100.82035 ? 63  VAL A CB  1 
ATOM   480 C CG1 . VAL A 1 63  ? 2.84761   -19.10278 -6.80769  1.000 94.08450  ? 63  VAL A CG1 1 
ATOM   481 C CG2 . VAL A 1 63  ? 2.17607   -17.78151 -8.80969  1.000 99.38356  ? 63  VAL A CG2 1 
ATOM   482 N N   . GLU A 1 64  ? 4.29467   -20.54770 -10.91920 1.000 129.98887 ? 64  GLU A N   1 
ATOM   483 C CA  . GLU A 1 64  ? 4.54222   -20.83093 -12.32617 1.000 134.17179 ? 64  GLU A CA  1 
ATOM   484 C C   . GLU A 1 64  ? 3.25285   -21.23338 -13.04339 1.000 131.33075 ? 64  GLU A C   1 
ATOM   485 O O   . GLU A 1 64  ? 2.17995   -21.33589 -12.44340 1.000 125.52011 ? 64  GLU A O   1 
ATOM   486 C CB  . GLU A 1 64  ? 5.59859   -21.93200 -12.46624 1.000 139.75218 ? 64  GLU A CB  1 
ATOM   487 C CG  . GLU A 1 64  ? 6.54653   -21.75915 -13.64761 1.000 146.30583 ? 64  GLU A CG  1 
ATOM   488 C CD  . GLU A 1 64  ? 7.67359   -20.77948 -13.35893 1.000 143.94262 ? 64  GLU A CD  1 
ATOM   489 O OE1 . GLU A 1 64  ? 7.88748   -20.43924 -12.17473 1.000 136.43574 ? 64  GLU A OE1 1 
ATOM   490 O OE2 . GLU A 1 64  ? 8.34811   -20.34896 -14.31854 1.000 149.52851 ? 64  GLU A OE2 1 
ATOM   491 N N   . SER A 1 65  ? 3.37852   -21.46287 -14.35253 1.000 133.88393 ? 65  SER A N   1 
ATOM   492 C CA  . SER A 1 65  ? 2.29733   -21.94516 -15.21580 1.000 135.30151 ? 65  SER A CA  1 
ATOM   493 C C   . SER A 1 65  ? 0.97395   -21.21190 -14.99614 1.000 131.08183 ? 65  SER A C   1 
ATOM   494 O O   . SER A 1 65  ? 0.53683   -20.43086 -15.83988 1.000 132.98494 ? 65  SER A O   1 
ATOM   495 C CB  . SER A 1 65  ? 2.09724   -23.44906 -15.01486 1.000 135.97111 ? 65  SER A CB  1 
ATOM   496 O OG  . SER A 1 65  ? 1.19317   -23.97694 -15.97073 1.000 139.62925 ? 65  SER A OG  1 
ATOM   497 N N   . PRO A 1 69  ? 4.05567   -18.73696 -17.73852 1.000 133.43106 ? 69  PRO A N   1 
ATOM   498 C CA  . PRO A 1 69  ? 3.82959   -17.40805 -17.16293 1.000 127.46231 ? 69  PRO A CA  1 
ATOM   499 C C   . PRO A 1 69  ? 3.98851   -17.36742 -15.64071 1.000 121.42211 ? 69  PRO A C   1 
ATOM   500 O O   . PRO A 1 69  ? 2.99472   -17.47226 -14.92516 1.000 113.26169 ? 69  PRO A O   1 
ATOM   501 C CB  . PRO A 1 69  ? 2.38321   -17.09414 -17.56923 1.000 125.65573 ? 69  PRO A CB  1 
ATOM   502 C CG  . PRO A 1 69  ? 1.75122   -18.42036 -17.91415 1.000 129.98851 ? 69  PRO A CG  1 
ATOM   503 C CD  . PRO A 1 69  ? 2.80301   -19.49550 -17.87624 1.000 134.34285 ? 69  PRO A CD  1 
ATOM   504 N N   . SER A 1 70  ? 5.22197   -17.20966 -15.16176 1.000 121.66466 ? 70  SER A N   1 
ATOM   505 C CA  . SER A 1 70  ? 5.48805   -17.16947 -13.73040 1.000 113.28586 ? 70  SER A CA  1 
ATOM   506 C C   . SER A 1 70  ? 5.08240   -15.82305 -13.14272 1.000 110.58882 ? 70  SER A C   1 
ATOM   507 O O   . SER A 1 70  ? 5.18183   -14.78046 -13.79581 1.000 115.97308 ? 70  SER A O   1 
ATOM   508 C CB  . SER A 1 70  ? 6.96634   -17.43998 -13.44578 1.000 115.97470 ? 70  SER A CB  1 
ATOM   509 O OG  . SER A 1 70  ? 7.80483   -16.59822 -14.21872 1.000 122.31710 ? 70  SER A OG  1 
ATOM   510 N N   . ARG A 1 71  ? 4.63526   -15.85297 -11.88539 1.000 101.48411 ? 71  ARG A N   1 
ATOM   511 C CA  . ARG A 1 71  ? 4.01940   -14.69207 -11.25716 1.000 91.21070  ? 71  ARG A CA  1 
ATOM   512 C C   . ARG A 1 71  ? 4.54015   -14.47481 -9.84724  1.000 75.15540  ? 71  ARG A C   1 
ATOM   513 O O   . ARG A 1 71  ? 4.66221   -15.41837 -9.06444  1.000 76.49395  ? 71  ARG A O   1 
ATOM   514 C CB  . ARG A 1 71  ? 2.50588   -14.83333 -11.21247 1.000 95.36886  ? 71  ARG A CB  1 
ATOM   515 C CG  . ARG A 1 71  ? 1.85285   -14.40448 -12.49380 1.000 109.92465 ? 71  ARG A CG  1 
ATOM   516 C CD  . ARG A 1 71  ? 0.89597   -13.28420 -12.21175 1.000 114.65982 ? 71  ARG A CD  1 
ATOM   517 N NE  . ARG A 1 71  ? -0.45712  -13.60335 -12.65017 1.000 122.25609 ? 71  ARG A NE  1 
ATOM   518 C CZ  . ARG A 1 71  ? -1.25321  -14.48862 -12.05572 1.000 125.69558 ? 71  ARG A CZ  1 
ATOM   519 N NH1 . ARG A 1 71  ? -2.47312  -14.70233 -12.53167 1.000 128.17078 ? 71  ARG A NH1 1 
ATOM   520 N NH2 . ARG A 1 71  ? -0.83594  -15.16439 -10.99064 1.000 125.23234 ? 71  ARG A NH2 1 
ATOM   521 N N   . LYS A 1 72  ? 4.80545   -13.21246 -9.52625  1.000 66.31212  ? 72  LYS A N   1 
ATOM   522 C CA  . LYS A 1 72  ? 5.46644   -12.82525 -8.28764  1.000 62.24481  ? 72  LYS A CA  1 
ATOM   523 C C   . LYS A 1 72  ? 4.40089   -12.32481 -7.31921  1.000 58.37654  ? 72  LYS A C   1 
ATOM   524 O O   . LYS A 1 72  ? 3.76920   -11.29633 -7.56389  1.000 67.09258  ? 72  LYS A O   1 
ATOM   525 C CB  . LYS A 1 72  ? 6.52082   -11.75641 -8.56997  1.000 75.04627  ? 72  LYS A CB  1 
ATOM   526 C CG  . LYS A 1 72  ? 7.49003   -11.49208 -7.43704  1.000 79.84526  ? 72  LYS A CG  1 
ATOM   527 C CD  . LYS A 1 72  ? 7.90795   -10.01869 -7.38114  1.000 82.16670  ? 72  LYS A CD  1 
ATOM   528 C CE  . LYS A 1 72  ? 9.13470   -9.71008  -8.24238  1.000 85.63845  ? 72  LYS A CE  1 
ATOM   529 N NZ  . LYS A 1 72  ? 9.54252   -8.27331  -8.12326  1.000 83.68472  ? 72  LYS A NZ  1 
ATOM   530 N N   . TYR A 1 73  ? 4.19372   -13.06436 -6.23386  1.000 57.55446  ? 73  TYR A N   1 
ATOM   531 C CA  . TYR A 1 73  ? 3.21357   -12.74363 -5.21139  1.000 55.02487  ? 73  TYR A CA  1 
ATOM   532 C C   . TYR A 1 73  ? 3.85465   -11.96880 -4.06309  1.000 52.50388  ? 73  TYR A C   1 
ATOM   533 O O   . TYR A 1 73  ? 5.02445   -12.16883 -3.73514  1.000 53.96085  ? 73  TYR A O   1 
ATOM   534 C CB  . TYR A 1 73  ? 2.56462   -14.02404 -4.69274  1.000 63.21287  ? 73  TYR A CB  1 
ATOM   535 C CG  . TYR A 1 73  ? 1.34581   -14.40997 -5.49124  1.000 61.44909  ? 73  TYR A CG  1 
ATOM   536 C CD1 . TYR A 1 73  ? 1.46622   -15.04033 -6.71817  1.000 72.51170  ? 73  TYR A CD1 1 
ATOM   537 C CD2 . TYR A 1 73  ? 0.07771   -14.10913 -5.03194  1.000 50.82951  ? 73  TYR A CD2 1 
ATOM   538 C CE1 . TYR A 1 73  ? 0.35370   -15.37408 -7.45171  1.000 73.89603  ? 73  TYR A CE1 1 
ATOM   539 C CE2 . TYR A 1 73  ? -1.03262  -14.43162 -5.75845  1.000 62.33448  ? 73  TYR A CE2 1 
ATOM   540 C CZ  . TYR A 1 73  ? -0.88942  -15.06886 -6.96675  1.000 74.20246  ? 73  TYR A CZ  1 
ATOM   541 O OH  . TYR A 1 73  ? -2.00820  -15.39630 -7.69042  1.000 89.39530  ? 73  TYR A OH  1 
ATOM   542 N N   . TYR A 1 74  ? 3.07834   -11.07488 -3.45618  1.000 43.20697  ? 74  TYR A N   1 
ATOM   543 C CA  . TYR A 1 74  ? 3.54504   -10.22272 -2.36841  1.000 45.65469  ? 74  TYR A CA  1 
ATOM   544 C C   . TYR A 1 74  ? 2.88700   -10.62090 -1.06154  1.000 39.99144  ? 74  TYR A C   1 
ATOM   545 O O   . TYR A 1 74  ? 1.69014   -10.91951 -1.01865  1.000 51.13316  ? 74  TYR A O   1 
ATOM   546 C CB  . TYR A 1 74  ? 3.26803   -8.73013  -2.64509  1.000 38.37031  ? 74  TYR A CB  1 
ATOM   547 C CG  . TYR A 1 74  ? 4.15452   -8.18566  -3.74640  1.000 39.15680  ? 74  TYR A CG  1 
ATOM   548 C CD1 . TYR A 1 74  ? 3.78848   -8.32932  -5.07730  1.000 42.25864  ? 74  TYR A CD1 1 
ATOM   549 C CD2 . TYR A 1 74  ? 5.36363   -7.57422  -3.46374  1.000 39.45976  ? 74  TYR A CD2 1 
ATOM   550 C CE1 . TYR A 1 74  ? 4.57486   -7.85720  -6.09823  1.000 50.13420  ? 74  TYR A CE1 1 
ATOM   551 C CE2 . TYR A 1 74  ? 6.19543   -7.08158  -4.51578  1.000 42.96182  ? 74  TYR A CE2 1 
ATOM   552 C CZ  . TYR A 1 74  ? 5.77539   -7.21887  -5.81860  1.000 46.00145  ? 74  TYR A CZ  1 
ATOM   553 O OH  . TYR A 1 74  ? 6.52263   -6.76446  -6.87107  1.000 50.35190  ? 74  TYR A OH  1 
ATOM   554 N N   . GLN A 1 75  ? 3.67353   -10.60721 0.00982   1.000 44.31421  ? 75  GLN A N   1 
ATOM   555 C CA  . GLN A 1 75  ? 3.21363   -11.10980 1.29824   1.000 53.77397  ? 75  GLN A CA  1 
ATOM   556 C C   . GLN A 1 75  ? 3.62405   -10.14384 2.40149   1.000 43.47592  ? 75  GLN A C   1 
ATOM   557 O O   . GLN A 1 75  ? 4.75187   -9.66423  2.42395   1.000 52.75948  ? 75  GLN A O   1 
ATOM   558 C CB  . GLN A 1 75  ? 3.80546   -12.50903 1.53842   1.000 50.39437  ? 75  GLN A CB  1 
ATOM   559 C CG  . GLN A 1 75  ? 3.37853   -13.20993 2.79860   1.000 50.89171  ? 75  GLN A CG  1 
ATOM   560 C CD  . GLN A 1 75  ? 3.92216   -14.63725 2.83966   1.000 50.84424  ? 75  GLN A CD  1 
ATOM   561 O OE1 . GLN A 1 75  ? 5.08591   -14.85518 3.12706   1.000 52.61402  ? 75  GLN A OE1 1 
ATOM   562 N NE2 . GLN A 1 75  ? 3.07728   -15.60566 2.53623   1.000 51.81470  ? 75  GLN A NE2 1 
ATOM   563 N N   . LEU A 1 76  ? 2.71621   -9.86915  3.31690   1.000 47.41865  ? 76  LEU A N   1 
ATOM   564 C CA  . LEU A 1 76  ? 3.04798   -9.04404  4.46752   1.000 47.89574  ? 76  LEU A CA  1 
ATOM   565 C C   . LEU A 1 76  ? 3.95654   -9.80356  5.42903   1.000 53.15933  ? 76  LEU A C   1 
ATOM   566 O O   . LEU A 1 76  ? 3.68586   -10.96064 5.76804   1.000 58.96999  ? 76  LEU A O   1 
ATOM   567 C CB  . LEU A 1 76  ? 1.75635   -8.64385  5.17015   1.000 50.55204  ? 76  LEU A CB  1 
ATOM   568 C CG  . LEU A 1 76  ? 1.68125   -7.32548  5.93733   1.000 53.66776  ? 76  LEU A CG  1 
ATOM   569 C CD1 . LEU A 1 76  ? 1.83825   -6.17554  4.98702   1.000 52.20658  ? 76  LEU A CD1 1 
ATOM   570 C CD2 . LEU A 1 76  ? 0.37631   -7.23394  6.68516   1.000 62.10925  ? 76  LEU A CD2 1 
ATOM   571 N N   . THR A 1 77  ? 5.03486   -9.16626  5.88057   1.000 52.18678  ? 77  THR A N   1 
ATOM   572 C CA  . THR A 1 77  ? 5.82785   -9.78322  6.93970   1.000 53.54723  ? 77  THR A CA  1 
ATOM   573 C C   . THR A 1 77  ? 5.26231   -9.37306  8.29842   1.000 52.93313  ? 77  THR A C   1 
ATOM   574 O O   . THR A 1 77  ? 4.35093   -8.54152  8.40129   1.000 54.55342  ? 77  THR A O   1 
ATOM   575 C CB  . THR A 1 77  ? 7.30957   -9.39266  6.84246   1.000 55.86572  ? 77  THR A CB  1 
ATOM   576 O OG1 . THR A 1 77  ? 7.46788   -8.00244  7.17454   1.000 56.92822  ? 77  THR A OG1 1 
ATOM   577 C CG2 . THR A 1 77  ? 7.86088   -9.63362  5.44351   1.000 53.37882  ? 77  THR A CG2 1 
ATOM   578 N N   . VAL A 1 78  ? 5.82401   -9.94350  9.36349   1.000 57.76258  ? 78  VAL A N   1 
ATOM   579 C CA  . VAL A 1 78  ? 5.45914   -9.50850  10.70983  1.000 65.34078  ? 78  VAL A CA  1 
ATOM   580 C C   . VAL A 1 78  ? 5.78087   -8.02606  10.89073  1.000 74.27319  ? 78  VAL A C   1 
ATOM   581 O O   . VAL A 1 78  ? 4.94614   -7.23693  11.35473  1.000 75.87486  ? 78  VAL A O   1 
ATOM   582 C CB  . VAL A 1 78  ? 6.16846   -10.38040 11.75529  1.000 61.55292  ? 78  VAL A CB  1 
ATOM   583 C CG1 . VAL A 1 78  ? 5.81358   -9.92245  13.15805  1.000 49.75415  ? 78  VAL A CG1 1 
ATOM   584 C CG2 . VAL A 1 78  ? 5.79207   -11.83459 11.54854  1.000 62.99900  ? 78  VAL A CG2 1 
ATOM   585 N N   . LYS A 1 79  ? 6.99438   -7.62665  10.50839  1.000 68.96990  ? 79  LYS A N   1 
ATOM   586 C CA  . LYS A 1 79  ? 7.36032   -6.21634  10.53235  1.000 65.46894  ? 79  LYS A CA  1 
ATOM   587 C C   . LYS A 1 79  ? 6.34122   -5.36778  9.78038   1.000 59.50614  ? 79  LYS A C   1 
ATOM   588 O O   . LYS A 1 79  ? 5.90748   -4.31724  10.26163  1.000 55.69716  ? 79  LYS A O   1 
ATOM   589 C CB  . LYS A 1 79  ? 8.75540   -6.05040  9.93736   1.000 67.17103  ? 79  LYS A CB  1 
ATOM   590 C CG  . LYS A 1 79  ? 9.17048   -4.61053  9.71666   1.000 71.40997  ? 79  LYS A CG  1 
ATOM   591 C CD  . LYS A 1 79  ? 10.40019  -4.56410  8.82958   1.000 78.60326  ? 79  LYS A CD  1 
ATOM   592 C CE  . LYS A 1 79  ? 11.22401  -3.31628  9.08097   1.000 75.02849  ? 79  LYS A CE  1 
ATOM   593 N NZ  . LYS A 1 79  ? 12.44467  -3.27857  8.22671   1.000 71.23858  ? 79  LYS A NZ  1 
ATOM   594 N N   . GLY A 1 80  ? 5.93152   -5.82007  8.59827   1.000 60.99715  ? 80  GLY A N   1 
ATOM   595 C CA  . GLY A 1 80  ? 4.97795   -5.06206  7.81228   1.000 55.83013  ? 80  GLY A CA  1 
ATOM   596 C C   . GLY A 1 80  ? 3.59268   -5.02963  8.40918   1.000 55.16439  ? 80  GLY A C   1 
ATOM   597 O O   . GLY A 1 80  ? 2.79997   -4.13997  8.07603   1.000 51.54808  ? 80  GLY A O   1 
ATOM   598 N N   . GLU A 1 81  ? 3.27559   -5.98193  9.27684   1.000 57.24418  ? 81  GLU A N   1 
ATOM   599 C CA  . GLU A 1 81  ? 1.96927   -5.96655  9.92179   1.000 61.16230  ? 81  GLU A CA  1 
ATOM   600 C C   . GLU A 1 81  ? 1.92914   -4.92493  11.02701  1.000 58.15939  ? 81  GLU A C   1 
ATOM   601 O O   . GLU A 1 81  ? 0.91832   -4.23799  11.21172  1.000 66.64928  ? 81  GLU A O   1 
ATOM   602 C CB  . GLU A 1 81  ? 1.64064   -7.35531  10.46694  1.000 64.00870  ? 81  GLU A CB  1 
ATOM   603 C CG  . GLU A 1 81  ? 0.21491   -7.50173  10.96650  1.000 77.89701  ? 81  GLU A CG  1 
ATOM   604 C CD  . GLU A 1 81  ? -0.38867  -8.83889  10.58681  1.000 88.47380  ? 81  GLU A CD  1 
ATOM   605 O OE1 . GLU A 1 81  ? -1.45066  -8.84169  9.92882   1.000 88.87254  ? 81  GLU A OE1 1 
ATOM   606 O OE2 . GLU A 1 81  ? 0.20910   -9.88322  10.93080  1.000 90.85357  ? 81  GLU A OE2 1 
ATOM   607 N N   . ILE A 1 82  ? 3.02349   -4.79189  11.76825  1.000 58.69283  ? 82  ILE A N   1 
ATOM   608 C CA  . ILE A 1 82  ? 3.12636   -3.72675  12.75690  1.000 62.82078  ? 82  ILE A CA  1 
ATOM   609 C C   . ILE A 1 82  ? 3.13032   -2.37801  12.06072  1.000 61.63244  ? 82  ILE A C   1 
ATOM   610 O O   . ILE A 1 82  ? 2.40874   -1.45391  12.44858  1.000 60.13948  ? 82  ILE A O   1 
ATOM   611 C CB  . ILE A 1 82  ? 4.38693   -3.92160  13.61437  1.000 65.90042  ? 82  ILE A CB  1 
ATOM   612 C CG1 . ILE A 1 82  ? 4.40587   -5.33471  14.18632  1.000 68.20934  ? 82  ILE A CG1 1 
ATOM   613 C CG2 . ILE A 1 82  ? 4.43095   -2.90216  14.73594  1.000 70.23989  ? 82  ILE A CG2 1 
ATOM   614 C CD1 . ILE A 1 82  ? 5.64159   -5.64908  14.99555  1.000 71.46969  ? 82  ILE A CD1 1 
ATOM   615 N N   . TYR A 1 83  ? 3.92494   -2.26414  10.99469  1.000 58.17484  ? 83  TYR A N   1 
ATOM   616 C CA  . TYR A 1 83  ? 4.04447   -1.00272  10.27646  1.000 56.77808  ? 83  TYR A CA  1 
ATOM   617 C C   . TYR A 1 83  ? 2.71304   -0.56680  9.67699   1.000 60.80912  ? 83  TYR A C   1 
ATOM   618 O O   . TYR A 1 83  ? 2.37730   0.62201   9.70366   1.000 64.44314  ? 83  TYR A O   1 
ATOM   619 C CB  . TYR A 1 83  ? 5.10507   -1.13865  9.19024   1.000 56.78131  ? 83  TYR A CB  1 
ATOM   620 C CG  . TYR A 1 83  ? 5.33263   0.10892   8.36870   1.000 58.64929  ? 83  TYR A CG  1 
ATOM   621 C CD1 . TYR A 1 83  ? 5.90689   1.24000   8.93030   1.000 67.26516  ? 83  TYR A CD1 1 
ATOM   622 C CD2 . TYR A 1 83  ? 5.00723   0.14287   7.02546   1.000 53.46818  ? 83  TYR A CD2 1 
ATOM   623 C CE1 . TYR A 1 83  ? 6.13235   2.37665   8.17580   1.000 61.14361  ? 83  TYR A CE1 1 
ATOM   624 C CE2 . TYR A 1 83  ? 5.23247   1.27137   6.26368   1.000 52.86021  ? 83  TYR A CE2 1 
ATOM   625 C CZ  . TYR A 1 83  ? 5.79451   2.38277   6.84765   1.000 57.79755  ? 83  TYR A CZ  1 
ATOM   626 O OH  . TYR A 1 83  ? 6.01851   3.50542   6.09569   1.000 61.34572  ? 83  TYR A OH  1 
ATOM   627 N N   . LEU A 1 84  ? 1.95073   -1.50698  9.10991   1.000 49.04176  ? 84  LEU A N   1 
ATOM   628 C CA  . LEU A 1 84  ? 0.64052   -1.15614  8.58267   1.000 47.09124  ? 84  LEU A CA  1 
ATOM   629 C C   . LEU A 1 84  ? -0.24522  -0.59427  9.67831   1.000 59.49959  ? 84  LEU A C   1 
ATOM   630 O O   . LEU A 1 84  ? -0.90567  0.43125   9.48991   1.000 54.49237  ? 84  LEU A O   1 
ATOM   631 C CB  . LEU A 1 84  ? -0.02853  -2.37272  7.95147   1.000 46.37544  ? 84  LEU A CB  1 
ATOM   632 C CG  . LEU A 1 84  ? -1.50644  -2.21627  7.58615   1.000 41.89984  ? 84  LEU A CG  1 
ATOM   633 C CD1 . LEU A 1 84  ? -1.68151  -1.11722  6.58795   1.000 40.97468  ? 84  LEU A CD1 1 
ATOM   634 C CD2 . LEU A 1 84  ? -2.04858  -3.51053  7.00099   1.000 49.06291  ? 84  LEU A CD2 1 
ATOM   635 N N   . ASN A 1 85  ? -0.25642  -1.24559  10.84190  1.000 66.15082  ? 85  ASN A N   1 
ATOM   636 C CA  . ASN A 1 85  ? -1.14616  -0.81742  11.91614  1.000 59.90871  ? 85  ASN A CA  1 
ATOM   637 C C   . ASN A 1 85  ? -0.77828  0.56951   12.43396  1.000 64.40177  ? 85  ASN A C   1 
ATOM   638 O O   . ASN A 1 85  ? -1.66305  1.33958   12.83491  1.000 62.35706  ? 85  ASN A O   1 
ATOM   639 C CB  . ASN A 1 85  ? -1.12276  -1.85026  13.04305  1.000 51.03460  ? 85  ASN A CB  1 
ATOM   640 C CG  . ASN A 1 85  ? -1.71273  -3.18526  12.61710  1.000 68.84415  ? 85  ASN A CG  1 
ATOM   641 O OD1 . ASN A 1 85  ? -2.61373  -3.23835  11.77239  1.000 75.83313  ? 85  ASN A OD1 1 
ATOM   642 N ND2 . ASN A 1 85  ? -1.20660  -4.27135  13.19506  1.000 72.16749  ? 85  ASN A ND2 1 
ATOM   643 N N   . GLU A 1 86  ? 0.51489   0.90552   12.43856  1.000 61.84584  ? 86  GLU A N   1 
ATOM   644 C CA  . GLU A 1 86  ? 0.90768   2.27008   12.76579  1.000 60.96703  ? 86  GLU A CA  1 
ATOM   645 C C   . GLU A 1 86  ? 0.47716   3.22819   11.67557  1.000 59.11409  ? 86  GLU A C   1 
ATOM   646 O O   . GLU A 1 86  ? 0.00920   4.33277   11.96179  1.000 69.19541  ? 86  GLU A O   1 
ATOM   647 C CB  . GLU A 1 86  ? 2.41620   2.36317   12.97775  1.000 66.01563  ? 86  GLU A CB  1 
ATOM   648 C CG  . GLU A 1 86  ? 2.83229   2.12966   14.40698  1.000 80.31225  ? 86  GLU A CG  1 
ATOM   649 C CD  . GLU A 1 86  ? 3.88473   1.05199   14.52852  1.000 92.33036  ? 86  GLU A CD  1 
ATOM   650 O OE1 . GLU A 1 86  ? 4.70035   0.91402   13.59040  1.000 96.38468  ? 86  GLU A OE1 1 
ATOM   651 O OE2 . GLU A 1 86  ? 3.88782   0.33760   15.55549  1.000 96.02215  ? 86  GLU A OE2 1 
ATOM   652 N N   . LEU A 1 87  ? 0.62650   2.81947   10.42004  1.000 59.50854  ? 87  LEU A N   1 
ATOM   653 C CA  . LEU A 1 87  ? 0.28259   3.69676   9.31124   1.000 56.81124  ? 87  LEU A CA  1 
ATOM   654 C C   . LEU A 1 87  ? -1.20502  4.02405   9.31694   1.000 52.31062  ? 87  LEU A C   1 
ATOM   655 O O   . LEU A 1 87  ? -1.59965  5.16372   9.04670   1.000 53.52885  ? 87  LEU A O   1 
ATOM   656 C CB  . LEU A 1 87  ? 0.70117   3.03971   7.99804   1.000 59.50848  ? 87  LEU A CB  1 
ATOM   657 C CG  . LEU A 1 87  ? 1.42379   3.88134   6.94519   1.000 63.53423  ? 87  LEU A CG  1 
ATOM   658 C CD1 . LEU A 1 87  ? 2.52882   4.74653   7.56123   1.000 66.20327  ? 87  LEU A CD1 1 
ATOM   659 C CD2 . LEU A 1 87  ? 1.99007   2.95848   5.87611   1.000 47.99703  ? 87  LEU A CD2 1 
ATOM   660 N N   . ILE A 1 88  ? -2.04523  3.04143   9.63794   1.000 49.10681  ? 88  ILE A N   1 
ATOM   661 C CA  . ILE A 1 88  ? -3.48162  3.29446   9.72427   1.000 56.08853  ? 88  ILE A CA  1 
ATOM   662 C C   . ILE A 1 88  ? -3.78542  4.28466   10.84358  1.000 60.20220  ? 88  ILE A C   1 
ATOM   663 O O   . ILE A 1 88  ? -4.58013  5.21233   10.66731  1.000 56.51212  ? 88  ILE A O   1 
ATOM   664 C CB  . ILE A 1 88  ? -4.25124  1.97663   9.91956   1.000 55.30715  ? 88  ILE A CB  1 
ATOM   665 C CG1 . ILE A 1 88  ? -4.12916  1.07666   8.68109   1.000 47.98150  ? 88  ILE A CG1 1 
ATOM   666 C CG2 . ILE A 1 88  ? -5.71120  2.26346   10.25218  1.000 53.65778  ? 88  ILE A CG2 1 
ATOM   667 C CD1 . ILE A 1 88  ? -4.73664  -0.33023  8.87517   1.000 42.12979  ? 88  ILE A CD1 1 
ATOM   668 N N   . SER A 1 89  ? -3.16251  4.10513   12.01033  1.000 61.24450  ? 89  SER A N   1 
ATOM   669 C CA  . SER A 1 89  ? -3.38867  5.02758   13.11932  1.000 62.75702  ? 89  SER A CA  1 
ATOM   670 C C   . SER A 1 89  ? -2.86788  6.42335   12.79620  1.000 64.47354  ? 89  SER A C   1 
ATOM   671 O O   . SER A 1 89  ? -3.51548  7.42546   13.13250  1.000 69.52756  ? 89  SER A O   1 
ATOM   672 C CB  . SER A 1 89  ? -2.73781  4.48913   14.39113  1.000 66.54656  ? 89  SER A CB  1 
ATOM   673 O OG  . SER A 1 89  ? -2.58406  5.51607   15.35259  1.000 80.71309  ? 89  SER A OG  1 
ATOM   674 N N   . GLU A 1 90  ? -1.70413  6.50751   12.14364  1.000 59.57044  ? 90  GLU A N   1 
ATOM   675 C CA  . GLU A 1 90  ? -1.19521  7.79597   11.68191  1.000 56.50164  ? 90  GLU A CA  1 
ATOM   676 C C   . GLU A 1 90  ? -2.17373  8.45311   10.72394  1.000 49.38490  ? 90  GLU A C   1 
ATOM   677 O O   . GLU A 1 90  ? -2.54405  9.61498   10.90109  1.000 58.19144  ? 90  GLU A O   1 
ATOM   678 C CB  . GLU A 1 90  ? 0.16734   7.62817   11.00548  1.000 67.90464  ? 90  GLU A CB  1 
ATOM   679 C CG  . GLU A 1 90  ? 1.36885   7.84637   11.91011  1.000 84.72092  ? 90  GLU A CG  1 
ATOM   680 C CD  . GLU A 1 90  ? 1.31383   9.17404   12.64307  1.000 96.75174  ? 90  GLU A CD  1 
ATOM   681 O OE1 . GLU A 1 90  ? 1.28713   9.17116   13.89452  1.000 100.22425 ? 90  GLU A OE1 1 
ATOM   682 O OE2 . GLU A 1 90  ? 1.28268   10.22211  11.96502  1.000 100.74285 ? 90  GLU A OE2 1 
ATOM   683 N N   . TRP A 1 91  ? -2.61614  7.71382   9.70876   1.000 47.78578  ? 91  TRP A N   1 
ATOM   684 C CA  . TRP A 1 91  ? -3.53768  8.25400   8.71517   1.000 45.84522  ? 91  TRP A CA  1 
ATOM   685 C C   . TRP A 1 91  ? -4.77966  8.86466   9.35433   1.000 46.71584  ? 91  TRP A C   1 
ATOM   686 O O   . TRP A 1 91  ? -5.17961  9.98329   9.01062   1.000 47.78080  ? 91  TRP A O   1 
ATOM   687 C CB  . TRP A 1 91  ? -3.94113  7.15252   7.73343   1.000 39.87214  ? 91  TRP A CB  1 
ATOM   688 C CG  . TRP A 1 91  ? -4.89973  7.62618   6.68798   1.000 37.09249  ? 91  TRP A CG  1 
ATOM   689 C CD1 . TRP A 1 91  ? -6.19729  7.26244   6.53642   1.000 31.11061  ? 91  TRP A CD1 1 
ATOM   690 C CD2 . TRP A 1 91  ? -4.62876  8.59026   5.66288   1.000 40.47950  ? 91  TRP A CD2 1 
ATOM   691 N NE1 . TRP A 1 91  ? -6.74970  7.92835   5.46744   1.000 38.75627  ? 91  TRP A NE1 1 
ATOM   692 C CE2 . TRP A 1 91  ? -5.79927  8.75133   4.92297   1.000 37.90037  ? 91  TRP A CE2 1 
ATOM   693 C CE3 . TRP A 1 91  ? -3.50161  9.33005   5.30536   1.000 43.08597  ? 91  TRP A CE3 1 
ATOM   694 C CZ2 . TRP A 1 91  ? -5.87184  9.60235   3.83380   1.000 42.24213  ? 91  TRP A CZ2 1 
ATOM   695 C CZ3 . TRP A 1 91  ? -3.58439  10.17298  4.23331   1.000 41.15655  ? 91  TRP A CZ3 1 
ATOM   696 C CH2 . TRP A 1 91  ? -4.75356  10.29748  3.51026   1.000 38.24459  ? 91  TRP A CH2 1 
ATOM   697 N N   . ASN A 1 92  ? -5.41639  8.14157   10.27485  1.000 51.64779  ? 92  ASN A N   1 
ATOM   698 C CA  . ASN A 1 92  ? -6.67731  8.62687   10.84029  1.000 47.63372  ? 92  ASN A CA  1 
ATOM   699 C C   . ASN A 1 92  ? -6.47615  9.91267   11.62399  1.000 51.42802  ? 92  ASN A C   1 
ATOM   700 O O   . ASN A 1 92  ? -7.13322  10.92171  11.35765  1.000 64.44916  ? 92  ASN A O   1 
ATOM   701 C CB  . ASN A 1 92  ? -7.30664  7.56634   11.72778  1.000 40.78710  ? 92  ASN A CB  1 
ATOM   702 C CG  . ASN A 1 92  ? -7.73171  6.36636   10.95265  1.000 56.23479  ? 92  ASN A CG  1 
ATOM   703 O OD1 . ASN A 1 92  ? -8.00872  6.45738   9.75502   1.000 62.64258  ? 92  ASN A OD1 1 
ATOM   704 N ND2 . ASN A 1 92  ? -7.78124  5.22130   11.61822  1.000 53.00348  ? 92  ASN A ND2 1 
ATOM   705 N N   . ASN A 1 93  ? -5.57447  9.89942   12.59784  1.000 53.52228  ? 93  ASN A N   1 
ATOM   706 C CA  . ASN A 1 93  ? -5.40132  11.08444  13.41555  1.000 60.18164  ? 93  ASN A CA  1 
ATOM   707 C C   . ASN A 1 93  ? -4.74960  12.22015  12.62482  1.000 56.86728  ? 93  ASN A C   1 
ATOM   708 O O   . ASN A 1 93  ? -4.89131  13.38654  12.99761  1.000 55.41678  ? 93  ASN A O   1 
ATOM   709 C CB  . ASN A 1 93  ? -4.65402  10.68224  14.69726  1.000 76.21457  ? 93  ASN A CB  1 
ATOM   710 C CG  . ASN A 1 93  ? -3.30034  11.33472  14.84623  1.000 90.93546  ? 93  ASN A CG  1 
ATOM   711 O OD1 . ASN A 1 93  ? -3.19181  12.51102  15.21288  1.000 96.92936  ? 93  ASN A OD1 1 
ATOM   712 N ND2 . ASN A 1 93  ? -2.24909  10.55049  14.62792  1.000 94.08129  ? 93  ASN A ND2 1 
ATOM   713 N N   . PHE A 1 94  ? -4.12054  11.91529  11.49292  1.000 55.98841  ? 94  PHE A N   1 
ATOM   714 C CA  . PHE A 1 94  ? -3.61501  12.96148  10.61149  1.000 49.89067  ? 94  PHE A CA  1 
ATOM   715 C C   . PHE A 1 94  ? -4.75663  13.66543  9.88156   1.000 43.82993  ? 94  PHE A C   1 
ATOM   716 O O   . PHE A 1 94  ? -4.87841  14.89289  9.92976   1.000 47.76385  ? 94  PHE A O   1 
ATOM   717 C CB  . PHE A 1 94  ? -2.62695  12.34609  9.61832   1.000 52.88972  ? 94  PHE A CB  1 
ATOM   718 C CG  . PHE A 1 94  ? -2.06368  13.32043  8.62602   1.000 54.25395  ? 94  PHE A CG  1 
ATOM   719 C CD1 . PHE A 1 94  ? -1.09119  14.22332  9.00425   1.000 57.33625  ? 94  PHE A CD1 1 
ATOM   720 C CD2 . PHE A 1 94  ? -2.49482  13.31205  7.31299   1.000 54.04305  ? 94  PHE A CD2 1 
ATOM   721 C CE1 . PHE A 1 94  ? -0.56517  15.11364  8.09696   1.000 60.42914  ? 94  PHE A CE1 1 
ATOM   722 C CE2 . PHE A 1 94  ? -1.96705  14.19864  6.39961   1.000 56.93768  ? 94  PHE A CE2 1 
ATOM   723 C CZ  . PHE A 1 94  ? -1.00170  15.09498  6.79250   1.000 52.97970  ? 94  PHE A CZ  1 
ATOM   724 N N   . THR A 1 95  ? -5.59876  12.89698  9.19314   1.000 39.98546  ? 95  THR A N   1 
ATOM   725 C CA  . THR A 1 95  ? -6.76680  13.44806  8.51276   1.000 43.01346  ? 95  THR A CA  1 
ATOM   726 C C   . THR A 1 95  ? -7.77453  14.06774  9.48110   1.000 49.91836  ? 95  THR A C   1 
ATOM   727 O O   . THR A 1 95  ? -8.47909  15.02207  9.10931   1.000 49.20506  ? 95  THR A O   1 
ATOM   728 C CB  . THR A 1 95  ? -7.43295  12.35017  7.68742   1.000 51.58959  ? 95  THR A CB  1 
ATOM   729 O OG1 . THR A 1 95  ? -7.89116  11.30775  8.56175   1.000 60.07717  ? 95  THR A OG1 1 
ATOM   730 C CG2 . THR A 1 95  ? -6.43068  11.76109  6.71019   1.000 48.42549  ? 95  THR A CG2 1 
ATOM   731 N N   . ASP A 1 96  ? -7.87893  13.54072  10.71050  1.000 49.00058  ? 96  ASP A N   1 
ATOM   732 C CA  . ASP A 1 96  ? -8.68737  14.21364  11.73236  1.000 54.49860  ? 96  ASP A CA  1 
ATOM   733 C C   . ASP A 1 96  ? -8.14135  15.60560  12.02963  1.000 55.90305  ? 96  ASP A C   1 
ATOM   734 O O   . ASP A 1 96  ? -8.90556  16.56486  12.18268  1.000 50.68794  ? 96  ASP A O   1 
ATOM   735 C CB  . ASP A 1 96  ? -8.72578  13.38710  13.02363  1.000 59.26754  ? 96  ASP A CB  1 
ATOM   736 C CG  . ASP A 1 96  ? -9.56211  12.11578  12.89293  1.000 71.82580  ? 96  ASP A CG  1 
ATOM   737 O OD1 . ASP A 1 96  ? -9.85874  11.71531  11.74543  1.000 78.25615  ? 96  ASP A OD1 1 
ATOM   738 O OD2 . ASP A 1 96  ? -9.92748  11.51653  13.93775  1.000 65.20852  ? 96  ASP A OD2 1 
ATOM   739 N N   . SER A 1 97  ? -6.81791  15.72348  12.13416  1.000 42.59578  ? 97  SER A N   1 
ATOM   740 C CA  . SER A 1 97  ? -6.18323  17.00318  12.40511  1.000 51.87344  ? 97  SER A CA  1 
ATOM   741 C C   . SER A 1 97  ? -6.42398  17.99066  11.26889  1.000 46.99080  ? 97  SER A C   1 
ATOM   742 O O   . SER A 1 97  ? -6.75902  19.15339  11.50589  1.000 48.49845  ? 97  SER A O   1 
ATOM   743 C CB  . SER A 1 97  ? -4.69135  16.78736  12.63329  1.000 50.44062  ? 97  SER A CB  1 
ATOM   744 O OG  . SER A 1 97  ? -4.47411  16.03516  13.81260  1.000 60.76558  ? 97  SER A OG  1 
ATOM   745 N N   . VAL A 1 98  ? -6.25000  17.54322  10.02883  1.000 43.14736  ? 98  VAL A N   1 
ATOM   746 C CA  . VAL A 1 98  ? -6.46131  18.41268  8.87446   1.000 45.60153  ? 98  VAL A CA  1 
ATOM   747 C C   . VAL A 1 98  ? -7.90270  18.90532  8.82747   1.000 41.39092  ? 98  VAL A C   1 
ATOM   748 O O   . VAL A 1 98  ? -8.16242  20.09707  8.62568   1.000 53.29686  ? 98  VAL A O   1 
ATOM   749 C CB  . VAL A 1 98  ? -6.05581  17.66502  7.59096   1.000 42.31626  ? 98  VAL A CB  1 
ATOM   750 C CG1 . VAL A 1 98  ? -6.54165  18.37431  6.36816   1.000 44.76686  ? 98  VAL A CG1 1 
ATOM   751 C CG2 . VAL A 1 98  ? -4.56094  17.55198  7.53679   1.000 53.81029  ? 98  VAL A CG2 1 
ATOM   752 N N   . ALA A 1 99  ? -8.85834  18.00948  9.06012   1.000 38.95419  ? 99  ALA A N   1 
ATOM   753 C CA  . ALA A 1 99  ? -10.26541 18.39518  9.08015   1.000 40.72882  ? 99  ALA A CA  1 
ATOM   754 C C   . ALA A 1 99  ? -10.58270 19.38050  10.19236  1.000 49.23890  ? 99  ALA A C   1 
ATOM   755 O O   . ALA A 1 99  ? -11.45835 20.23863  10.01618  1.000 58.50021  ? 99  ALA A O   1 
ATOM   756 C CB  . ALA A 1 99  ? -11.13894 17.15286  9.20962   1.000 46.68343  ? 99  ALA A CB  1 
ATOM   757 N N   . LYS A 1 100 ? -9.88842  19.30168  11.33563  1.000 46.04557  ? 100 LYS A N   1 
ATOM   758 C CA  . LYS A 1 100 ? -10.03985 20.36786  12.32912  1.000 50.38987  ? 100 LYS A CA  1 
ATOM   759 C C   . LYS A 1 100 ? -9.51766  21.69544  11.81065  1.000 55.36580  ? 100 LYS A C   1 
ATOM   760 O O   . LYS A 1 100 ? -9.94913  22.75327  12.28231  1.000 56.42585  ? 100 LYS A O   1 
ATOM   761 C CB  . LYS A 1 100 ? -9.32178  20.02396  13.63083  1.000 64.71740  ? 100 LYS A CB  1 
ATOM   762 C CG  . LYS A 1 100 ? -10.10940 19.16649  14.60548  1.000 62.93590  ? 100 LYS A CG  1 
ATOM   763 C CD  . LYS A 1 100 ? -9.14748  18.39200  15.51100  1.000 63.26671  ? 100 LYS A CD  1 
ATOM   764 C CE  . LYS A 1 100 ? -9.87614  17.46810  16.46688  1.000 75.83227  ? 100 LYS A CE  1 
ATOM   765 N NZ  . LYS A 1 100 ? -8.92004  16.71384  17.33626  1.000 83.57891  ? 100 LYS A NZ  1 
ATOM   766 N N   . LEU A 1 101 ? -8.56168  21.67485  10.87836  1.000 58.63088  ? 101 LEU A N   1 
ATOM   767 C CA  . LEU A 1 101 ? -8.13078  22.94044  10.29195  1.000 66.18232  ? 101 LEU A CA  1 
ATOM   768 C C   . LEU A 1 101 ? -9.13301  23.42040  9.25519   1.000 70.02122  ? 101 LEU A C   1 
ATOM   769 O O   . LEU A 1 101 ? -9.62365  24.55131  9.33056   1.000 79.41778  ? 101 LEU A O   1 
ATOM   770 C CB  . LEU A 1 101 ? -6.74352  22.80485  9.66515   1.000 57.21330  ? 101 LEU A CB  1 
ATOM   771 C CG  . LEU A 1 101 ? -6.24984  24.03343  8.88628   1.000 51.27294  ? 101 LEU A CG  1 
ATOM   772 C CD1 . LEU A 1 101 ? -6.57751  25.34425  9.59838   1.000 63.93623  ? 101 LEU A CD1 1 
ATOM   773 C CD2 . LEU A 1 101 ? -4.78169  23.94567  8.71521   1.000 50.95983  ? 101 LEU A CD2 1 
ATOM   774 N N   . LEU A 1 102 ? -9.46750  22.55831  8.29676   1.000 61.21819  ? 102 LEU A N   1 
ATOM   775 C CA  . LEU A 1 102 ? -10.27848 22.96763  7.15799   1.000 65.04073  ? 102 LEU A CA  1 
ATOM   776 C C   . LEU A 1 102 ? -11.67814 23.45464  7.53176   1.000 72.98260  ? 102 LEU A C   1 
ATOM   777 O O   . LEU A 1 102 ? -12.31105 24.12673  6.71060   1.000 80.14405  ? 102 LEU A O   1 
ATOM   778 C CB  . LEU A 1 102 ? -10.37928 21.81045  6.17353   1.000 56.59387  ? 102 LEU A CB  1 
ATOM   779 C CG  . LEU A 1 102 ? -9.49511  21.93128  4.93587   1.000 59.32724  ? 102 LEU A CG  1 
ATOM   780 C CD1 . LEU A 1 102 ? -8.14155  22.51825  5.25097   1.000 55.03729  ? 102 LEU A CD1 1 
ATOM   781 C CD2 . LEU A 1 102 ? -9.35483  20.55619  4.30535   1.000 59.28240  ? 102 LEU A CD2 1 
ATOM   782 N N   . THR A 1 103 ? -12.19134 23.13333  8.72828   1.000 76.53722  ? 103 THR A N   1 
ATOM   783 C CA  . THR A 1 103 ? -13.51332 23.61006  9.13655   1.000 78.30137  ? 103 THR A CA  1 
ATOM   784 C C   . THR A 1 103 ? -13.46087 24.48565  10.38676  1.000 89.69701  ? 103 THR A C   1 
ATOM   785 O O   . THR A 1 103 ? -14.46185 24.63547  11.08915  1.000 97.79251  ? 103 THR A O   1 
ATOM   786 C CB  . THR A 1 103 ? -14.49153 22.45900  9.35378   1.000 82.96827  ? 103 THR A CB  1 
ATOM   787 O OG1 . THR A 1 103 ? -14.08053 21.30714  8.60381   1.000 76.90471  ? 103 THR A OG1 1 
ATOM   788 C CG2 . THR A 1 103 ? -15.89006 22.88202  8.89797   1.000 84.31677  ? 103 THR A CG2 1 
ATOM   789 N N   . GLU A 1 104 ? -12.30469 25.08658  10.67328  1.000 97.31770  ? 104 GLU A N   1 
ATOM   790 C CA  . GLU A 1 104 ? -12.20444 26.15664  11.65697  1.000 107.42969 ? 104 GLU A CA  1 
ATOM   791 C C   . GLU A 1 104 ? -11.41189 27.28439  10.99918  1.000 108.27581 ? 104 GLU A C   1 
ATOM   792 O O   . GLU A 1 104 ? -10.31090 27.64437  11.42174  1.000 108.86697 ? 104 GLU A O   1 
ATOM   793 C CB  . GLU A 1 104 ? -11.55485 25.69479  12.96229  1.000 111.81919 ? 104 GLU A CB  1 
ATOM   794 C CG  . GLU A 1 104 ? -12.46979 25.81867  14.17613  1.000 116.63142 ? 104 GLU A CG  1 
ATOM   795 C CD  . GLU A 1 104 ? -13.56461 24.76632  14.18671  1.000 115.05909 ? 104 GLU A CD  1 
ATOM   796 O OE1 . GLU A 1 104 ? -14.75473 25.13498  14.11300  1.000 114.07859 ? 104 GLU A OE1 1 
ATOM   797 O OE2 . GLU A 1 104 ? -13.22845 23.56277  14.25645  1.000 112.85710 ? 104 GLU A OE2 1 
ATOM   798 N N   . GLY A 1 105 ? -11.98628 27.83614  9.93444   1.000 109.47841 ? 105 GLY A N   1 
ATOM   799 C CA  . GLY A 1 105 ? -11.36958 28.93026  9.21026   1.000 109.44034 ? 105 GLY A CA  1 
ATOM   800 C C   . GLY A 1 105 ? -11.94718 29.18897  7.82628   1.000 103.88645 ? 105 GLY A C   1 
ATOM   801 O O   . GLY A 1 105 ? -11.26521 29.71722  6.93572   1.000 94.43655  ? 105 GLY A O   1 
HETATM 802 O O   . HOH B 2 .   ? 13.40303  0.67027   -3.31952  1.000 48.93849  ? 201 HOH A O   1 
HETATM 803 O O   . HOH B 2 .   ? 3.81528   -9.55756  -9.49019  1.000 49.38638  ? 202 HOH A O   1 
HETATM 804 O O   . HOH B 2 .   ? -14.16696 3.59442   -4.93183  0.50  42.41177  ? 203 HOH A O   1 
HETATM 805 O O   . HOH B 2 .   ? -11.50741 -4.61431  -2.00864  1.000 51.30620  ? 204 HOH A O   1 
HETATM 806 O O   . HOH B 2 .   ? -5.24873  -0.65791  -12.84438 1.000 77.43811  ? 205 HOH A O   1 
HETATM 807 O O   . HOH B 2 .   ? 9.56720   -9.31388  9.96221   1.000 55.09974  ? 206 HOH A O   1 
HETATM 808 O O   . HOH B 2 .   ? -1.88823  -11.73989 6.43971   1.000 82.19900  ? 207 HOH A O   1 
HETATM 809 O O   . HOH B 2 .   ? -10.95302 14.72281  18.80626  1.000 43.02245  ? 208 HOH A O   1 
HETATM 810 O O   . HOH B 2 .   ? 13.93534  0.40172   -6.01594  1.000 67.64365  ? 209 HOH A O   1 
HETATM 811 O O   . HOH B 2 .   ? 10.52272  -6.58635  -5.55893  1.000 47.24244  ? 210 HOH A O   1 
HETATM 812 O O   . HOH B 2 .   ? 3.29272   -11.07572 -11.61654 1.000 68.68085  ? 211 HOH A O   1 
HETATM 813 O O   . HOH B 2 .   ? -5.43649  17.63483  16.59892  0.50  53.28905  ? 212 HOH A O   1 
HETATM 814 O O   . HOH B 2 .   ? 8.93825   -4.11313  -9.85952  1.000 59.58994  ? 213 HOH A O   1 
HETATM 815 O O   . HOH B 2 .   ? 10.27805  -13.80296 -5.49536  1.000 49.13123  ? 214 HOH A O   1 
HETATM 816 O O   . HOH B 2 .   ? -2.64976  5.73493   -16.69362 1.000 61.11203  ? 215 HOH A O   1 
HETATM 817 O O   . HOH B 2 .   ? -10.13388 6.26033   6.49492   1.000 59.94181  ? 216 HOH A O   1 
HETATM 818 O O   . HOH B 2 .   ? 11.89125  -10.94265 5.11351   1.000 56.71556  ? 217 HOH A O   1 
# 
loop_
_atom_site_anisotrop.id 
_atom_site_anisotrop.type_symbol 
_atom_site_anisotrop.pdbx_label_atom_id 
_atom_site_anisotrop.pdbx_label_alt_id 
_atom_site_anisotrop.pdbx_label_comp_id 
_atom_site_anisotrop.pdbx_label_asym_id 
_atom_site_anisotrop.pdbx_label_seq_id 
_atom_site_anisotrop.pdbx_PDB_ins_code 
_atom_site_anisotrop.U[1][1] 
_atom_site_anisotrop.U[2][2] 
_atom_site_anisotrop.U[3][3] 
_atom_site_anisotrop.U[1][2] 
_atom_site_anisotrop.U[1][3] 
_atom_site_anisotrop.U[2][3] 
_atom_site_anisotrop.pdbx_auth_seq_id 
_atom_site_anisotrop.pdbx_auth_comp_id 
_atom_site_anisotrop.pdbx_auth_asym_id 
_atom_site_anisotrop.pdbx_auth_atom_id 
1   N N   . PRO A 5   ? 1.42923 1.02418 1.31877 -0.34153 0.05617  0.30803  5   PRO A N   
2   C CA  . PRO A 5   ? 1.33676 0.89892 1.25407 -0.32859 0.05494  0.27252  5   PRO A CA  
3   C C   . PRO A 5   ? 1.26002 0.89306 1.18721 -0.33127 0.08247  0.25390  5   PRO A C   
4   O O   . PRO A 5   ? 1.18307 0.86992 1.09670 -0.32021 0.10488  0.24842  5   PRO A O   
5   C CB  . PRO A 5   ? 1.33644 0.84753 1.25455 -0.29261 0.04832  0.25164  5   PRO A CB  
6   C CG  . PRO A 5   ? 1.37009 0.85522 1.26942 -0.29129 0.03028  0.28072  5   PRO A CG  
7   C CD  . PRO A 5   ? 1.47878 1.01360 1.35646 -0.32561 0.03350  0.31813  5   PRO A CD  
8   N N   . GLN A 6   ? 1.27365 0.90446 1.22297 -0.34481 0.07826  0.24267  6   GLN A N   
9   C CA  . GLN A 6   ? 1.25654 0.95982 1.22001 -0.35009 0.10041  0.22952  6   GLN A CA  
10  C C   . GLN A 6   ? 1.32144 1.01263 1.29313 -0.32735 0.10726  0.19006  6   GLN A C   
11  O O   . GLN A 6   ? 1.32062 1.07629 1.30130 -0.32470 0.12756  0.17636  6   GLN A O   
12  C CB  . GLN A 6   ? 1.34908 1.06459 1.33151 -0.38109 0.08996  0.24271  6   GLN A CB  
13  C CG  . GLN A 6   ? 1.49042 1.13270 1.46913 -0.39879 0.05802  0.26200  6   GLN A CG  
14  C CD  . GLN A 6   ? 1.56589 1.17697 1.56327 -0.41886 0.03701  0.25370  6   GLN A CD  
15  O OE1 . GLN A 6   ? 1.58255 1.24156 1.59719 -0.42666 0.04742  0.24258  6   GLN A OE1 
16  N NE2 . GLN A 6   ? 1.64252 1.17122 1.63580 -0.42601 0.00466  0.25784  6   GLN A NE2 
17  N N   . PHE A 7   ? 1.32429 0.93741 1.29260 -0.30773 0.09191  0.16973  7   PHE A N   
18  C CA  . PHE A 7   ? 1.31287 0.92090 1.28112 -0.28239 0.10577  0.13110  7   PHE A CA  
19  C C   . PHE A 7   ? 1.27450 0.93589 1.23725 -0.26084 0.13318  0.12341  7   PHE A C   
20  O O   . PHE A 7   ? 1.27577 0.96740 1.25051 -0.23729 0.14725  0.09463  7   PHE A O   
21  C CB  . PHE A 7   ? 1.33354 0.85543 1.29923 -0.25610 0.08995  0.10768  7   PHE A CB  
22  C CG  . PHE A 7   ? 1.30768 0.77334 1.27152 -0.24949 0.06665  0.12812  7   PHE A CG  
23  C CD1 . PHE A 7   ? 1.30999 0.78123 1.26675 -0.23221 0.07294  0.13965  7   PHE A CD1 
24  C CD2 . PHE A 7   ? 1.18108 0.58494 1.15265 -0.25660 0.03849  0.13179  7   PHE A CD2 
25  C CE1 . PHE A 7   ? 1.28239 0.70407 1.24165 -0.22417 0.04958  0.15879  7   PHE A CE1 
26  C CE2 . PHE A 7   ? 1.15948 0.51317 1.13168 -0.24639 0.02038  0.14721  7   PHE A CE2 
27  C CZ  . PHE A 7   ? 1.16983 0.53461 1.13731 -0.23006 0.02581  0.16170  7   PHE A CZ  
28  N N   . LYS A 8   ? 1.24808 0.92995 1.19552 -0.26401 0.13566  0.14819  8   LYS A N   
29  C CA  . LYS A 8   ? 1.14832 0.87675 1.09151 -0.23477 0.15139  0.13644  8   LYS A CA  
30  C C   . LYS A 8   ? 1.09413 0.90571 1.04225 -0.23625 0.17473  0.12678  8   LYS A C   
31  O O   . LYS A 8   ? 1.05852 0.90192 1.00796 -0.20805 0.18469  0.10769  8   LYS A O   
32  C CB  . LYS A 8   ? 1.18341 0.90266 1.10097 -0.23710 0.14275  0.16398  8   LYS A CB  
33  C CG  . LYS A 8   ? 1.28074 0.91681 1.19825 -0.23511 0.11599  0.17692  8   LYS A CG  
34  C CD  . LYS A 8   ? 1.31344 0.93887 1.21133 -0.22361 0.10475  0.19525  8   LYS A CD  
35  C CE  . LYS A 8   ? 1.35871 0.90278 1.26785 -0.21215 0.07717  0.20260  8   LYS A CE  
36  N NZ  . LYS A 8   ? 1.31424 0.84801 1.20960 -0.19878 0.06224  0.22020  8   LYS A NZ  
37  N N   . LYS A 9   ? 1.12879 0.97544 1.08385 -0.26769 0.18086  0.13976  9   LYS A N   
38  C CA  . LYS A 9   ? 1.17588 1.11029 1.14127 -0.26415 0.20171  0.13270  9   LYS A CA  
39  C C   . LYS A 9   ? 1.06894 1.01614 1.05925 -0.24689 0.20809  0.09975  9   LYS A C   
40  O O   . LYS A 9   ? 1.05785 1.04716 1.05363 -0.22051 0.22038  0.08021  9   LYS A O   
41  C CB  . LYS A 9   ? 1.31864 1.30103 1.29752 -0.28974 0.19921  0.16042  9   LYS A CB  
42  C CG  . LYS A 9   ? 1.31326 1.39046 1.30294 -0.27824 0.22172  0.15666  9   LYS A CG  
43  C CD  . LYS A 9   ? 1.27293 1.37903 1.22956 -0.25595 0.23832  0.15093  9   LYS A CD  
44  C CE  . LYS A 9   ? 1.19241 1.38801 1.15537 -0.23949 0.25989  0.14587  9   LYS A CE  
45  N NZ  . LYS A 9   ? 1.09398 1.31344 1.01561 -0.21576 0.27350  0.13591  9   LYS A NZ  
46  N N   . GLY A 10  ? 1.01854 0.92865 1.02280 -0.25799 0.19427  0.09279  10  GLY A N   
47  C CA  . GLY A 10  ? 0.96666 0.88496 0.98857 -0.24324 0.19861  0.06396  10  GLY A CA  
48  C C   . GLY A 10  ? 0.93969 0.83618 0.96023 -0.20486 0.19977  0.04166  10  GLY A C   
49  O O   . GLY A 10  ? 1.01405 0.93063 1.04911 -0.18799 0.20400  0.02145  10  GLY A O   
50  N N   . VAL A 11  ? 0.79119 0.64980 0.79738 -0.19255 0.19389  0.04878  11  VAL A N   
51  C CA  . VAL A 11  ? 0.78380 0.62794 0.79542 -0.15906 0.19292  0.03338  11  VAL A CA  
52  C C   . VAL A 11  ? 0.77833 0.67133 0.79162 -0.14171 0.20063  0.02848  11  VAL A C   
53  O O   . VAL A 11  ? 0.78270 0.68073 0.81027 -0.11810 0.19942  0.01380  11  VAL A O   
54  C CB  . VAL A 11  ? 0.66395 0.44890 0.66547 -0.15286 0.17974  0.04424  11  VAL A CB  
55  C CG1 . VAL A 11  ? 0.68742 0.46997 0.69944 -0.12133 0.17755  0.03634  11  VAL A CG1 
56  C CG2 . VAL A 11  ? 0.83193 0.56259 0.83469 -0.15808 0.17033  0.03760  11  VAL A CG2 
57  N N   . LEU A 12  ? 0.68314 0.61273 0.68108 -0.15260 0.20744  0.04076  12  LEU A N   
58  C CA  . LEU A 12  ? 0.74603 0.71742 0.73906 -0.13181 0.21295  0.03020  12  LEU A CA  
59  C C   . LEU A 12  ? 0.66014 0.67057 0.67909 -0.11970 0.21902  0.00963  12  LEU A C   
60  O O   . LEU A 12  ? 0.68223 0.70046 0.70816 -0.09486 0.21404  -0.00607 12  LEU A O   
61  C CB  . LEU A 12  ? 0.78177 0.79384 0.74884 -0.14428 0.22344  0.04556  12  LEU A CB  
62  C CG  . LEU A 12  ? 0.79992 0.79459 0.73265 -0.13385 0.21553  0.05338  12  LEU A CG  
63  C CD1 . LEU A 12  ? 0.77262 0.70091 0.70206 -0.14244 0.19865  0.06998  12  LEU A CD1 
64  C CD2 . LEU A 12  ? 0.93809 0.98300 0.83910 -0.14777 0.23003  0.07052  12  LEU A CD2 
65  N N   . GLU A 13  ? 0.55716 0.59036 0.59173 -0.13863 0.22568  0.01136  13  GLU A N   
66  C CA  . GLU A 13  ? 0.61794 0.68544 0.67923 -0.12915 0.22783  -0.00509 13  GLU A CA  
67  C C   . GLU A 13  ? 0.66676 0.70097 0.73978 -0.11090 0.21727  -0.01776 13  GLU A C   
68  O O   . GLU A 13  ? 0.67755 0.73175 0.76697 -0.09177 0.21345  -0.03018 13  GLU A O   
69  C CB  . GLU A 13  ? 0.72025 0.80783 0.79564 -0.15651 0.23033  0.00219  13  GLU A CB  
70  C CG  . GLU A 13  ? 0.66386 0.78273 0.76554 -0.14708 0.22499  -0.01114 13  GLU A CG  
71  C CD  . GLU A 13  ? 0.74624 0.90070 0.86275 -0.16904 0.22076  0.00004  13  GLU A CD  
72  O OE1 . GLU A 13  ? 0.81794 0.95008 0.93886 -0.18477 0.21156  -0.00223 13  GLU A OE1 
73  O OE2 . GLU A 13  ? 0.75927 0.96553 0.88344 -0.17043 0.22749  0.01151  13  GLU A OE2 
74  N N   . LEU A 14  ? 0.57729 0.56194 0.64336 -0.11543 0.21175  -0.01344 14  LEU A N   
75  C CA  . LEU A 14  ? 0.48921 0.45236 0.56749 -0.09917 0.20597  -0.02182 14  LEU A CA  
76  C C   . LEU A 14  ? 0.50631 0.46213 0.58981 -0.07706 0.19823  -0.02154 14  LEU A C   
77  O O   . LEU A 14  ? 0.50900 0.47270 0.61208 -0.06318 0.19238  -0.02634 14  LEU A O   
78  C CB  . LEU A 14  ? 0.54478 0.46181 0.61328 -0.10614 0.20453  -0.02027 14  LEU A CB  
79  C CG  . LEU A 14  ? 0.58802 0.48795 0.66637 -0.08700 0.20346  -0.02663 14  LEU A CG  
80  C CD1 . LEU A 14  ? 0.51673 0.44740 0.60772 -0.08387 0.20532  -0.03490 14  LEU A CD1 
81  C CD2 . LEU A 14  ? 0.76867 0.62205 0.83268 -0.08894 0.20295  -0.02974 14  LEU A CD2 
82  N N   . CYS A 15  ? 0.49160 0.43146 0.55787 -0.07596 0.19473  -0.01317 15  CYS A N   
83  C CA  . CYS A 15  ? 0.54349 0.47404 0.61353 -0.05722 0.18190  -0.01290 15  CYS A CA  
84  C C   . CYS A 15  ? 0.64183 0.60343 0.71482 -0.04477 0.17685  -0.02537 15  CYS A C   
85  O O   . CYS A 15  ? 0.59676 0.55273 0.68587 -0.02965 0.16156  -0.02947 15  CYS A O   
86  C CB  . CYS A 15  ? 0.56514 0.46953 0.61099 -0.06018 0.17609  -0.00027 15  CYS A CB  
87  S SG  . CYS A 15  ? 0.77078 0.62923 0.81612 -0.06979 0.17630  0.01302  15  CYS A SG  
88  N N   . CYS A 16  ? 0.53054 0.52552 0.59065 -0.05031 0.18791  -0.03086 16  CYS A N   
89  C CA  . CYS A 16  ? 0.52138 0.54707 0.58412 -0.03269 0.18415  -0.04732 16  CYS A CA  
90  C C   . CYS A 16  ? 0.57394 0.61014 0.67118 -0.02510 0.17691  -0.05571 16  CYS A C   
91  O O   . CYS A 16  ? 0.49885 0.52830 0.60813 -0.00679 0.15903  -0.06516 16  CYS A O   
92  C CB  . CYS A 16  ? 0.47438 0.54597 0.52106 -0.03907 0.20244  -0.04921 16  CYS A CB  
93  S SG  . CYS A 16  ? 0.58654 0.66011 0.58404 -0.04205 0.20876  -0.03989 16  CYS A SG  
94  N N   . LEU A 17  ? 0.46080 0.51022 0.57263 -0.04043 0.18679  -0.05114 17  LEU A N   
95  C CA  . LEU A 17  ? 0.46415 0.52245 0.60457 -0.03596 0.17831  -0.05453 17  LEU A CA  
96  C C   . LEU A 17  ? 0.51408 0.54277 0.66777 -0.02738 0.16260  -0.04799 17  LEU A C   
97  O O   . LEU A 17  ? 0.51649 0.54842 0.69180 -0.01617 0.14586  -0.05024 17  LEU A O   
98  C CB  . LEU A 17  ? 0.37973 0.44798 0.52422 -0.05606 0.18866  -0.04944 17  LEU A CB  
99  C CG  . LEU A 17  ? 0.49658 0.60761 0.64417 -0.06593 0.19875  -0.05284 17  LEU A CG  
100 C CD1 . LEU A 17  ? 0.47195 0.58784 0.62339 -0.08863 0.20203  -0.04795 17  LEU A CD1 
101 C CD2 . LEU A 17  ? 0.41876 0.56376 0.58867 -0.04563 0.19089  -0.06461 17  LEU A CD2 
102 N N   . PHE A 18  ? 0.48085 0.48223 0.62621 -0.03272 0.16594  -0.03748 18  PHE A N   
103 C CA  . PHE A 18  ? 0.46134 0.44714 0.62718 -0.02630 0.15424  -0.02669 18  PHE A CA  
104 C C   . PHE A 18  ? 0.43963 0.41478 0.61503 -0.01281 0.13076  -0.02772 18  PHE A C   
105 O O   . PHE A 18  ? 0.46126 0.43594 0.66432 -0.00887 0.11350  -0.01957 18  PHE A O   
106 C CB  . PHE A 18  ? 0.49167 0.45451 0.65014 -0.02978 0.16302  -0.01698 18  PHE A CB  
107 C CG  . PHE A 18  ? 0.39249 0.35330 0.57823 -0.02286 0.15608  -0.00318 18  PHE A CG  
108 C CD1 . PHE A 18  ? 0.40986 0.38771 0.60810 -0.02480 0.16585  0.00202  18  PHE A CD1 
109 C CD2 . PHE A 18  ? 0.49501 0.44225 0.69428 -0.01521 0.13912  0.00652  18  PHE A CD2 
110 C CE1 . PHE A 18  ? 0.47416 0.46336 0.70107 -0.01877 0.16296  0.01898  18  PHE A CE1 
111 C CE2 . PHE A 18  ? 0.52596 0.48158 0.75948 -0.01109 0.13257  0.02425  18  PHE A CE2 
112 C CZ  . PHE A 18  ? 0.48083 0.46148 0.72973 -0.01268 0.14658  0.03160  18  PHE A CZ  
113 N N   . LEU A 19  ? 0.53379 0.49898 0.68430 -0.00699 0.12734  -0.03644 19  LEU A N   
114 C CA  . LEU A 19  ? 0.49601 0.44329 0.64739 0.00697  0.10063  -0.04188 19  LEU A CA  
115 C C   . LEU A 19  ? 0.56390 0.52256 0.72577 0.01984  0.08688  -0.05826 19  LEU A C   
116 O O   . LEU A 19  ? 0.57587 0.51618 0.75881 0.02776  0.05791  -0.05743 19  LEU A O   
117 C CB  . LEU A 19  ? 0.45644 0.39052 0.56838 0.01044  0.10125  -0.04769 19  LEU A CB  
118 C CG  . LEU A 19  ? 0.61997 0.53385 0.73079 0.00033  0.10500  -0.02812 19  LEU A CG  
119 C CD1 . LEU A 19  ? 0.68795 0.59068 0.75680 -0.00163 0.10797  -0.02781 19  LEU A CD1 
120 C CD2 . LEU A 19  ? 0.52471 0.42037 0.66835 0.00419  0.08020  -0.01455 19  LEU A CD2 
121 N N   . ILE A 20  ? 0.49417 0.48317 0.64620 0.02166  0.10480  -0.07149 20  ILE A N   
122 C CA  . ILE A 20  ? 0.56551 0.56918 0.73207 0.03794  0.09272  -0.08832 20  ILE A CA  
123 C C   . ILE A 20  ? 0.58683 0.58701 0.79283 0.03270  0.07649  -0.07494 20  ILE A C   
124 O O   . ILE A 20  ? 0.58919 0.57744 0.81459 0.04658  0.04923  -0.08198 20  ILE A O   
125 C CB  . ILE A 20  ? 0.49576 0.54468 0.65226 0.03867  0.11855  -0.09990 20  ILE A CB  
126 C CG1 . ILE A 20  ? 0.43487 0.49285 0.55058 0.04447  0.13270  -0.10968 20  ILE A CG1 
127 C CG2 . ILE A 20  ? 0.36374 0.43339 0.54336 0.05856  0.10680  -0.11679 20  ILE A CG2 
128 C CD1 . ILE A 20  ? 0.44283 0.55442 0.55307 0.03972  0.16057  -0.11301 20  ILE A CD1 
129 N N   . GLN A 21  ? 0.63204 0.64015 0.84811 0.01334  0.09075  -0.05504 21  GLN A N   
130 C CA  . GLN A 21  ? 0.65995 0.67069 0.90789 0.00657  0.07723  -0.03790 21  GLN A CA  
131 C C   . GLN A 21  ? 0.67403 0.65655 0.94382 0.00933  0.04681  -0.02428 21  GLN A C   
132 O O   . GLN A 21  ? 0.79090 0.76881 1.08906 0.00992  0.02146  -0.01473 21  GLN A O   
133 C CB  . GLN A 21  ? 0.50055 0.52662 0.74547 -0.01143 0.10072  -0.02254 21  GLN A CB  
134 C CG  . GLN A 21  ? 0.64079 0.67771 0.91062 -0.01970 0.09144  -0.00181 21  GLN A CG  
135 C CD  . GLN A 21  ? 0.77622 0.80476 1.06169 -0.02384 0.08658  0.02044  21  GLN A CD  
136 O OE1 . GLN A 21  ? 0.93307 0.95227 1.20689 -0.02312 0.09990  0.02033  21  GLN A OE1 
137 N NE2 . GLN A 21  ? 0.80598 0.84051 1.12201 -0.02884 0.06589  0.04276  21  GLN A NE2 
138 N N   . LYS A 22  ? 0.65230 0.61510 0.91229 0.00900  0.04517  -0.02017 22  LYS A N   
139 C CA  . LYS A 22  ? 0.71115 0.64839 0.99574 0.00900  0.01199  -0.00557 22  LYS A CA  
140 C C   . LYS A 22  ? 0.70471 0.61388 0.99075 0.02520  -0.02391 -0.02446 22  LYS A C   
141 O O   . LYS A 22  ? 0.68302 0.57873 1.00185 0.02283  -0.05557 -0.01199 22  LYS A O   
142 C CB  . LYS A 22  ? 0.78148 0.70323 1.05360 0.00760  0.01416  -0.00041 22  LYS A CB  
143 C CG  . LYS A 22  ? 0.87473 0.81627 1.15376 -0.00347 0.04183  0.01908  22  LYS A CG  
144 C CD  . LYS A 22  ? 0.98263 0.91030 1.27848 -0.00505 0.02677  0.03658  22  LYS A CD  
145 C CE  . LYS A 22  ? 1.11864 1.02230 1.37701 0.00177  0.02762  0.02213  22  LYS A CE  
146 N NZ  . LYS A 22  ? 1.19339 1.08697 1.47154 -0.00028 0.01320  0.04199  22  LYS A NZ  
147 N N   . LYS A 23  ? 0.66704 0.61578 0.87514 -0.03336 0.04150  0.05420  23  LYS A N   
148 C CA  . LYS A 23  ? 0.65795 0.57827 0.88989 -0.04093 0.02862  0.03203  23  LYS A CA  
149 C C   . LYS A 23  ? 0.69434 0.60359 0.90130 -0.02752 0.02914  0.00468  23  LYS A C   
150 O O   . LYS A 23  ? 0.81090 0.73863 0.98425 -0.02089 0.03569  -0.00311 23  LYS A O   
151 C CB  . LYS A 23  ? 0.57267 0.50126 0.81625 -0.05525 0.01652  0.01569  23  LYS A CB  
152 C CG  . LYS A 23  ? 0.70520 0.60302 0.97596 -0.06395 -0.00158 -0.01084 23  LYS A CG  
153 C CD  . LYS A 23  ? 0.86164 0.77382 1.14088 -0.07774 -0.01739 -0.02718 23  LYS A CD  
154 C CE  . LYS A 23  ? 0.93828 0.83450 1.19608 -0.07253 -0.03201 -0.07285 23  LYS A CE  
155 N NZ  . LYS A 23  ? 0.90311 0.81933 1.10420 -0.05619 -0.01942 -0.08479 23  LYS A NZ  
156 N N   . ASP A 24  ? 0.52354 0.40372 0.75132 -0.02308 0.02255  -0.00811 24  ASP A N   
157 C CA  . ASP A 24  ? 0.61194 0.48903 0.82291 -0.00986 0.02359  -0.03941 24  ASP A CA  
158 C C   . ASP A 24  ? 0.61877 0.50673 0.80910 -0.01463 0.01890  -0.06876 24  ASP A C   
159 O O   . ASP A 24  ? 0.71688 0.59122 0.92409 -0.02505 0.00463  -0.08179 24  ASP A O   
160 C CB  . ASP A 24  ? 0.71689 0.55920 0.95856 -0.00058 0.01548  -0.05144 24  ASP A CB  
161 C CG  . ASP A 24  ? 0.66184 0.49414 0.92031 0.00759  0.01823  -0.02026 24  ASP A CG  
162 O OD1 . ASP A 24  ? 0.74695 0.60131 0.98892 0.00705  0.02668  0.00745  24  ASP A OD1 
163 O OD2 . ASP A 24  ? 0.82949 0.63036 1.11635 0.01682  0.01013  -0.02453 24  ASP A OD2 
164 N N   . CYS A 25  ? 0.56272 0.47603 0.71754 -0.00785 0.02918  -0.07756 25  CYS A N   
165 C CA  . CYS A 25  ? 0.59932 0.52879 0.72514 -0.01042 0.02651  -0.09849 25  CYS A CA  
166 C C   . CYS A 25  ? 0.56434 0.50691 0.66805 0.00394  0.03692  -0.12190 25  CYS A C   
167 O O   . CYS A 25  ? 0.52680 0.47609 0.63670 0.01312  0.04852  -0.11515 25  CYS A O   
168 C CB  . CYS A 25  ? 0.66860 0.62263 0.76983 -0.01734 0.03108  -0.07759 25  CYS A CB  
169 S SG  . CYS A 25  ? 0.93103 0.88637 1.05614 -0.02985 0.02392  -0.04953 25  CYS A SG  
170 N N   . TYR A 26  ? 0.54837 0.50046 0.62619 0.00680  0.03286  -0.14888 26  TYR A N   
171 C CA  . TYR A 26  ? 0.58837 0.56805 0.63617 0.02009  0.04851  -0.16428 26  TYR A CA  
172 C C   . TYR A 26  ? 0.70599 0.71607 0.71736 0.01261  0.05746  -0.14375 26  TYR A C   
173 O O   . TYR A 26  ? 0.69888 0.70584 0.70898 0.00045  0.05019  -0.12163 26  TYR A O   
174 C CB  . TYR A 26  ? 0.69497 0.67031 0.72879 0.03337  0.04111  -0.20765 26  TYR A CB  
175 C CG  . TYR A 26  ? 0.83961 0.81359 0.84904 0.02582  0.02199  -0.22385 26  TYR A CG  
176 C CD1 . TYR A 26  ? 0.95673 0.89763 0.99758 0.01401  -0.00316 -0.23179 26  TYR A CD1 
177 C CD2 . TYR A 26  ? 0.93188 0.94022 0.88926 0.03010  0.02765  -0.22958 26  TYR A CD2 
178 C CE1 . TYR A 26  ? 1.00800 0.95171 1.03258 0.00616  -0.02494 -0.24858 26  TYR A CE1 
179 C CE2 . TYR A 26  ? 1.05453 1.06470 0.98743 0.02522  0.00616  -0.24538 26  TYR A CE2 
180 C CZ  . TYR A 26  ? 1.05175 1.03026 1.02018 0.01317  -0.02149 -0.25697 26  TYR A CZ  
181 O OH  . TYR A 26  ? 1.13103 1.11538 1.08112 0.00729  -0.04677 -0.27413 26  TYR A OH  
182 N N   . GLY A 27  ? 0.68891 0.72993 0.67255 0.02132  0.07410  -0.14975 27  GLY A N   
183 C CA  . GLY A 27  ? 0.65671 0.72441 0.61354 0.01402  0.08602  -0.12304 27  GLY A CA  
184 C C   . GLY A 27  ? 0.64549 0.71559 0.56975 0.00660  0.07359  -0.11570 27  GLY A C   
185 O O   . GLY A 27  ? 0.71697 0.77862 0.64618 -0.00387 0.06771  -0.08940 27  GLY A O   
186 N N   . TYR A 28  ? 0.65454 0.73725 0.54443 0.01471  0.06769  -0.14076 28  TYR A N   
187 C CA  . TYR A 28  ? 0.80784 0.89804 0.66449 0.00967  0.05296  -0.13326 28  TYR A CA  
188 C C   . TYR A 28  ? 0.81288 0.87791 0.70088 -0.00176 0.03050  -0.12664 28  TYR A C   
189 O O   . TYR A 28  ? 0.81247 0.88310 0.69017 -0.00774 0.02184  -0.10496 28  TYR A O   
190 C CB  . TYR A 28  ? 0.87409 0.98195 0.68652 0.02262  0.04517  -0.16780 28  TYR A CB  
191 C CG  . TYR A 28  ? 1.14707 1.26861 0.92052 0.01955  0.02761  -0.15830 28  TYR A CG  
192 C CD1 . TYR A 28  ? 1.23724 1.36888 0.99819 0.01200  0.03386  -0.11553 28  TYR A CD1 
193 C CD2 . TYR A 28  ? 1.24787 1.37016 0.99965 0.02500  0.00136  -0.19270 28  TYR A CD2 
194 C CE1 . TYR A 28  ? 1.31012 1.45377 1.03794 0.01196  0.01604  -0.10396 28  TYR A CE1 
195 C CE2 . TYR A 28  ? 1.32661 1.46550 1.04417 0.02362  -0.01807 -0.18297 28  TYR A CE2 
196 C CZ  . TYR A 28  ? 1.36140 1.51179 1.06689 0.01810  -0.00976 -0.13679 28  TYR A CZ  
197 O OH  . TYR A 28  ? 1.39740 1.56391 1.07086 0.01948  -0.03043 -0.12407 28  TYR A OH  
198 N N   . GLU A 29  ? 0.79601 0.83551 0.72537 -0.00407 0.02177  -0.14216 29  GLU A N   
199 C CA  . GLU A 29  ? 0.74937 0.77272 0.71433 -0.01616 0.00421  -0.13176 29  GLU A CA  
200 C C   . GLU A 29  ? 0.68860 0.71301 0.66633 -0.02129 0.01413  -0.09446 29  GLU A C   
201 O O   . GLU A 29  ? 0.59513 0.62433 0.58172 -0.02697 0.00396  -0.07864 29  GLU A O   
202 C CB  . GLU A 29  ? 0.73458 0.72912 0.74382 -0.01873 -0.00405 -0.14917 29  GLU A CB  
203 C CG  . GLU A 29  ? 0.90936 0.89189 0.96418 -0.03304 -0.01615 -0.13088 29  GLU A CG  
204 C CD  . GLU A 29  ? 1.05302 1.00366 1.15399 -0.03659 -0.02075 -0.13789 29  GLU A CD  
205 O OE1 . GLU A 29  ? 1.13467 1.07278 1.23772 -0.02626 -0.00753 -0.14055 29  GLU A OE1 
206 O OE2 . GLU A 29  ? 1.14347 1.08237 1.28304 -0.05021 -0.03852 -0.13819 29  GLU A OE2 
207 N N   . LEU A 30  ? 0.59551 0.61751 0.57585 -0.01759 0.03249  -0.08264 30  LEU A N   
208 C CA  . LEU A 30  ? 0.55166 0.57115 0.54030 -0.02019 0.03904  -0.05365 30  LEU A CA  
209 C C   . LEU A 30  ? 0.61460 0.64676 0.57264 -0.02063 0.03900  -0.03625 30  LEU A C   
210 O O   . LEU A 30  ? 0.59685 0.62562 0.56065 -0.02127 0.03311  -0.01859 30  LEU A O   
211 C CB  . LEU A 30  ? 0.57796 0.59301 0.57834 -0.01663 0.05365  -0.04986 30  LEU A CB  
212 C CG  . LEU A 30  ? 0.67490 0.68083 0.69090 -0.01695 0.05674  -0.02944 30  LEU A CG  
213 C CD1 . LEU A 30  ? 0.60323 0.59815 0.64254 -0.01745 0.04898  -0.02360 30  LEU A CD1 
214 C CD2 . LEU A 30  ? 0.73639 0.74347 0.76570 -0.01299 0.06654  -0.03294 30  LEU A CD2 
215 N N   . ALA A 31  ? 0.57556 0.62352 0.50079 -0.01835 0.04589  -0.03969 31  ALA A N   
216 C CA  . ALA A 31  ? 0.66920 0.72691 0.56426 -0.01905 0.04477  -0.01803 31  ALA A CA  
217 C C   . ALA A 31  ? 0.76956 0.83071 0.65776 -0.01786 0.02414  -0.01748 31  ALA A C   
218 O O   . ALA A 31  ? 0.78350 0.84180 0.66729 -0.01666 0.01818  0.00513  31  ALA A O   
219 C CB  . ALA A 31  ? 0.54671 0.62802 0.40478 -0.01632 0.05765  -0.01926 31  ALA A CB  
220 N N   . ASN A 32  ? 0.67849 0.74532 0.57001 -0.01758 0.01058  -0.04319 32  ASN A N   
221 C CA  . ASN A 32  ? 0.77260 0.84883 0.66610 -0.01809 -0.01202 -0.04281 32  ASN A CA  
222 C C   . ASN A 32  ? 0.71777 0.78669 0.65719 -0.02164 -0.01703 -0.03005 32  ASN A C   
223 O O   . ASN A 32  ? 0.73887 0.82091 0.68571 -0.01983 -0.03181 -0.02014 32  ASN A O   
224 C CB  . ASN A 32  ? 0.85306 0.93772 0.74025 -0.01870 -0.02994 -0.07650 32  ASN A CB  
225 C CG  . ASN A 32  ? 0.96901 1.07540 0.83263 -0.01590 -0.05396 -0.07623 32  ASN A CG  
226 O OD1 . ASN A 32  ? 0.94782 1.06074 0.84450 -0.02052 -0.07217 -0.07131 32  ASN A OD1 
227 N ND2 . ASN A 32  ? 1.11406 1.23711 0.92070 -0.00718 -0.05355 -0.07897 32  ASN A ND2 
228 N N   . GLN A 33  ? 0.61157 0.66480 0.58098 -0.02434 -0.00456 -0.02843 33  GLN A N   
229 C CA  . GLN A 33  ? 0.65637 0.70974 0.66173 -0.02451 -0.00523 -0.01303 33  GLN A CA  
230 C C   . GLN A 33  ? 0.64924 0.69702 0.64346 -0.01547 0.00317  0.00910  33  GLN A C   
231 O O   . GLN A 33  ? 0.56840 0.62503 0.57881 -0.00912 -0.00124 0.02145  33  GLN A O   
232 C CB  . GLN A 33  ? 0.61634 0.65702 0.65514 -0.02946 0.00276  -0.01730 33  GLN A CB  
233 C CG  . GLN A 33  ? 0.82192 0.87333 0.90071 -0.03122 0.00191  -0.00159 33  GLN A CG  
234 C CD  . GLN A 33  ? 0.94809 1.02039 1.05704 -0.04061 -0.01647 -0.00611 33  GLN A CD  
235 O OE1 . GLN A 33  ? 1.04485 1.13964 1.18545 -0.04055 -0.01707 0.01035  33  GLN A OE1 
236 N NE2 . GLN A 33  ? 0.89651 0.96508 0.99776 -0.04780 -0.03212 -0.02999 33  GLN A NE2 
237 N N   . VAL A 34  ? 0.60079 0.63493 0.57171 -0.01429 0.01434  0.01324  34  VAL A N   
238 C CA  . VAL A 34  ? 0.62863 0.65007 0.59076 -0.00761 0.01734  0.03166  34  VAL A CA  
239 C C   . VAL A 34  ? 0.57191 0.59987 0.51591 -0.00194 0.00498  0.04453  34  VAL A C   
240 O O   . VAL A 34  ? 0.54462 0.56522 0.49489 0.00842  -0.00023 0.05716  34  VAL A O   
241 C CB  . VAL A 34  ? 0.66511 0.67316 0.61548 -0.01243 0.02965  0.03425  34  VAL A CB  
242 C CG1 . VAL A 34  ? 0.72975 0.71780 0.67501 -0.00872 0.02803  0.05215  34  VAL A CG1 
243 C CG2 . VAL A 34  ? 0.59572 0.59921 0.56735 -0.01433 0.03825  0.02280  34  VAL A CG2 
244 N N   . SER A 35  ? 0.57540 0.61830 0.49532 -0.00555 -0.00147 0.04006  35  SER A N   
245 C CA  . SER A 35  ? 0.65285 0.70436 0.54961 0.00095  -0.01536 0.05500  35  SER A CA  
246 C C   . SER A 35  ? 0.59355 0.66101 0.51493 0.00938  -0.03268 0.05604  35  SER A C   
247 O O   . SER A 35  ? 0.59509 0.66692 0.50459 0.01930  -0.04582 0.07226  35  SER A O   
248 C CB  . SER A 35  ? 0.73817 0.80833 0.59718 -0.00254 -0.01891 0.04676  35  SER A CB  
249 O OG  . SER A 35  ? 0.94410 1.01000 0.78649 -0.00874 0.00063  0.04424  35  SER A OG  
250 N N   . LYS A 36  ? 0.57600 0.65535 0.53466 0.00580  -0.03324 0.04224  36  LYS A N   
251 C CA  . LYS A 36  ? 0.58560 0.68789 0.57793 0.01375  -0.04542 0.04772  36  LYS A CA  
252 C C   . LYS A 36  ? 0.53720 0.62726 0.53607 0.03076  -0.03971 0.06470  36  LYS A C   
253 O O   . LYS A 36  ? 0.52571 0.63420 0.54131 0.04464  -0.05094 0.07368  36  LYS A O   
254 C CB  . LYS A 36  ? 0.60787 0.72619 0.64498 0.00401  -0.04255 0.03642  36  LYS A CB  
255 C CG  . LYS A 36  ? 0.77636 0.90665 0.82237 -0.01165 -0.05647 0.01577  36  LYS A CG  
256 C CD  . LYS A 36  ? 0.78651 0.92194 0.88339 -0.02368 -0.05053 0.01165  36  LYS A CD  
257 C CE  . LYS A 36  ? 0.86329 1.01355 0.99058 -0.04007 -0.07214 -0.00669 36  LYS A CE  
258 N NZ  . LYS A 36  ? 0.90175 1.03759 0.98983 -0.04391 -0.08518 -0.03354 36  LYS A NZ  
259 N N   . TYR A 37  ? 0.55734 0.61700 0.54511 0.03158  -0.02448 0.06668  37  TYR A N   
260 C CA  . TYR A 37  ? 0.59468 0.63740 0.58968 0.04849  -0.01993 0.07413  37  TYR A CA  
261 C C   . TYR A 37  ? 0.61245 0.61831 0.58073 0.05326  -0.02366 0.08658  37  TYR A C   
262 O O   . TYR A 37  ? 0.60920 0.60374 0.58019 0.07145  -0.03305 0.09615  37  TYR A O   
263 C CB  . TYR A 37  ? 0.53586 0.57291 0.54386 0.04650  -0.00380 0.06474  37  TYR A CB  
264 C CG  . TYR A 37  ? 0.46651 0.53671 0.50638 0.04062  0.00116  0.05981  37  TYR A CG  
265 C CD1 . TYR A 37  ? 0.51378 0.61456 0.58285 0.05421  0.00237  0.06571  37  TYR A CD1 
266 C CD2 . TYR A 37  ? 0.44396 0.51547 0.48919 0.02182  0.00494  0.05072  37  TYR A CD2 
267 C CE1 . TYR A 37  ? 0.53372 0.66800 0.63978 0.04515  0.00809  0.06754  37  TYR A CE1 
268 C CE2 . TYR A 37  ? 0.45292 0.54853 0.53384 0.01376  0.00737  0.05000  37  TYR A CE2 
269 C CZ  . TYR A 37  ? 0.56488 0.69286 0.67750 0.02345  0.00938  0.06087  37  TYR A CZ  
270 O OH  . TYR A 37  ? 0.59906 0.75453 0.75432 0.01232  0.01322  0.06657  37  TYR A OH  
271 N N   . ILE A 38  ? 0.57477 0.56230 0.52158 0.03766  -0.01694 0.08845  38  ILE A N   
272 C CA  . ILE A 38  ? 0.58160 0.53570 0.51057 0.03674  -0.01982 0.10588  38  ILE A CA  
273 C C   . ILE A 38  ? 0.71203 0.67619 0.61268 0.02242  -0.01791 0.11769  38  ILE A C   
274 O O   . ILE A 38  ? 0.70547 0.69390 0.59902 0.01213  -0.01036 0.10423  38  ILE A O   
275 C CB  . ILE A 38  ? 0.64172 0.56528 0.57841 0.03176  -0.01144 0.10048  38  ILE A CB  
276 C CG1 . ILE A 38  ? 0.72340 0.66434 0.66641 0.01903  0.00265  0.08367  38  ILE A CG1 
277 C CG2 . ILE A 38  ? 0.60733 0.51122 0.55888 0.05235  -0.01775 0.09262  38  ILE A CG2 
278 C CD1 . ILE A 38  ? 0.87504 0.79255 0.82575 0.01248  0.00801  0.07903  38  ILE A CD1 
279 N N   . GLU A 39  ? 0.74470 0.68888 0.62831 0.02337  -0.02450 0.14357  39  GLU A N   
280 C CA  . GLU A 39  ? 0.89854 0.85737 0.74815 0.01342  -0.02169 0.16191  39  GLU A CA  
281 C C   . GLU A 39  ? 0.97978 0.93262 0.82798 -0.00522 -0.00224 0.16615  39  GLU A C   
282 O O   . GLU A 39  ? 1.00536 0.92848 0.86120 -0.01252 -0.00066 0.18823  39  GLU A O   
283 C CB  . GLU A 39  ? 1.03622 0.97738 0.87001 0.02283  -0.03694 0.19506  39  GLU A CB  
284 C CG  . GLU A 39  ? 1.17362 1.14843 0.96971 0.02686  -0.04613 0.20635  39  GLU A CG  
285 C CD  . GLU A 39  ? 1.34961 1.30918 1.11590 0.02510  -0.04896 0.25000  39  GLU A CD  
286 O OE1 . GLU A 39  ? 1.38527 1.30047 1.17029 0.02379  -0.05077 0.27242  39  GLU A OE1 
287 O OE2 . GLU A 39  ? 1.40534 1.39624 1.12867 0.02506  -0.05019 0.26238  39  GLU A OE2 
288 N N   . VAL A 40  ? 0.90390 0.88531 0.74767 -0.01292 0.01127  0.14490  40  VAL A N   
289 C CA  . VAL A 40  ? 0.94580 0.93085 0.79703 -0.02764 0.03073  0.14417  40  VAL A CA  
290 C C   . VAL A 40  ? 0.96036 0.97615 0.77600 -0.03391 0.04360  0.15957  40  VAL A C   
291 O O   . VAL A 40  ? 0.98615 1.03067 0.77193 -0.02662 0.04125  0.14590  40  VAL A O   
292 C CB  . VAL A 40  ? 0.97730 0.97277 0.85032 -0.02784 0.03788  0.11074  40  VAL A CB  
293 C CG1 . VAL A 40  ? 0.97279 0.99256 0.83362 -0.02034 0.03164  0.08800  40  VAL A CG1 
294 C CG2 . VAL A 40  ? 0.99731 1.00642 0.87853 -0.03967 0.05727  0.10854  40  VAL A CG2 
295 N N   . ALA A 41  ? 0.90923 0.92096 0.72812 -0.04724 0.05633  0.18855  41  ALA A N   
296 C CA  . ALA A 41  ? 0.86476 0.91566 0.65275 -0.05341 0.07637  0.20472  41  ALA A CA  
297 C C   . ALA A 41  ? 0.84057 0.92782 0.62207 -0.04829 0.08991  0.16698  41  ALA A C   
298 O O   . ALA A 41  ? 0.74406 0.82661 0.56132 -0.05138 0.09531  0.14418  41  ALA A O   
299 C CB  . ALA A 41  ? 0.85338 0.89951 0.66625 -0.07313 0.09207  0.23871  41  ALA A CB  
300 N N   . GLU A 42  ? 0.85466 0.97583 0.58943 -0.03809 0.09249  0.15835  42  GLU A N   
301 C CA  . GLU A 42  ? 0.89260 1.04128 0.62197 -0.03021 0.10203  0.11755  42  GLU A CA  
302 C C   . GLU A 42  ? 0.90603 1.08057 0.65402 -0.03799 0.13127  0.12311  42  GLU A C   
303 O O   . GLU A 42  ? 0.88391 1.08623 0.61322 -0.04398 0.15030  0.15557  42  GLU A O   
304 C CB  . GLU A 42  ? 1.01435 1.19345 0.68610 -0.01570 0.09576  0.10196  42  GLU A CB  
305 C CG  . GLU A 42  ? 1.09599 1.30743 0.71597 -0.01418 0.10897  0.13747  42  GLU A CG  
306 C CD  . GLU A 42  ? 1.20646 1.44792 0.76357 0.00365  0.09732  0.11544  42  GLU A CD  
307 O OE1 . GLU A 42  ? 1.21584 1.44601 0.77883 0.01139  0.07438  0.07405  42  GLU A OE1 
308 O OE2 . GLU A 42  ? 1.24536 1.52283 0.74791 0.00946  0.11001  0.13998  42  GLU A OE2 
309 N N   . GLY A 43  ? 0.82184 0.98914 0.61146 -0.03850 0.13468  0.09611  43  GLY A N   
310 C CA  . GLY A 43  ? 0.68195 0.87307 0.50403 -0.04565 0.15821  0.10031  43  GLY A CA  
311 C C   . GLY A 43  ? 0.67993 0.84010 0.55659 -0.06040 0.15171  0.11273  43  GLY A C   
312 O O   . GLY A 43  ? 0.65216 0.82965 0.56686 -0.06532 0.16467  0.10809  43  GLY A O   
313 N N   . ALA A 44  ? 0.68293 0.79971 0.56479 -0.06509 0.13031  0.12555  44  ALA A N   
314 C CA  . ALA A 44  ? 0.67006 0.75564 0.59719 -0.07708 0.12150  0.13482  44  ALA A CA  
315 C C   . ALA A 44  ? 0.62008 0.69440 0.57672 -0.07016 0.11417  0.10240  44  ALA A C   
316 O O   . ALA A 44  ? 0.66684 0.72649 0.66027 -0.07839 0.10880  0.10456  44  ALA A O   
317 C CB  . ALA A 44  ? 0.79561 0.83692 0.71653 -0.07838 0.10028  0.15357  44  ALA A CB  
318 N N   . ILE A 45  ? 0.61310 0.69257 0.55562 -0.05576 0.11159  0.07362  45  ILE A N   
319 C CA  . ILE A 45  ? 0.69742 0.76392 0.66799 -0.04953 0.10458  0.05003  45  ILE A CA  
320 C C   . ILE A 45  ? 0.65469 0.74923 0.65166 -0.04847 0.11934  0.03816  45  ILE A C   
321 O O   . ILE A 45  ? 0.72064 0.80547 0.74824 -0.04670 0.11306  0.02902  45  ILE A O   
322 C CB  . ILE A 45  ? 0.70229 0.75883 0.65908 -0.03740 0.09412  0.02762  45  ILE A CB  
323 C CG1 . ILE A 45  ? 0.68538 0.76768 0.61415 -0.03064 0.10198  0.01257  45  ILE A CG1 
324 C CG2 . ILE A 45  ? 0.66856 0.69998 0.61460 -0.03605 0.07743  0.03762  45  ILE A CG2 
325 C CD1 . ILE A 45  ? 0.74118 0.81323 0.67180 -0.02182 0.09061  -0.01466 45  ILE A CD1 
326 N N   . TYR A 46  ? 0.66632 0.79905 0.65127 -0.04672 0.13872  0.03809  46  TYR A N   
327 C CA  . TYR A 46  ? 0.55407 0.71965 0.56498 -0.03963 0.15415  0.02235  46  TYR A CA  
328 C C   . TYR A 46  ? 0.57199 0.74749 0.63189 -0.05182 0.15630  0.03690  46  TYR A C   
329 O O   . TYR A 46  ? 0.67197 0.85310 0.76428 -0.04386 0.15412  0.02029  46  TYR A O   
330 C CB  . TYR A 46  ? 0.52122 0.73230 0.50356 -0.03193 0.17710  0.01939  46  TYR A CB  
331 C CG  . TYR A 46  ? 0.69189 0.89110 0.63018 -0.01727 0.16817  -0.00585 46  TYR A CG  
332 C CD1 . TYR A 46  ? 0.72252 0.90143 0.67137 -0.00364 0.15661  -0.03993 46  TYR A CD1 
333 C CD2 . TYR A 46  ? 0.75993 0.96473 0.64956 -0.01827 0.16715  0.00588  46  TYR A CD2 
334 C CE1 . TYR A 46  ? 0.73347 0.89848 0.65056 0.00618  0.14387  -0.06446 46  TYR A CE1 
335 C CE2 . TYR A 46  ? 0.75190 0.94728 0.60477 -0.00589 0.15352  -0.02024 46  TYR A CE2 
336 C CZ  . TYR A 46  ? 0.80826 0.98317 0.67795 0.00487  0.14134  -0.05658 46  TYR A CZ  
337 O OH  . TYR A 46  ? 0.86861 1.03224 0.71029 0.01369  0.12414  -0.08368 46  TYR A OH  
338 N N   . PRO A 47  ? 0.56896 0.74429 0.64009 -0.07136 0.15696  0.06759  47  PRO A N   
339 C CA  . PRO A 47  ? 0.54814 0.72759 0.67255 -0.08484 0.15134  0.07655  47  PRO A CA  
340 C C   . PRO A 47  ? 0.55510 0.69112 0.69027 -0.08010 0.12465  0.06124  47  PRO A C   
341 O O   . PRO A 47  ? 0.57726 0.72199 0.75074 -0.07963 0.11744  0.05257  47  PRO A O   
342 C CB  . PRO A 47  ? 0.60001 0.77768 0.73161 -0.10855 0.15383  0.11354  47  PRO A CB  
343 C CG  . PRO A 47  ? 0.59490 0.78978 0.67698 -0.10417 0.17130  0.12667  47  PRO A CG  
344 C CD  . PRO A 47  ? 0.49360 0.66284 0.53502 -0.08290 0.15969  0.09688  47  PRO A CD  
345 N N   . VAL A 48  ? 0.58368 0.67899 0.68460 -0.07379 0.11042  0.05726  48  VAL A N   
346 C CA  . VAL A 48  ? 0.56909 0.63037 0.67272 -0.06520 0.08945  0.04334  48  VAL A CA  
347 C C   . VAL A 48  ? 0.48739 0.55989 0.59921 -0.04915 0.09126  0.02181  48  VAL A C   
348 O O   . VAL A 48  ? 0.55621 0.62252 0.68873 -0.04419 0.07908  0.01452  48  VAL A O   
349 C CB  . VAL A 48  ? 0.64588 0.67213 0.71404 -0.05986 0.07863  0.04580  48  VAL A CB  
350 C CG1 . VAL A 48  ? 0.51503 0.51783 0.58088 -0.04673 0.06365  0.03148  48  VAL A CG1 
351 C CG2 . VAL A 48  ? 0.61737 0.62245 0.68463 -0.07319 0.07118  0.06740  48  VAL A CG2 
352 N N   . LEU A 49  ? 0.43590 0.52238 0.53065 -0.03964 0.10388  0.01098  49  LEU A N   
353 C CA  . LEU A 49  ? 0.39260 0.48356 0.49953 -0.02411 0.10448  -0.00898 49  LEU A CA  
354 C C   . LEU A 49  ? 0.51693 0.63991 0.66441 -0.02180 0.11093  -0.01188 49  LEU A C   
355 O O   . LEU A 49  ? 0.64272 0.76031 0.81247 -0.01221 0.10062  -0.01921 49  LEU A O   
356 C CB  . LEU A 49  ? 0.38173 0.47842 0.46432 -0.01483 0.11387  -0.02448 49  LEU A CB  
357 C CG  . LEU A 49  ? 0.48083 0.54951 0.53218 -0.01591 0.10310  -0.02437 49  LEU A CG  
358 C CD1 . LEU A 49  ? 0.43241 0.50949 0.45814 -0.00942 0.10793  -0.04156 49  LEU A CD1 
359 C CD2 . LEU A 49  ? 0.56005 0.60058 0.62315 -0.01057 0.08877  -0.02711 49  LEU A CD2 
360 N N   . ARG A 50  ? 0.50173 0.66284 0.66133 -0.03019 0.12819  -0.00304 50  ARG A N   
361 C CA  . ARG A 50  ? 0.51404 0.71676 0.72053 -0.02768 0.13640  -0.00492 50  ARG A CA  
362 C C   . ARG A 50  ? 0.54586 0.73954 0.78725 -0.03601 0.11547  0.00194  50  ARG A C   
363 O O   . ARG A 50  ? 0.55717 0.77107 0.83547 -0.02609 0.11046  -0.00646 50  ARG A O   
364 C CB  . ARG A 50  ? 0.57160 0.82347 0.78742 -0.03858 0.16128  0.01029  50  ARG A CB  
365 C CG  . ARG A 50  ? 0.61973 0.91488 0.83719 -0.01856 0.18461  -0.00753 50  ARG A CG  
366 C CD  . ARG A 50  ? 0.73435 1.08769 0.95889 -0.02818 0.21337  0.01178  50  ARG A CD  
367 N NE  . ARG A 50  ? 0.70596 1.04955 0.87255 -0.03249 0.22206  0.02129  50  ARG A NE  
368 C CZ  . ARG A 50  ? 0.61259 0.95223 0.76897 -0.05581 0.22369  0.05471  50  ARG A CZ  
369 N NH1 . ARG A 50  ? 0.66729 1.00924 0.87101 -0.07931 0.21690  0.07978  50  ARG A NH1 
370 N NH2 . ARG A 50  ? 0.49213 0.82512 0.59277 -0.05513 0.22992  0.06286  50  ARG A NH2 
371 N N   . ARG A 51  ? 0.52324 0.68652 0.75341 -0.05188 0.10059  0.01511  51  ARG A N   
372 C CA  . ARG A 51  ? 0.53509 0.68611 0.79187 -0.05752 0.07628  0.01540  51  ARG A CA  
373 C C   . ARG A 51  ? 0.56664 0.69292 0.80891 -0.03732 0.05971  0.00055  51  ARG A C   
374 O O   . ARG A 51  ? 0.51737 0.65595 0.78799 -0.03048 0.04569  -0.00521 51  ARG A O   
375 C CB  . ARG A 51  ? 0.53583 0.65327 0.78078 -0.07537 0.06247  0.02803  51  ARG A CB  
376 C CG  . ARG A 51  ? 0.68065 0.79320 0.96208 -0.08581 0.03680  0.02625  51  ARG A CG  
377 C CD  . ARG A 51  ? 0.75763 0.82047 1.01825 -0.09417 0.01621  0.02851  51  ARG A CD  
378 N NE  . ARG A 51  ? 0.89822 0.94202 1.16323 -0.08649 -0.01416 0.01102  51  ARG A NE  
379 C CZ  . ARG A 51  ? 1.00947 1.06432 1.32016 -0.10024 -0.03500 0.00753  51  ARG A CZ  
380 N NH1 . ARG A 51  ? 1.03325 1.12032 1.39645 -0.12501 -0.02599 0.02437  51  ARG A NH1 
381 N NH2 . ARG A 51  ? 1.06852 1.10602 1.37309 -0.08931 -0.06532 -0.01214 51  ARG A NH2 
382 N N   . LEU A 52  ? 0.49718 0.59213 0.69746 -0.02784 0.06079  -0.00294 52  LEU A N   
383 C CA  . LEU A 52  ? 0.47575 0.54868 0.66200 -0.01096 0.04794  -0.00965 52  LEU A CA  
384 C C   . LEU A 52  ? 0.46120 0.55185 0.67093 0.00486  0.05163  -0.01757 52  LEU A C   
385 O O   . LEU A 52  ? 0.49783 0.57874 0.70947 0.01781  0.03756  -0.01770 52  LEU A O   
386 C CB  . LEU A 52  ? 0.42809 0.47240 0.57512 -0.00729 0.05149  -0.00832 52  LEU A CB  
387 C CG  . LEU A 52  ? 0.47927 0.50158 0.60272 -0.01596 0.04403  -0.00139 52  LEU A CG  
388 C CD1 . LEU A 52  ? 0.64129 0.65032 0.73615 -0.01484 0.05221  0.00100  52  LEU A CD1 
389 C CD2 . LEU A 52  ? 0.50053 0.50599 0.61454 -0.00663 0.02545  -0.00354 52  LEU A CD2 
390 N N   . VAL A 53  ? 0.46674 0.58297 0.69176 0.00685  0.07014  -0.02396 53  VAL A N   
391 C CA  . VAL A 53  ? 0.42142 0.55537 0.67521 0.02532  0.07338  -0.03466 53  VAL A CA  
392 C C   . VAL A 53  ? 0.53990 0.71017 0.84010 0.02597  0.06538  -0.03235 53  VAL A C   
393 O O   . VAL A 53  ? 0.56087 0.73213 0.88115 0.04194  0.05144  -0.03451 53  VAL A O   
394 C CB  . VAL A 53  ? 0.54692 0.69897 0.79826 0.03126  0.09592  -0.04772 53  VAL A CB  
395 C CG1 . VAL A 53  ? 0.49245 0.67212 0.78303 0.05260  0.10116  -0.06153 53  VAL A CG1 
396 C CG2 . VAL A 53  ? 0.54529 0.65961 0.75809 0.03382  0.09615  -0.05462 53  VAL A CG2 
397 N N   . LYS A 54  ? 0.61554 0.81772 0.93678 0.00766  0.07284  -0.02531 54  LYS A N   
398 C CA  . LYS A 54  ? 0.56626 0.80827 0.94099 0.00258  0.06300  -0.02177 54  LYS A CA  
399 C C   . LYS A 54  ? 0.58571 0.80462 0.95894 0.00508  0.03047  -0.02134 54  LYS A C   
400 O O   . LYS A 54  ? 0.49685 0.73908 0.90546 0.01708  0.01556  -0.02474 54  LYS A O   
401 C CB  . LYS A 54  ? 0.62659 0.89627 1.02224 -0.02465 0.07361  -0.00805 54  LYS A CB  
402 C CG  . LYS A 54  ? 0.67956 0.99874 1.14328 -0.03599 0.06481  -0.00227 54  LYS A CG  
403 C CD  . LYS A 54  ? 0.79273 1.13243 1.27872 -0.06800 0.07576  0.01779  54  LYS A CD  
404 C CE  . LYS A 54  ? 0.90624 1.18556 1.34982 -0.08491 0.05945  0.02455  54  LYS A CE  
405 N NZ  . LYS A 54  ? 0.98920 1.27659 1.44223 -0.11317 0.07442  0.04857  54  LYS A NZ  
406 N N   . GLU A 55  ? 0.64985 0.82599 0.98054 -0.00312 0.01848  -0.01811 55  GLU A N   
407 C CA  . GLU A 55  ? 0.65974 0.81425 0.97629 0.00324  -0.01113 -0.02059 55  GLU A CA  
408 C C   . GLU A 55  ? 0.67027 0.80435 0.95908 0.02810  -0.01600 -0.02066 55  GLU A C   
409 O O   . GLU A 55  ? 0.66040 0.77792 0.92547 0.03713  -0.03752 -0.02010 55  GLU A O   
410 C CB  . GLU A 55  ? 0.72331 0.84175 1.00442 -0.01042 -0.02046 -0.01953 55  GLU A CB  
411 C CG  . GLU A 55  ? 0.88031 1.01002 1.19342 -0.03708 -0.02256 -0.01534 55  GLU A CG  
412 C CD  . GLU A 55  ? 1.02082 1.18283 1.38876 -0.04468 -0.04513 -0.01971 55  GLU A CD  
413 O OE1 . GLU A 55  ? 1.06778 1.22362 1.42798 -0.03050 -0.07226 -0.03033 55  GLU A OE1 
414 O OE2 . GLU A 55  ? 1.04443 1.24256 1.46434 -0.06477 -0.03592 -0.01103 55  GLU A OE2 
415 N N   . GLU A 56  ? 0.65720 0.79131 0.94788 0.03956  0.00270  -0.02095 56  GLU A N   
416 C CA  . GLU A 56  ? 0.68879 0.80099 0.96428 0.06076  -0.00158 -0.01665 56  GLU A CA  
417 C C   . GLU A 56  ? 0.62944 0.70392 0.85417 0.06051  -0.00514 -0.00771 56  GLU A C   
418 O O   . GLU A 56  ? 0.62611 0.68528 0.83484 0.07532  -0.01407 0.00305  56  GLU A O   
419 C CB  . GLU A 56  ? 0.70280 0.83374 1.00556 0.07829  -0.02277 -0.01400 56  GLU A CB  
420 C CG  . GLU A 56  ? 0.76448 0.94310 1.12646 0.07977  -0.02063 -0.02228 56  GLU A CG  
421 C CD  . GLU A 56  ? 0.84874 1.04770 1.24106 0.10080  -0.04401 -0.01911 56  GLU A CD  
422 O OE1 . GLU A 56  ? 0.87718 1.07329 1.28639 0.12281  -0.04025 -0.01780 56  GLU A OE1 
423 O OE2 . GLU A 56  ? 0.87038 1.08601 1.26998 0.09643  -0.06896 -0.01893 56  GLU A OE2 
424 N N   . TYR A 57  ? 0.66115 0.72370 0.86185 0.04482  0.00277  -0.00929 57  TYR A N   
425 C CA  . TYR A 57  ? 0.57052 0.60438 0.73007 0.04628  0.00552  -0.00156 57  TYR A CA  
426 C C   . TYR A 57  ? 0.61369 0.63450 0.77303 0.04745  0.02160  0.00056  57  TYR A C   
427 O O   . TYR A 57  ? 0.52639 0.52849 0.66684 0.05200  0.02270  0.01157  57  TYR A O   
428 C CB  . TYR A 57  ? 0.52684 0.55160 0.66461 0.03243  0.00583  -0.00471 57  TYR A CB  
429 C CG  . TYR A 57  ? 0.51987 0.54831 0.65874 0.02998  -0.01467 -0.01100 57  TYR A CG  
430 C CD1 . TYR A 57  ? 0.54168 0.57087 0.66751 0.04545  -0.03394 -0.01138 57  TYR A CD1 
431 C CD2 . TYR A 57  ? 0.66489 0.69525 0.81848 0.01192  -0.01684 -0.01600 57  TYR A CD2 
432 C CE1 . TYR A 57  ? 0.57414 0.60515 0.70018 0.04399  -0.05786 -0.02289 57  TYR A CE1 
433 C CE2 . TYR A 57  ? 0.69755 0.72565 0.85869 0.00729  -0.04030 -0.02448 57  TYR A CE2 
434 C CZ  . TYR A 57  ? 0.69476 0.72300 0.84154 0.02393  -0.06219 -0.03106 57  TYR A CZ  
435 O OH  . TYR A 57  ? 0.80563 0.83017 0.95812 0.02059  -0.09047 -0.04508 57  TYR A OH  
436 N N   . CYS A 58  ? 0.59540 0.62825 0.77714 0.04373  0.03362  -0.01039 58  CYS A N   
437 C CA  . CYS A 58  ? 0.54551 0.56371 0.72844 0.04658  0.04401  -0.01550 58  CYS A CA  
438 C C   . CYS A 58  ? 0.56412 0.59588 0.78155 0.05954  0.04738  -0.02775 58  CYS A C   
439 O O   . CYS A 58  ? 0.53793 0.60111 0.77937 0.06169  0.04839  -0.03304 58  CYS A O   
440 C CB  . CYS A 58  ? 0.47292 0.49060 0.63687 0.03304  0.05607  -0.02273 58  CYS A CB  
441 S SG  . CYS A 58  ? 0.63202 0.63496 0.76104 0.02229  0.05230  -0.01024 58  CYS A SG  
442 N N   . SER A 59  ? 0.56322 0.57149 0.78795 0.06871  0.04795  -0.03238 59  SER A N   
443 C CA  . SER A 59  ? 0.60636 0.62180 0.86075 0.08426  0.05279  -0.05115 59  SER A CA  
444 C C   . SER A 59  ? 0.57901 0.57927 0.82059 0.08086  0.06187  -0.07074 59  SER A C   
445 O O   . SER A 59  ? 0.66748 0.65211 0.88250 0.06590  0.06196  -0.06633 59  SER A O   
446 C CB  . SER A 59  ? 0.66512 0.65988 0.94587 0.10347  0.03934  -0.04285 59  SER A CB  
447 O OG  . SER A 59  ? 0.80324 0.75606 1.07352 0.09955  0.03232  -0.02842 59  SER A OG  
448 N N   . THR A 60  ? 0.57431 0.58242 0.83504 0.09703  0.06822  -0.09490 60  THR A N   
449 C CA  . THR A 60  ? 0.64125 0.64395 0.88389 0.09657  0.07626  -0.12046 60  THR A CA  
450 C C   . THR A 60  ? 0.61865 0.59652 0.88663 0.11967  0.07068  -0.14588 60  THR A C   
451 O O   . THR A 60  ? 0.54796 0.52604 0.85014 0.13829  0.06583  -0.14368 60  THR A O   
452 C CB  . THR A 60  ? 0.64781 0.70034 0.87442 0.09256  0.09599  -0.12896 60  THR A CB  
453 O OG1 . THR A 60  ? 0.81857 0.86572 1.01036 0.08671  0.10080  -0.14569 60  THR A OG1 
454 C CG2 . THR A 60  ? 0.45304 0.54458 0.71036 0.11470  0.10851  -0.14578 60  THR A CG2 
455 N N   . TYR A 61  ? 0.63814 0.59064 0.89062 0.11913  0.06750  -0.17052 61  TYR A N   
456 C CA  . TYR A 61  ? 0.70060 0.62242 0.97441 0.14182  0.05950  -0.20315 61  TYR A CA  
457 C C   . TYR A 61  ? 0.76208 0.67876 1.00419 0.14039  0.06004  -0.23837 61  TYR A C   
458 O O   . TYR A 61  ? 0.64496 0.57009 0.85376 0.11872  0.06108  -0.23002 61  TYR A O   
459 C CB  . TYR A 61  ? 0.76143 0.62347 1.06675 0.14104  0.03747  -0.18735 61  TYR A CB  
460 C CG  . TYR A 61  ? 0.71516 0.54381 1.00916 0.11322  0.02537  -0.16926 61  TYR A CG  
461 C CD1 . TYR A 61  ? 0.76381 0.55874 1.05589 0.10727  0.01296  -0.19630 61  TYR A CD1 
462 C CD2 . TYR A 61  ? 0.66120 0.49386 0.95069 0.09506  0.02477  -0.12692 61  TYR A CD2 
463 C CE1 . TYR A 61  ? 0.79173 0.56357 1.08408 0.08104  0.00137  -0.17825 61  TYR A CE1 
464 C CE2 . TYR A 61  ? 0.70669 0.51832 0.99159 0.07184  0.01685  -0.10878 61  TYR A CE2 
465 C CZ  . TYR A 61  ? 0.75848 0.54162 1.04886 0.06364  0.00537  -0.13279 61  TYR A CZ  
466 O OH  . TYR A 61  ? 0.69700 0.46582 0.99298 0.03928  -0.00322 -0.11309 61  TYR A OH  
467 N N   . LEU A 62  ? 0.84904 0.75143 1.10085 0.16639  0.05705  -0.27988 62  LEU A N   
468 C CA  . LEU A 62  ? 0.91664 0.82038 1.13289 0.17229  0.05665  -0.32192 62  LEU A CA  
469 C C   . LEU A 62  ? 1.03052 0.86435 1.26297 0.17041  0.02706  -0.34584 62  LEU A C   
470 O O   . LEU A 62  ? 1.00391 0.78919 1.28169 0.17735  0.01129  -0.34056 62  LEU A O   
471 C CB  . LEU A 62  ? 0.93586 0.88147 1.14408 0.20731  0.07615  -0.36049 62  LEU A CB  
472 C CG  . LEU A 62  ? 0.91198 0.93668 1.10939 0.21145  0.10841  -0.34369 62  LEU A CG  
473 C CD1 . LEU A 62  ? 0.80487 0.84246 1.05415 0.21937  0.11217  -0.31778 62  LEU A CD1 
474 C CD2 . LEU A 62  ? 0.99110 1.05957 1.16008 0.24083  0.12811  -0.38403 62  LEU A CD2 
475 N N   . VAL A 63  ? 1.12805 0.95723 1.32517 0.16101  0.01770  -0.37175 63  VAL A N   
476 C CA  . VAL A 63  ? 1.31579 1.08414 1.52674 0.15950  -0.01310 -0.40443 63  VAL A CA  
477 C C   . VAL A 63  ? 1.47779 1.26963 1.63499 0.17390  -0.01321 -0.44862 63  VAL A C   
478 O O   . VAL A 63  ? 1.53157 1.37545 1.64087 0.17355  0.00387  -0.45384 63  VAL A O   
479 C CB  . VAL A 63  ? 1.28881 1.02652 1.51539 0.12152  -0.03322 -0.37426 63  VAL A CB  
480 C CG1 . VAL A 63  ? 1.19504 0.91381 1.46594 0.10813  -0.03184 -0.32041 63  VAL A CG1 
481 C CG2 . VAL A 63  ? 1.27015 1.05744 1.44853 0.10222  -0.02264 -0.35878 63  VAL A CG2 
482 N N   . GLU A 64  ? 1.88838 1.27017 1.78043 0.00024  0.30235  -0.44584 64  GLU A N   
483 C CA  . GLU A 64  ? 2.00530 1.32477 1.76785 -0.01558 0.31914  -0.50166 64  GLU A CA  
484 C C   . GLU A 64  ? 2.03473 1.25146 1.70377 -0.05903 0.25881  -0.51804 64  GLU A C   
485 O O   . GLU A 64  ? 1.93827 1.16147 1.66945 -0.07537 0.19727  -0.47396 64  GLU A O   
486 C CB  . GLU A 64  ? 2.06111 1.38343 1.86541 0.02820  0.34568  -0.53620 64  GLU A CB  
487 C CG  . GLU A 64  ? 2.16995 1.50305 1.88596 0.02858  0.39555  -0.57706 64  GLU A CG  
488 C CD  . GLU A 64  ? 2.08383 1.53118 1.85416 0.04020  0.44715  -0.55624 64  GLU A CD  
489 O OE1 . GLU A 64  ? 1.92537 1.44642 1.81215 0.05998  0.44049  -0.51665 64  GLU A OE1 
490 O OE2 . GLU A 64  ? 2.17486 1.63590 1.87066 0.02637  0.49143  -0.57796 64  GLU A OE2 
491 N N   . SER A 65  ? 2.13148 1.28934 1.66616 -0.07397 0.26182  -0.56278 65  SER A N   
492 C CA  . SER A 65  ? 2.21538 1.27654 1.64893 -0.11244 0.19651  -0.58732 65  SER A CA  
493 C C   . SER A 65  ? 2.16043 1.22938 1.59069 -0.15224 0.12284  -0.53968 65  SER A C   
494 O O   . SER A 65  ? 2.23482 1.28094 1.53706 -0.18087 0.09188  -0.53530 65  SER A O   
495 C CB  . SER A 65  ? 2.21955 1.22459 1.72214 -0.09759 0.17000  -0.61394 65  SER A CB  
496 O OG  . SER A 65  ? 2.32549 1.24513 1.73464 -0.13383 0.10828  -0.64681 65  SER A OG  
497 N N   . PRO A 69  ? 2.29677 1.41123 1.36178 -0.15073 0.32242  -0.57149 69  PRO A N   
498 C CA  . PRO A 69  ? 2.20536 1.36210 1.27552 -0.16583 0.31907  -0.51726 69  PRO A CA  
499 C C   . PRO A 69  ? 2.03986 1.27985 1.29377 -0.13912 0.33239  -0.49241 69  PRO A C   
500 O O   . PRO A 69  ? 1.90664 1.15770 1.23908 -0.13992 0.26586  -0.45803 69  PRO A O   
501 C CB  . PRO A 69  ? 2.24656 1.32247 1.20532 -0.20056 0.22341  -0.50012 69  PRO A CB  
502 C CG  . PRO A 69  ? 2.32035 1.33503 1.28359 -0.20199 0.17054  -0.54226 69  PRO A CG  
503 C CD  . PRO A 69  ? 2.34287 1.37894 1.38260 -0.16733 0.23628  -0.58645 69  PRO A CD  
504 N N   . SER A 70  ? 1.97756 1.31041 1.33474 -0.11091 0.39956  -0.48838 70  SER A N   
505 C CA  . SER A 70  ? 1.78498 1.20382 1.31556 -0.07997 0.40777  -0.46176 70  SER A CA  
506 C C   . SER A 70  ? 1.73308 1.19687 1.27192 -0.09607 0.39241  -0.40456 70  SER A C   
507 O O   . SER A 70  ? 1.84506 1.29185 1.26953 -0.12523 0.41042  -0.39263 70  SER A O   
508 C CB  . SER A 70  ? 1.75133 1.26215 1.39303 -0.04440 0.46199  -0.47185 70  SER A CB  
509 O OG  . SER A 70  ? 1.84318 1.38337 1.42093 -0.06525 0.50967  -0.47154 70  SER A OG  
510 N N   . ARG A 71  ? 1.55108 1.07571 1.22914 -0.07492 0.35298  -0.35901 71  ARG A N   
511 C CA  . ARG A 71  ? 1.39699 0.96866 1.09994 -0.08461 0.31812  -0.29572 71  ARG A CA  
512 C C   . ARG A 71  ? 1.11296 0.77798 0.96462 -0.05345 0.33488  -0.26658 71  ARG A C   
513 O O   . ARG A 71  ? 1.09018 0.77221 1.04403 -0.02378 0.32938  -0.27103 71  ARG A O   
514 C CB  . ARG A 71  ? 1.46117 1.00130 1.16112 -0.09869 0.23493  -0.26456 71  ARG A CB  
515 C CG  . ARG A 71  ? 1.72443 1.18691 1.26530 -0.13255 0.19812  -0.27171 71  ARG A CG  
516 C CD  . ARG A 71  ? 1.77495 1.26151 1.32009 -0.14089 0.14296  -0.21510 71  ARG A CD  
517 N NE  . ARG A 71  ? 1.89125 1.33816 1.41578 -0.15657 0.05794  -0.21047 71  ARG A NE  
518 C CZ  . ARG A 71  ? 1.88771 1.35827 1.52988 -0.15321 0.01857  -0.20832 71  ARG A CZ  
519 N NH1 . ARG A 71  ? 1.93177 1.37486 1.56327 -0.17294 -0.06047 -0.20842 71  ARG A NH1 
520 N NH2 . ARG A 71  ? 1.82354 1.34182 1.59291 -0.13210 0.05577  -0.20574 71  ARG A NH2 
521 N N   . LYS A 72  ? 0.98499 0.69808 0.83649 -0.06152 0.34992  -0.23509 72  LYS A N   
522 C CA  . LYS A 72  ? 0.86495 0.66421 0.83585 -0.03644 0.36894  -0.21431 72  LYS A CA  
523 C C   . LYS A 72  ? 0.79274 0.61400 0.81130 -0.03254 0.31535  -0.15725 72  LYS A C   
524 O O   . LYS A 72  ? 0.92680 0.73527 0.88714 -0.05322 0.29352  -0.12791 72  LYS A O   
525 C CB  . LYS A 72  ? 1.02429 0.85973 0.96740 -0.05316 0.42600  -0.22424 72  LYS A CB  
526 C CG  . LYS A 72  ? 1.01271 0.94110 1.07995 -0.02974 0.41612  -0.20457 72  LYS A CG  
527 C CD  . LYS A 72  ? 1.04147 0.99569 1.08480 -0.05443 0.41874  -0.17904 72  LYS A CD  
528 C CE  . LYS A 72  ? 1.09064 1.05570 1.10753 -0.07527 0.45427  -0.20467 72  LYS A CE  
529 N NZ  . LYS A 72  ? 1.06625 1.04576 1.06763 -0.09985 0.45602  -0.18187 72  LYS A NZ  
530 N N   . TYR A 73  ? 0.74020 0.58736 0.85925 -0.00480 0.29625  -0.14218 73  TYR A N   
531 C CA  . TYR A 73  ? 0.68275 0.55353 0.85440 0.00023  0.25792  -0.09276 73  TYR A CA  
532 C C   . TYR A 73  ? 0.60929 0.54562 0.83999 0.01949  0.27497  -0.07061 73  TYR A C   
533 O O   . TYR A 73  ? 0.60253 0.57258 0.87516 0.03932  0.30448  -0.09257 73  TYR A O   
534 C CB  . TYR A 73  ? 0.77579 0.62148 1.00455 0.01156  0.23242  -0.08661 73  TYR A CB  
535 C CG  . TYR A 73  ? 0.78341 0.57820 0.97318 -0.01674 0.19249  -0.08873 73  TYR A CG  
536 C CD1 . TYR A 73  ? 0.96828 0.70140 1.08544 -0.03193 0.19127  -0.13252 73  TYR A CD1 
537 C CD2 . TYR A 73  ? 0.63033 0.44247 0.85849 -0.02859 0.15550  -0.05135 73  TYR A CD2 
538 C CE1 . TYR A 73  ? 1.01385 0.70021 1.09365 -0.05953 0.14455  -0.13789 73  TYR A CE1 
539 C CE2 . TYR A 73  ? 0.79273 0.57165 1.00405 -0.05506 0.11172  -0.05685 73  TYR A CE2 
540 C CZ  . TYR A 73  ? 0.99020 0.70428 1.12489 -0.07125 0.10158  -0.09976 73  TYR A CZ  
541 O OH  . TYR A 73  ? 1.19985 0.87989 1.31688 -0.09933 0.04763  -0.10854 73  TYR A OH  
542 N N   . TYR A 74  ? 0.48274 0.43821 0.72071 0.01519  0.25341  -0.03104 74  TYR A N   
543 C CA  . TYR A 74  ? 0.48355 0.49010 0.76101 0.02975  0.26395  -0.01106 74  TYR A CA  
544 C C   . TYR A 74  ? 0.38821 0.40835 0.72292 0.04990  0.24355  0.02161  74  TYR A C   
545 O O   . TYR A 74  ? 0.53167 0.53435 0.87680 0.04230  0.22260  0.04190  74  TYR A O   
546 C CB  . TYR A 74  ? 0.40842 0.41473 0.63476 0.01030  0.26188  0.00574  74  TYR A CB  
547 C CG  . TYR A 74  ? 0.44710 0.43580 0.60487 -0.01410 0.29336  -0.02167 74  TYR A CG  
548 C CD1 . TYR A 74  ? 0.53545 0.46541 0.60478 -0.03745 0.28835  -0.03460 74  TYR A CD1 
549 C CD2 . TYR A 74  ? 0.43878 0.45895 0.60156 -0.01624 0.30036  -0.03387 74  TYR A CD2 
550 C CE1 . TYR A 74  ? 0.67175 0.57401 0.65910 -0.06410 0.32572  -0.05784 74  TYR A CE1 
551 C CE2 . TYR A 74  ? 0.50842 0.51211 0.61181 -0.04373 0.32939  -0.05686 74  TYR A CE2 
552 C CZ  . TYR A 74  ? 0.59731 0.54055 0.60998 -0.06935 0.35781  -0.06884 74  TYR A CZ  
553 O OH  . TYR A 74  ? 0.68772 0.60160 0.62383 -0.09862 0.38482  -0.08779 74  TYR A OH  
554 N N   . GLN A 75  ? 0.43790 0.47422 0.77162 0.06381  0.22611  0.02576  75  GLN A N   
555 C CA  . GLN A 75  ? 0.55331 0.58343 0.90642 0.07768  0.20992  0.05418  75  GLN A CA  
556 C C   . GLN A 75  ? 0.42509 0.47590 0.75090 0.08156  0.19469  0.06409  75  GLN A C   
557 O O   . GLN A 75  ? 0.53660 0.61329 0.85474 0.08333  0.19163  0.04270  75  GLN A O   
558 C CB  . GLN A 75  ? 0.50602 0.51941 0.88933 0.09768  0.21111  0.04423  75  GLN A CB  
559 C CG  . GLN A 75  ? 0.51477 0.50760 0.91128 0.11203  0.20332  0.07666  75  GLN A CG  
560 C CD  . GLN A 75  ? 0.51882 0.47588 0.93715 0.13471  0.19885  0.06562  75  GLN A CD  
561 O OE1 . GLN A 75  ? 0.53652 0.50816 0.95442 0.15715  0.18543  0.04670  75  GLN A OE1 
562 N NE2 . GLN A 75  ? 0.54114 0.44645 0.98112 0.12950  0.20502  0.07460  75  GLN A NE2 
563 N N   . LEU A 76  ? 0.48041 0.52226 0.79902 0.08265  0.18933  0.09280  76  LEU A N   
564 C CA  . LEU A 76  ? 0.49065 0.54467 0.78450 0.08961  0.18109  0.09939  76  LEU A CA  
565 C C   . LEU A 76  ? 0.55074 0.61206 0.85702 0.11200  0.17776  0.10009  76  LEU A C   
566 O O   . LEU A 76  ? 0.62568 0.66496 0.94995 0.12461  0.18379  0.11754  76  LEU A O   
567 C CB  . LEU A 76  ? 0.53231 0.57212 0.81632 0.08831  0.18418  0.12691  76  LEU A CB  
568 C CG  . LEU A 76  ? 0.57956 0.62620 0.83336 0.09064  0.18000  0.12791  76  LEU A CG  
569 C CD1 . LEU A 76  ? 0.56239 0.61596 0.80526 0.07883  0.17341  0.10955  76  LEU A CD1 
570 C CD2 . LEU A 76  ? 0.69021 0.72489 0.94477 0.09495  0.18938  0.15110  76  LEU A CD2 
571 N N   . THR A 77  ? 0.52925 0.62061 0.83300 0.12063  0.16684  0.08121  77  THR A N   
572 C CA  . THR A 77  ? 0.53868 0.63814 0.85772 0.15217  0.15433  0.08318  77  THR A CA  
573 C C   . THR A 77  ? 0.54647 0.63132 0.83343 0.16585  0.15890  0.11538  77  THR A C   
574 O O   . THR A 77  ? 0.57848 0.65535 0.83894 0.14927  0.17351  0.12889  77  THR A O   
575 C CB  . THR A 77  ? 0.54070 0.69045 0.89149 0.16199  0.13813  0.04448  77  THR A CB  
576 O OG1 . THR A 77  ? 0.54978 0.72419 0.88905 0.14986  0.13947  0.03778  77  THR A OG1 
577 C CG2 . THR A 77  ? 0.49571 0.66466 0.86777 0.14749  0.14721  0.01416  77  THR A CG2 
578 N N   . VAL A 78  ? 0.85615 0.80542 0.53314 0.29667  0.02950  0.15142  78  VAL A N   
579 C CA  . VAL A 78  ? 0.95479 0.91486 0.61300 0.29244  -0.00645 0.13357  78  VAL A CA  
580 C C   . VAL A 78  ? 1.03701 1.04230 0.74273 0.28594  -0.04736 0.12838  78  VAL A C   
581 O O   . VAL A 78  ? 1.06921 1.06326 0.75041 0.26875  -0.06289 0.10662  78  VAL A O   
582 C CB  . VAL A 78  ? 0.90920 0.87521 0.55432 0.31406  -0.01893 0.14078  78  VAL A CB  
583 C CG1 . VAL A 78  ? 0.77323 0.73241 0.38479 0.30825  -0.05418 0.12151  78  VAL A CG1 
584 C CG2 . VAL A 78  ? 0.95605 0.87825 0.55938 0.31956  0.02087  0.14165  78  VAL A CG2 
585 N N   . LYS A 79  ? 0.92533 0.98353 0.71168 0.29779  -0.06285 0.14749  79  LYS A N   
586 C CA  . LYS A 79  ? 0.84151 0.94724 0.69877 0.27873  -0.09962 0.13633  79  LYS A CA  
587 C C   . LYS A 79  ? 0.77544 0.86046 0.62505 0.24722  -0.08325 0.11481  79  LYS A C   
588 O O   . LYS A 79  ? 0.72486 0.81572 0.57566 0.22674  -0.11116 0.09144  79  LYS A O   
589 C CB  . LYS A 79  ? 0.80691 0.97110 0.77419 0.28838  -0.10194 0.16301  79  LYS A CB  
590 C CG  . LYS A 79  ? 0.81572 1.02799 0.86954 0.26222  -0.13248 0.15335  79  LYS A CG  
591 C CD  . LYS A 79  ? 0.85244 1.11462 1.01951 0.27219  -0.11432 0.18528  79  LYS A CD  
592 C CE  . LYS A 79  ? 0.75028 1.07691 1.02355 0.25325  -0.16423 0.18567  79  LYS A CE  
593 N NZ  . LYS A 79  ? 0.64881 1.01872 1.03922 0.25930  -0.13917 0.21599  79  LYS A NZ  
594 N N   . GLY A 80  ? 0.81036 0.86213 0.64513 0.24314  -0.03929 0.12345  80  GLY A N   
595 C CA  . GLY A 80  ? 0.75434 0.78256 0.58439 0.21248  -0.02840 0.10710  80  GLY A CA  
596 C C   . GLY A 80  ? 0.77974 0.77032 0.54594 0.19958  -0.03119 0.08841  80  GLY A C   
597 O O   . GLY A 80  ? 0.73226 0.71621 0.51013 0.17350  -0.03423 0.07290  80  GLY A O   
598 N N   . GLU A 81  ? 0.83568 0.80039 0.53896 0.21843  -0.02717 0.09216  81  GLU A N   
599 C CA  . GLU A 81  ? 0.91498 0.84388 0.56504 0.20928  -0.02312 0.07874  81  GLU A CA  
600 C C   . GLU A 81  ? 0.86962 0.81687 0.52331 0.20570  -0.05385 0.05738  81  GLU A C   
601 O O   . GLU A 81  ? 0.98564 0.91559 0.63114 0.18920  -0.04954 0.04288  81  GLU A O   
602 C CB  . GLU A 81  ? 0.97303 0.86967 0.58932 0.21553  -0.00093 0.08063  81  GLU A CB  
603 C CG  . GLU A 81  ? 1.16742 1.03013 0.76218 0.20052  0.01307  0.07067  81  GLU A CG  
604 C CD  . GLU A 81  ? 1.31307 1.14386 0.90467 0.19236  0.03703  0.07728  81  GLU A CD  
605 O OE1 . GLU A 81  ? 1.32151 1.13160 0.92365 0.16961  0.04653  0.07901  81  GLU A OE1 
606 O OE2 . GLU A 81  ? 1.34884 1.17536 0.92782 0.20848  0.04213  0.08131  81  GLU A OE2 
607 N N   . ILE A 82  ? 0.86316 0.83915 0.52774 0.22104  -0.08617 0.05741  82  ILE A N   
608 C CA  . ILE A 82  ? 0.91618 0.89669 0.57403 0.21490  -0.12310 0.03709  82  ILE A CA  
609 C C   . ILE A 82  ? 0.86891 0.87888 0.59395 0.18723  -0.13437 0.02405  82  ILE A C   
610 O O   . ILE A 82  ? 0.86250 0.85279 0.56974 0.17314  -0.13923 0.00417  82  ILE A O   
611 C CB  . ILE A 82  ? 0.94770 0.94860 0.60763 0.23314  -0.16562 0.04448  82  ILE A CB  
612 C CG1 . ILE A 82  ? 1.00218 0.97375 0.61571 0.25059  -0.14383 0.05598  82  ILE A CG1 
613 C CG2 . ILE A 82  ? 1.01842 0.99983 0.65056 0.22145  -0.20480 0.02252  82  ILE A CG2 
614 C CD1 . ILE A 82  ? 1.03298 1.02233 0.66022 0.26233  -0.18234 0.06656  82  ILE A CD1 
615 N N   . TYR A 83  ? 0.78596 0.83780 0.58662 0.18088  -0.13309 0.03677  83  TYR A N   
616 C CA  . TYR A 83  ? 0.73675 0.81677 0.60380 0.15512  -0.14336 0.02641  83  TYR A CA  
617 C C   . TYR A 83  ? 0.80315 0.85209 0.65523 0.13420  -0.11707 0.01446  83  TYR A C   
618 O O   . TYR A 83  ? 0.84079 0.89410 0.71365 0.11471  -0.13066 -0.00336 83  TYR A O   
619 C CB  . TYR A 83  ? 0.69779 0.81789 0.64175 0.15658  -0.13463 0.04725  83  TYR A CB  
620 C CG  . TYR A 83  ? 0.68855 0.83644 0.70340 0.13110  -0.14163 0.03969  83  TYR A CG  
621 C CD1 . TYR A 83  ? 0.77175 0.95314 0.83088 0.11852  -0.18533 0.02772  83  TYR A CD1 
622 C CD2 . TYR A 83  ? 0.62293 0.75513 0.65349 0.11885  -0.10712 0.04557  83  TYR A CD2 
623 C CE1 . TYR A 83  ? 0.66423 0.87003 0.78892 0.09489  -0.19080 0.02160  83  TYR A CE1 
624 C CE2 . TYR A 83  ? 0.58848 0.74099 0.67898 0.09651  -0.11181 0.03938  83  TYR A CE2 
625 C CZ  . TYR A 83  ? 0.62049 0.81371 0.76185 0.08502  -0.15199 0.02744  83  TYR A CZ  
626 O OH  . TYR A 83  ? 0.63925 0.85136 0.84025 0.06232  -0.15584 0.02173  83  TYR A OH  
627 N N   . LEU A 84  ? 0.67630 0.69140 0.49567 0.13673  -0.08232 0.02629  84  LEU A N   
628 C CA  . LEU A 84  ? 0.66333 0.64867 0.47725 0.11541  -0.06415 0.02042  84  LEU A CA  
629 C C   . LEU A 84  ? 0.83633 0.80400 0.62038 0.11477  -0.06790 0.00397  84  LEU A C   
630 O O   . LEU A 84  ? 0.76467 0.73092 0.57488 0.09586  -0.06887 -0.00788 84  LEU A O   
631 C CB  . LEU A 84  ? 0.68047 0.62409 0.45749 0.11730  -0.03471 0.03909  84  LEU A CB  
632 C CG  . LEU A 84  ? 0.63629 0.54569 0.41004 0.09570  -0.02164 0.03983  84  LEU A CG  
633 C CD1 . LEU A 84  ? 0.60442 0.52246 0.42997 0.06835  -0.03065 0.03322  84  LEU A CD1 
634 C CD2 . LEU A 84  ? 0.75630 0.61841 0.48946 0.09548  -0.00153 0.06121  84  LEU A CD2 
635 N N   . ASN A 85  ? 0.94714 0.89455 0.67174 0.13739  -0.06698 0.00418  85  ASN A N   
636 C CA  . ASN A 85  ? 0.89441 0.80745 0.57439 0.14165  -0.05940 -0.00865 85  ASN A CA  
637 C C   . ASN A 85  ? 0.94622 0.86647 0.63428 0.13366  -0.08831 -0.03083 85  ASN A C   
638 O O   . ASN A 85  ? 0.93441 0.82650 0.60837 0.12821  -0.07535 -0.04241 85  ASN A O   
639 C CB  . ASN A 85  ? 0.81955 0.69842 0.42110 0.16937  -0.05156 -0.00300 85  ASN A CB  
640 C CG  . ASN A 85  ? 1.05635 0.91699 0.64242 0.17544  -0.01935 0.01847  85  ASN A CG  
641 O OD1 . ASN A 85  ? 1.13553 0.99060 0.75518 0.15748  0.00136  0.02770  85  ASN A OD1 
642 N ND2 . ASN A 85  ? 1.11773 0.96602 0.65829 0.19733  -0.01871 0.02733  85  ASN A ND2 
643 N N   . GLU A 86  ? 0.89402 0.84851 0.60733 0.13301  -0.12678 -0.03443 86  GLU A N   
644 C CA  . GLU A 86  ? 0.87603 0.83645 0.60398 0.11933  -0.16010 -0.05399 86  GLU A CA  
645 C C   . GLU A 86  ? 0.82251 0.80501 0.61854 0.09333  -0.15071 -0.05943 86  GLU A C   
646 O O   . GLU A 86  ? 0.95851 0.92196 0.74863 0.08228  -0.15504 -0.07667 86  GLU A O   
647 C CB  . GLU A 86  ? 0.91850 0.91533 0.67446 0.12156  -0.20825 -0.05058 86  GLU A CB  
648 C CG  . GLU A 86  ? 1.13962 1.09708 0.81479 0.13941  -0.24027 -0.05574 86  GLU A CG  
649 C CD  . GLU A 86  ? 1.27761 1.26396 0.96656 0.15757  -0.25935 -0.03418 86  GLU A CD  
650 O OE1 . GLU A 86  ? 1.27850 1.32551 1.05816 0.15267  -0.26302 -0.01753 86  GLU A OE1 
651 O OE2 . GLU A 86  ? 1.36246 1.30757 0.97837 0.17497  -0.26157 -0.03149 86  GLU A OE2 
652 N N   . LEU A 87  ? 0.79863 0.81164 0.65078 0.08435  -0.13680 -0.04438 87  LEU A N   
653 C CA  . LEU A 87  ? 0.74030 0.76733 0.65092 0.05909  -0.13115 -0.04806 87  LEU A CA  
654 C C   . LEU A 87  ? 0.69889 0.69180 0.59687 0.05074  -0.10573 -0.05234 87  LEU A C   
655 O O   . LEU A 87  ? 0.70383 0.69748 0.63254 0.03339  -0.10975 -0.06411 87  LEU A O   
656 C CB  . LEU A 87  ? 0.75603 0.80029 0.70472 0.05436  -0.11732 -0.02892 87  LEU A CB  
657 C CG  . LEU A 87  ? 0.77469 0.84928 0.79003 0.03566  -0.12726 -0.02935 87  LEU A CG  
658 C CD1 . LEU A 87  ? 0.78416 0.89673 0.83453 0.03444  -0.16403 -0.03960 87  LEU A CD1 
659 C CD2 . LEU A 87  ? 0.57423 0.64826 0.60118 0.04155  -0.10589 -0.00690 87  LEU A CD2 
660 N N   . ILE A 88  ? 0.68088 0.64446 0.54049 0.06333  -0.07875 -0.04019 88  ILE A N   
661 C CA  . ILE A 88  ? 0.77758 0.71275 0.64078 0.05740  -0.05216 -0.03744 88  ILE A CA  
662 C C   . ILE A 88  ? 0.84777 0.75908 0.68056 0.06522  -0.05084 -0.05625 88  ILE A C   
663 O O   . ILE A 88  ? 0.79327 0.69636 0.65757 0.05363  -0.03974 -0.06074 88  ILE A O   
664 C CB  . ILE A 88  ? 0.78645 0.69535 0.61963 0.06961  -0.02376 -0.01688 88  ILE A CB  
665 C CG1 . ILE A 88  ? 0.68537 0.59908 0.53862 0.05788  -0.02416 0.00228  88  ILE A CG1 
666 C CG2 . ILE A 88  ? 0.76954 0.65207 0.61715 0.06745  0.00625  -0.00966 88  ILE A CG2 
667 C CD1 . ILE A 88  ? 0.63354 0.51726 0.44994 0.06885  -0.00171 0.02331  88  ILE A CD1 
668 N N   . SER A 89  ? 0.89063 0.78136 0.65501 0.08559  -0.06255 -0.06635 89  SER A N   
669 C CA  . SER A 89  ? 0.94305 0.78882 0.65261 0.09417  -0.06231 -0.08517 89  SER A CA  
670 C C   . SER A 89  ? 0.94801 0.81024 0.69145 0.07417  -0.09357 -0.10391 89  SER A C   
671 O O   . SER A 89  ? 1.02748 0.85584 0.75840 0.07180  -0.08050 -0.11569 89  SER A O   
672 C CB  . SER A 89  ? 1.03546 0.84268 0.65032 0.11786  -0.07747 -0.09115 89  SER A CB  
673 O OG  . SER A 89  ? 1.25396 1.00926 0.80351 0.12133  -0.09388 -0.11266 89  SER A OG  
674 N N   . GLU A 90  ? 0.85443 0.76583 0.64315 0.06081  -0.13113 -0.10472 90  GLU A N   
675 C CA  . GLU A 90  ? 0.79320 0.72605 0.62755 0.03859  -0.15971 -0.11912 90  GLU A CA  
676 C C   . GLU A 90  ? 0.68138 0.62133 0.57369 0.02100  -0.13465 -0.11738 90  GLU A C   
677 O O   . GLU A 90  ? 0.80018 0.71890 0.69193 0.01259  -0.13548 -0.13217 90  GLU A O   
678 C CB  . GLU A 90  ? 0.89978 0.88951 0.79078 0.02866  -0.19403 -0.11224 90  GLU A CB  
679 C CG  . GLU A 90  ? 1.12192 1.11146 0.98563 0.03264  -0.24286 -0.11976 90  GLU A CG  
680 C CD  . GLU A 90  ? 1.30200 1.24888 1.12524 0.02225  -0.26847 -0.14339 90  GLU A CD  
681 O OE1 . GLU A 90  ? 1.39619 1.28363 1.12823 0.03560  -0.27978 -0.15200 90  GLU A OE1 
682 O OE2 . GLU A 90  ? 1.32778 1.29343 1.20656 0.00016  -0.26597 -0.14773 90  GLU A OE2 
683 N N   . TRP A 91  ? 0.63882 0.60075 0.57607 0.01503  -0.11449 -0.09817 91  TRP A N   
684 C CA  . TRP A 91  ? 0.59418 0.55936 0.58837 -0.00426 -0.09892 -0.09231 91  TRP A CA  
685 C C   . TRP A 91  ? 0.62121 0.54934 0.60443 0.00181  -0.07154 -0.09538 91  TRP A C   
686 O O   . TRP A 91  ? 0.62357 0.54948 0.64241 -0.01199 -0.07198 -0.10303 91  TRP A O   
687 C CB  . TRP A 91  ? 0.50805 0.48008 0.52683 -0.00958 -0.08447 -0.06827 91  TRP A CB  
688 C CG  . TRP A 91  ? 0.45617 0.42349 0.52969 -0.03194 -0.07758 -0.05856 91  TRP A CG  
689 C CD1 . TRP A 91  ? 0.38022 0.32776 0.47408 -0.03502 -0.05679 -0.03967 91  TRP A CD1 
690 C CD2 . TRP A 91  ? 0.47956 0.46009 0.59839 -0.05547 -0.09518 -0.06497 91  TRP A CD2 
691 N NE1 . TRP A 91  ? 0.45871 0.40582 0.60803 -0.05987 -0.06562 -0.03315 91  TRP A NE1 
692 C CE2 . TRP A 91  ? 0.43913 0.40323 0.59768 -0.07184 -0.08751 -0.05011 91  TRP A CE2 
693 C CE3 . TRP A 91  ? 0.49995 0.50370 0.63342 -0.06479 -0.11750 -0.07948 91  TRP A CE3 
694 C CZ2 . TRP A 91  ? 0.48884 0.45857 0.65760 -0.08323 -0.08646 -0.04408 91  TRP A CZ2 
695 C CZ3 . TRP A 91  ? 0.47022 0.47610 0.61745 -0.07751 -0.10647 -0.06917 91  TRP A CZ3 
696 C CH2 . TRP A 91  ? 0.43719 0.42523 0.59070 -0.08339 -0.09078 -0.05365 91  TRP A CH2 
697 N N   . ASN A 92  ? 0.71008 0.60600 0.64630 0.02415  -0.04290 -0.08714 92  ASN A N   
698 C CA  . ASN A 92  ? 0.67212 0.53032 0.60742 0.03390  -0.00460 -0.08294 92  ASN A CA  
699 C C   . ASN A 92  ? 0.74700 0.56884 0.63818 0.03912  -0.00897 -0.10773 92  ASN A C   
700 O O   . ASN A 92  ? 0.90159 0.71538 0.83181 0.03110  0.00399  -0.10975 92  ASN A O   
701 C CB  . ASN A 92  ? 0.61186 0.43727 0.50060 0.05917  0.03191  -0.06764 92  ASN A CB  
702 C CG  . ASN A 92  ? 0.78410 0.63483 0.71774 0.05167  0.03886  -0.04067 92  ASN A CG  
703 O OD1 . ASN A 92  ? 0.83201 0.71105 0.83708 0.02753  0.02633  -0.02897 92  ASN A OD1 
704 N ND2 . ASN A 92  ? 0.76626 0.59791 0.64972 0.07128  0.05641  -0.03029 92  ASN A ND2 
705 N N   . ASN A 93  ? 0.81176 0.60440 0.61744 0.05194  -0.03011 -0.12562 93  ASN A N   
706 C CA  . ASN A 93  ? 0.93500 0.67341 0.67822 0.05599  -0.03785 -0.14913 93  ASN A CA  
707 C C   . ASN A 93  ? 0.86419 0.63654 0.65996 0.02816  -0.07698 -0.16405 93  ASN A C   
708 O O   . ASN A 93  ? 0.86977 0.59956 0.63625 0.02595  -0.07746 -0.18076 93  ASN A O   
709 C CB  . ASN A 93  ? 1.19484 0.87928 0.82168 0.07523  -0.05686 -0.16136 93  ASN A CB  
710 C CG  . ASN A 93  ? 1.38821 1.07664 0.99029 0.05941  -0.12100 -0.18175 93  ASN A CG  
711 O OD1 . ASN A 93  ? 1.49209 1.13515 1.05563 0.05237  -0.13604 -0.20095 93  ASN A OD1 
712 N ND2 . ASN A 93  ? 1.40498 1.14235 1.02733 0.05478  -0.15928 -0.17534 93  ASN A ND2 
713 N N   . PHE A 94  ? 0.80488 0.64602 0.67640 0.00776  -0.10340 -0.15651 94  PHE A N   
714 C CA  . PHE A 94  ? 0.69713 0.57060 0.62788 -0.01879 -0.13193 -0.16656 94  PHE A CA  
715 C C   . PHE A 94  ? 0.60100 0.47367 0.59067 -0.02887 -0.10364 -0.16033 94  PHE A C   
716 O O   . PHE A 94  ? 0.65765 0.50890 0.64825 -0.03720 -0.10784 -0.17509 94  PHE A O   
717 C CB  . PHE A 94  ? 0.69515 0.63154 0.68287 -0.03319 -0.15836 -0.15645 94  PHE A CB  
718 C CG  . PHE A 94  ? 0.68096 0.65215 0.72829 -0.05787 -0.17174 -0.15411 94  PHE A CG  
719 C CD1 . PHE A 94  ? 0.72355 0.69848 0.75648 -0.06529 -0.18942 -0.15650 94  PHE A CD1 
720 C CD2 . PHE A 94  ? 0.65294 0.64777 0.75268 -0.06961 -0.14882 -0.13268 94  PHE A CD2 
721 C CE1 . PHE A 94  ? 0.73994 0.74365 0.81244 -0.08216 -0.18185 -0.14251 94  PHE A CE1 
722 C CE2 . PHE A 94  ? 0.67652 0.69122 0.79563 -0.08265 -0.14101 -0.11801 94  PHE A CE2 
723 C CZ  . PHE A 94  ? 0.62777 0.64862 0.73660 -0.08860 -0.15629 -0.12443 94  PHE A CZ  
724 N N   . THR A 95  ? 0.52893 0.42149 0.56885 -0.02938 -0.07835 -0.13665 95  THR A N   
725 C CA  . THR A 95  ? 0.54573 0.43762 0.65097 -0.03915 -0.05600 -0.12405 95  THR A CA  
726 C C   . THR A 95  ? 0.65859 0.49977 0.73831 -0.01892 -0.01641 -0.12509 95  THR A C   
727 O O   . THR A 95  ? 0.63579 0.47038 0.76340 -0.02622 -0.00422 -0.12266 95  THR A O   
728 C CB  . THR A 95  ? 0.62996 0.54416 0.78605 -0.04508 -0.04507 -0.09480 95  THR A CB  
729 O OG1 . THR A 95  ? 0.75665 0.65153 0.87448 -0.02138 -0.01652 -0.08194 95  THR A OG1 
730 C CG2 . THR A 95  ? 0.57541 0.52280 0.74175 -0.06164 -0.07638 -0.09330 95  THR A CG2 
731 N N   . ASP A 96  ? 0.68682 0.48558 0.68939 0.00840  0.00792  -0.12666 96  ASP A N   
732 C CA  . ASP A 96  ? 0.79402 0.52631 0.75036 0.03194  0.05162  -0.12990 96  ASP A CA  
733 C C   . ASP A 96  ? 0.83973 0.53480 0.74952 0.02571  0.03093  -0.15902 96  ASP A C   
734 O O   . ASP A 96  ? 0.78326 0.44115 0.70151 0.03256  0.06175  -0.15929 96  ASP A O   
735 C CB  . ASP A 96  ? 0.90491 0.58343 0.76356 0.06270  0.07908  -0.12894 96  ASP A CB  
736 C CG  . ASP A 96  ? 1.04128 0.74207 0.94571 0.07286  0.11361  -0.09657 96  ASP A CG  
737 O OD1 . ASP A 96  ? 1.07013 0.83098 1.07226 0.05174  0.10116  -0.07707 96  ASP A OD1 
738 O OD2 . ASP A 96  ? 0.99695 0.64713 0.83355 0.10104  0.15218  -0.08984 96  ASP A OD2 
739 N N   . SER A 97  ? 0.68432 0.38657 0.54756 0.01298  -0.02127 -0.18120 97  SER A N   
740 C CA  . SER A 97  ? 0.82884 0.49479 0.64732 0.00202  -0.05105 -0.20808 97  SER A CA  
741 C C   . SER A 97  ? 0.72387 0.42759 0.63397 -0.02213 -0.05805 -0.20806 97  SER A C   
742 O O   . SER A 97  ? 0.76581 0.42243 0.65448 -0.02132 -0.04706 -0.22034 97  SER A O   
743 C CB  . SER A 97  ? 0.81959 0.50018 0.59673 -0.01059 -0.11175 -0.22360 97  SER A CB  
744 O OG  . SER A 97  ? 1.00129 0.63010 0.67742 0.01241  -0.10987 -0.22576 97  SER A OG  
745 N N   . VAL A 98  ? 0.61925 0.39801 0.62214 -0.04294 -0.07551 -0.19419 98  VAL A N   
746 C CA  . VAL A 98  ? 0.61318 0.42225 0.69723 -0.06685 -0.08466 -0.19266 98  VAL A CA  
747 C C   . VAL A 98  ? 0.55513 0.33918 0.67836 -0.05605 -0.03917 -0.17770 98  VAL A C   
748 O O   . VAL A 98  ? 0.70705 0.47145 0.84654 -0.06320 -0.03702 -0.18652 98  VAL A O   
749 C CB  . VAL A 98  ? 0.52854 0.41231 0.66698 -0.08184 -0.09720 -0.16210 98  VAL A CB  
750 C CG1 . VAL A 98  ? 0.53646 0.44831 0.71618 -0.09093 -0.08742 -0.13553 98  VAL A CG1 
751 C CG2 . VAL A 98  ? 0.67501 0.58977 0.77977 -0.08793 -0.12224 -0.15865 98  VAL A CG2 
752 N N   . ALA A 99  ? 0.51811 0.30112 0.66085 -0.03764 -0.00093 -0.15258 99  ALA A N   
753 C CA  . ALA A 99  ? 0.52867 0.29266 0.72616 -0.02472 0.04605  -0.13057 99  ALA A CA  
754 C C   . ALA A 99  ? 0.68562 0.37318 0.81205 -0.00014 0.08239  -0.14519 99  ALA A C   
755 O O   . ALA A 99  ? 0.79183 0.46292 0.96799 0.00472  0.11159  -0.13483 99  ALA A O   
756 C CB  . ALA A 99  ? 0.58726 0.36491 0.82158 -0.01016 0.07883  -0.09774 99  ALA A CB  
757 N N   . LYS A 100 ? 0.70445 0.33570 0.70937 0.01593  0.08037  -0.16804 100 LYS A N   
758 C CA  . LYS A 100 ? 0.82137 0.35952 0.73370 0.03554  0.10712  -0.18663 100 LYS A CA  
759 C C   . LYS A 100 ? 0.88318 0.41821 0.80226 0.01154  0.07092  -0.20930 100 LYS A C   
760 O O   . LYS A 100 ? 0.93450 0.39899 0.81044 0.02464  0.09961  -0.21805 100 LYS A O   
761 C CB  . LYS A 100 ? 1.07706 0.54079 0.84112 0.05323  0.10036  -0.20740 100 LYS A CB  
762 C CG  . LYS A 100 ? 1.08900 0.50113 0.80115 0.09028  0.16164  -0.18896 100 LYS A CG  
763 C CD  . LYS A 100 ? 1.14662 0.52030 0.73693 0.09706  0.13123  -0.20546 100 LYS A CD  
764 C CE  . LYS A 100 ? 1.34179 0.66408 0.87541 0.13304  0.19127  -0.18626 100 LYS A CE  
765 N NZ  . LYS A 100 ? 1.48654 0.78066 0.90842 0.13645  0.15378  -0.19787 100 LYS A NZ  
766 N N   . LEU A 101 ? 0.88638 0.48903 0.85229 -0.02197 0.01160  -0.21865 101 LEU A N   
767 C CA  . LEU A 101 ? 0.97544 0.57881 0.96037 -0.04616 -0.01927 -0.23670 101 LEU A CA  
768 C C   . LEU A 101 ? 0.97487 0.61896 1.06666 -0.05224 0.00214  -0.21035 101 LEU A C   
769 O O   . LEU A 101 ? 1.10837 0.71524 1.19390 -0.04661 0.02025  -0.21141 101 LEU A O   
770 C CB  . LEU A 101 ? 0.83708 0.51266 0.82410 -0.07607 -0.07477 -0.23038 101 LEU A CB  
771 C CG  . LEU A 101 ? 0.74551 0.45368 0.74895 -0.09933 -0.09097 -0.21959 101 LEU A CG  
772 C CD1 . LEU A 101 ? 0.95398 0.57912 0.89619 -0.09494 -0.07654 -0.24084 101 LEU A CD1 
773 C CD2 . LEU A 101 ? 0.72809 0.48858 0.71957 -0.11763 -0.12093 -0.21359 101 LEU A CD2 
774 N N   . LEU A 102 ? 0.80918 0.52682 0.99001 -0.06222 -0.00239 -0.18266 102 LEU A N   
775 C CA  . LEU A 102 ? 0.81164 0.58017 1.07945 -0.07080 0.00105  -0.15188 102 LEU A CA  
776 C C   . LEU A 102 ? 0.90865 0.63905 1.22530 -0.05011 0.05353  -0.13713 102 LEU A C   
777 O O   . LEU A 102 ? 0.96723 0.73208 1.34582 -0.05610 0.05137  -0.11729 102 LEU A O   
778 C CB  . LEU A 102 ? 0.66488 0.50342 0.98201 -0.07853 -0.01443 -0.12270 102 LEU A CB  
779 C CG  . LEU A 102 ? 0.69246 0.58208 0.97961 -0.09094 -0.04811 -0.10991 102 LEU A CG  
780 C CD1 . LEU A 102 ? 0.66327 0.54326 0.88464 -0.10023 -0.06725 -0.12916 102 LEU A CD1 
781 C CD2 . LEU A 102 ? 0.68183 0.60379 0.96685 -0.09013 -0.05468 -0.09018 102 LEU A CD2 
782 N N   . THR A 103 ? 0.98808 0.65215 1.26783 -0.01933 0.10589  -0.13912 103 THR A N   
783 C CA  . THR A 103 ? 1.00712 0.64418 1.32379 0.00811  0.16613  -0.11192 103 THR A CA  
784 C C   . THR A 103 ? 1.22301 0.76384 1.42122 0.03642  0.20319  -0.13291 103 THR A C   
785 O O   . THR A 103 ? 1.33750 0.84565 1.53252 0.06690  0.26342  -0.10936 103 THR A O   
786 C CB  . THR A 103 ? 1.03756 0.69866 1.41618 0.02597  0.20667  -0.07332 103 THR A CB  
787 O OG1 . THR A 103 ? 0.92690 0.64675 1.34838 0.00265  0.16502  -0.06690 103 THR A OG1 
788 C CG2 . THR A 103 ? 1.00232 0.70450 1.49685 0.03022  0.23703  -0.03092 103 THR A CG2 
789 N N   . GLU A 104 ? 1.36759 0.86597 1.46406 0.02418  0.16363  -0.17324 104 GLU A N   
790 C CA  . GLU A 104 ? 1.56422 0.97247 1.54515 0.04283  0.18071  -0.19240 104 GLU A CA  
791 C C   . GLU A 104 ? 1.57327 0.99123 1.54949 0.01300  0.12496  -0.21583 104 GLU A C   
792 O O   . GLU A 104 ? 1.62143 1.00753 1.50748 0.00132  0.07966  -0.24628 104 GLU A O   
793 C CB  . GLU A 104 ? 1.69192 1.02881 1.52789 0.05959  0.18063  -0.21306 104 GLU A CB  
794 C CG  . GLU A 104 ? 1.80096 1.06468 1.56583 0.09940  0.25008  -0.19479 104 GLU A CG  
795 C CD  . GLU A 104 ? 1.74120 1.04337 1.58717 0.12002  0.30643  -0.15426 104 GLU A CD  
796 O OE1 . GLU A 104 ? 1.70092 1.01378 1.61976 0.13533  0.35983  -0.12099 104 GLU A OE1 
797 O OE2 . GLU A 104 ? 1.70634 1.03282 1.54889 0.11880  0.29506  -0.15322 104 GLU A OE2 
798 N N   . GLY A 105 ? 1.53513 1.00766 1.61690 -0.00022 0.12377  -0.19596 105 GLY A N   
799 C CA  . GLY A 105 ? 1.52993 1.01839 1.60991 -0.02648 0.07731  -0.20808 105 GLY A CA  
800 C C   . GLY A 105 ? 1.39145 0.96381 1.59195 -0.04416 0.06870  -0.18007 105 GLY A C   
801 O O   . GLY A 105 ? 1.25674 0.87216 1.45926 -0.06978 0.02528  -0.18105 105 GLY A O   
# 
loop_
_pdbx_poly_seq_scheme.asym_id 
_pdbx_poly_seq_scheme.entity_id 
_pdbx_poly_seq_scheme.seq_id 
_pdbx_poly_seq_scheme.mon_id 
_pdbx_poly_seq_scheme.ndb_seq_num 
_pdbx_poly_seq_scheme.pdb_seq_num 
_pdbx_poly_seq_scheme.auth_seq_num 
_pdbx_poly_seq_scheme.pdb_mon_id 
_pdbx_poly_seq_scheme.auth_mon_id 
_pdbx_poly_seq_scheme.pdb_strand_id 
_pdbx_poly_seq_scheme.pdb_ins_code 
_pdbx_poly_seq_scheme.hetero 
A 1 1   MET 1   1   ?   ?   ?   A . n 
A 1 2   GLU 2   2   ?   ?   ?   A . n 
A 1 3   VAL 3   3   ?   ?   ?   A . n 
A 1 4   ASN 4   4   ?   ?   ?   A . n 
A 1 5   PRO 5   5   5   PRO PRO A . n 
A 1 6   GLN 6   6   6   GLN GLN A . n 
A 1 7   PHE 7   7   7   PHE PHE A . n 
A 1 8   LYS 8   8   8   LYS LYS A . n 
A 1 9   LYS 9   9   9   LYS LYS A . n 
A 1 10  GLY 10  10  10  GLY GLY A . n 
A 1 11  VAL 11  11  11  VAL VAL A . n 
A 1 12  LEU 12  12  12  LEU LEU A . n 
A 1 13  GLU 13  13  13  GLU GLU A . n 
A 1 14  LEU 14  14  14  LEU LEU A . n 
A 1 15  CYS 15  15  15  CYS CYS A . n 
A 1 16  CYS 16  16  16  CYS CYS A . n 
A 1 17  LEU 17  17  17  LEU LEU A . n 
A 1 18  PHE 18  18  18  PHE PHE A . n 
A 1 19  LEU 19  19  19  LEU LEU A . n 
A 1 20  ILE 20  20  20  ILE ILE A . n 
A 1 21  GLN 21  21  21  GLN GLN A . n 
A 1 22  LYS 22  22  22  LYS LYS A . n 
A 1 23  LYS 23  23  23  LYS LYS A . n 
A 1 24  ASP 24  24  24  ASP ASP A . n 
A 1 25  CYS 25  25  25  CYS CYS A . n 
A 1 26  TYR 26  26  26  TYR TYR A . n 
A 1 27  GLY 27  27  27  GLY GLY A . n 
A 1 28  TYR 28  28  28  TYR TYR A . n 
A 1 29  GLU 29  29  29  GLU GLU A . n 
A 1 30  LEU 30  30  30  LEU LEU A . n 
A 1 31  ALA 31  31  31  ALA ALA A . n 
A 1 32  ASN 32  32  32  ASN ASN A . n 
A 1 33  GLN 33  33  33  GLN GLN A . n 
A 1 34  VAL 34  34  34  VAL VAL A . n 
A 1 35  SER 35  35  35  SER SER A . n 
A 1 36  LYS 36  36  36  LYS LYS A . n 
A 1 37  TYR 37  37  37  TYR TYR A . n 
A 1 38  ILE 38  38  38  ILE ILE A . n 
A 1 39  GLU 39  39  39  GLU GLU A . n 
A 1 40  VAL 40  40  40  VAL VAL A . n 
A 1 41  ALA 41  41  41  ALA ALA A . n 
A 1 42  GLU 42  42  42  GLU GLU A . n 
A 1 43  GLY 43  43  43  GLY GLY A . n 
A 1 44  ALA 44  44  44  ALA ALA A . n 
A 1 45  ILE 45  45  45  ILE ILE A . n 
A 1 46  TYR 46  46  46  TYR TYR A . n 
A 1 47  PRO 47  47  47  PRO PRO A . n 
A 1 48  VAL 48  48  48  VAL VAL A . n 
A 1 49  LEU 49  49  49  LEU LEU A . n 
A 1 50  ARG 50  50  50  ARG ARG A . n 
A 1 51  ARG 51  51  51  ARG ARG A . n 
A 1 52  LEU 52  52  52  LEU LEU A . n 
A 1 53  VAL 53  53  53  VAL VAL A . n 
A 1 54  LYS 54  54  54  LYS LYS A . n 
A 1 55  GLU 55  55  55  GLU GLU A . n 
A 1 56  GLU 56  56  56  GLU GLU A . n 
A 1 57  TYR 57  57  57  TYR TYR A . n 
A 1 58  CYS 58  58  58  CYS CYS A . n 
A 1 59  SER 59  59  59  SER SER A . n 
A 1 60  THR 60  60  60  THR THR A . n 
A 1 61  TYR 61  61  61  TYR TYR A . n 
A 1 62  LEU 62  62  62  LEU LEU A . n 
A 1 63  VAL 63  63  63  VAL VAL A . n 
A 1 64  GLU 64  64  64  GLU GLU A . n 
A 1 65  SER 65  65  65  SER SER A . n 
A 1 66  ASN 66  66  ?   ?   ?   A . n 
A 1 67  GLU 67  67  ?   ?   ?   A . n 
A 1 68  GLY 68  68  ?   ?   ?   A . n 
A 1 69  PRO 69  69  69  PRO PRO A . n 
A 1 70  SER 70  70  70  SER SER A . n 
A 1 71  ARG 71  71  71  ARG ARG A . n 
A 1 72  LYS 72  72  72  LYS LYS A . n 
A 1 73  TYR 73  73  73  TYR TYR A . n 
A 1 74  TYR 74  74  74  TYR TYR A . n 
A 1 75  GLN 75  75  75  GLN GLN A . n 
A 1 76  LEU 76  76  76  LEU LEU A . n 
A 1 77  THR 77  77  77  THR THR A . n 
A 1 78  VAL 78  78  78  VAL VAL A . n 
A 1 79  LYS 79  79  79  LYS LYS A . n 
A 1 80  GLY 80  80  80  GLY GLY A . n 
A 1 81  GLU 81  81  81  GLU GLU A . n 
A 1 82  ILE 82  82  82  ILE ILE A . n 
A 1 83  TYR 83  83  83  TYR TYR A . n 
A 1 84  LEU 84  84  84  LEU LEU A . n 
A 1 85  ASN 85  85  85  ASN ASN A . n 
A 1 86  GLU 86  86  86  GLU GLU A . n 
A 1 87  LEU 87  87  87  LEU LEU A . n 
A 1 88  ILE 88  88  88  ILE ILE A . n 
A 1 89  SER 89  89  89  SER SER A . n 
A 1 90  GLU 90  90  90  GLU GLU A . n 
A 1 91  TRP 91  91  91  TRP TRP A . n 
A 1 92  ASN 92  92  92  ASN ASN A . n 
A 1 93  ASN 93  93  93  ASN ASN A . n 
A 1 94  PHE 94  94  94  PHE PHE A . n 
A 1 95  THR 95  95  95  THR THR A . n 
A 1 96  ASP 96  96  96  ASP ASP A . n 
A 1 97  SER 97  97  97  SER SER A . n 
A 1 98  VAL 98  98  98  VAL VAL A . n 
A 1 99  ALA 99  99  99  ALA ALA A . n 
A 1 100 LYS 100 100 100 LYS LYS A . n 
A 1 101 LEU 101 101 101 LEU LEU A . n 
A 1 102 LEU 102 102 102 LEU LEU A . n 
A 1 103 THR 103 103 103 THR THR A . n 
A 1 104 GLU 104 104 104 GLU GLU A . n 
A 1 105 GLY 105 105 105 GLY GLY A . n 
A 1 106 GLU 106 106 ?   ?   ?   A . n 
A 1 107 ALA 107 107 ?   ?   ?   A . n 
A 1 108 VAL 108 108 ?   ?   ?   A . n 
A 1 109 ASN 109 109 ?   ?   ?   A . n 
A 1 110 GLU 110 110 ?   ?   ?   A . n 
# 
_pdbx_contact_author.id                 2 
_pdbx_contact_author.email              minsunhong@yonsei.ac.kr 
_pdbx_contact_author.name_first         Minsun 
_pdbx_contact_author.name_last          Hong 
_pdbx_contact_author.name_mi            ? 
_pdbx_contact_author.role               'principal investigator/group leader' 
_pdbx_contact_author.identifier_ORCID   0000-0002-5953-1282 
# 
loop_
_pdbx_nonpoly_scheme.asym_id 
_pdbx_nonpoly_scheme.entity_id 
_pdbx_nonpoly_scheme.mon_id 
_pdbx_nonpoly_scheme.ndb_seq_num 
_pdbx_nonpoly_scheme.pdb_seq_num 
_pdbx_nonpoly_scheme.auth_seq_num 
_pdbx_nonpoly_scheme.pdb_mon_id 
_pdbx_nonpoly_scheme.auth_mon_id 
_pdbx_nonpoly_scheme.pdb_strand_id 
_pdbx_nonpoly_scheme.pdb_ins_code 
B 2 HOH 1  201 6  HOH HOH A . 
B 2 HOH 2  202 11 HOH HOH A . 
B 2 HOH 3  203 3  HOH HOH A . 
B 2 HOH 4  204 1  HOH HOH A . 
B 2 HOH 5  205 15 HOH HOH A . 
B 2 HOH 6  206 9  HOH HOH A . 
B 2 HOH 7  207 12 HOH HOH A . 
B 2 HOH 8  208 13 HOH HOH A . 
B 2 HOH 9  209 10 HOH HOH A . 
B 2 HOH 10 210 5  HOH HOH A . 
B 2 HOH 11 211 16 HOH HOH A . 
B 2 HOH 12 212 18 HOH HOH A . 
B 2 HOH 13 213 4  HOH HOH A . 
B 2 HOH 14 214 7  HOH HOH A . 
B 2 HOH 15 215 14 HOH HOH A . 
B 2 HOH 16 216 17 HOH HOH A . 
B 2 HOH 17 217 8  HOH HOH A . 
# 
_pdbx_struct_assembly.id                   1 
_pdbx_struct_assembly.details              author_and_software_defined_assembly 
_pdbx_struct_assembly.method_details       PISA 
_pdbx_struct_assembly.oligomeric_details   dimeric 
_pdbx_struct_assembly.oligomeric_count     2 
# 
_pdbx_struct_assembly_gen.assembly_id       1 
_pdbx_struct_assembly_gen.oper_expression   1,2 
_pdbx_struct_assembly_gen.asym_id_list      A,B 
# 
loop_
_pdbx_struct_assembly_prop.biol_id 
_pdbx_struct_assembly_prop.type 
_pdbx_struct_assembly_prop.value 
_pdbx_struct_assembly_prop.details 
1 'ABSA (A^2)' 2990  ? 
1 MORE         -31   ? 
1 'SSA (A^2)'  11050 ? 
# 
loop_
_pdbx_struct_oper_list.id 
_pdbx_struct_oper_list.type 
_pdbx_struct_oper_list.name 
_pdbx_struct_oper_list.symmetry_operation 
_pdbx_struct_oper_list.matrix[1][1] 
_pdbx_struct_oper_list.matrix[1][2] 
_pdbx_struct_oper_list.matrix[1][3] 
_pdbx_struct_oper_list.vector[1] 
_pdbx_struct_oper_list.matrix[2][1] 
_pdbx_struct_oper_list.matrix[2][2] 
_pdbx_struct_oper_list.matrix[2][3] 
_pdbx_struct_oper_list.vector[2] 
_pdbx_struct_oper_list.matrix[3][1] 
_pdbx_struct_oper_list.matrix[3][2] 
_pdbx_struct_oper_list.matrix[3][3] 
_pdbx_struct_oper_list.vector[3] 
1 'identity operation'         1_555 x,y,z        1.0000000000 0.0000000000 0.0000000000  0.0000000000  0.0000000000 1.0000000000  0.0000000000  0.0000000000  0.0000000000  0.0000000000  1.0000000000  0.0000000000 
2 'crystal symmetry operation' 8_555 -y,-x,-z+1/2 0.6504111737 0.1231534911 -0.7495322026 -0.5468087642 0.1231534911 -0.9908103007 -0.0559300063 25.4981938301 -0.7495322026 -0.0559300063 -0.6596008730 2.9855052039 
# 
loop_
_pdbx_struct_special_symmetry.id 
_pdbx_struct_special_symmetry.PDB_model_num 
_pdbx_struct_special_symmetry.auth_asym_id 
_pdbx_struct_special_symmetry.auth_comp_id 
_pdbx_struct_special_symmetry.auth_seq_id 
_pdbx_struct_special_symmetry.PDB_ins_code 
_pdbx_struct_special_symmetry.label_asym_id 
_pdbx_struct_special_symmetry.label_comp_id 
_pdbx_struct_special_symmetry.label_seq_id 
1 1 A HOH 203 ? B HOH . 
2 1 A HOH 212 ? B HOH . 
# 
loop_
_pdbx_audit_revision_history.ordinal 
_pdbx_audit_revision_history.data_content_type 
_pdbx_audit_revision_history.major_revision 
_pdbx_audit_revision_history.minor_revision 
_pdbx_audit_revision_history.revision_date 
1 'Structure model' 1 0 2022-04-20 
2 'Structure model' 1 1 2023-11-29 
# 
_pdbx_audit_revision_details.ordinal             1 
_pdbx_audit_revision_details.revision_ordinal    1 
_pdbx_audit_revision_details.data_content_type   'Structure model' 
_pdbx_audit_revision_details.provider            repository 
_pdbx_audit_revision_details.type                'Initial release' 
_pdbx_audit_revision_details.description         ? 
_pdbx_audit_revision_details.details             ? 
# 
loop_
_pdbx_audit_revision_group.ordinal 
_pdbx_audit_revision_group.revision_ordinal 
_pdbx_audit_revision_group.data_content_type 
_pdbx_audit_revision_group.group 
1 2 'Structure model' 'Data collection'        
2 2 'Structure model' 'Refinement description' 
# 
loop_
_pdbx_audit_revision_category.ordinal 
_pdbx_audit_revision_category.revision_ordinal 
_pdbx_audit_revision_category.data_content_type 
_pdbx_audit_revision_category.category 
1 2 'Structure model' chem_comp_atom                
2 2 'Structure model' chem_comp_bond                
3 2 'Structure model' pdbx_initial_refinement_model 
# 
loop_
_space_group_symop.id 
_space_group_symop.operation_xyz 
1 x,y,z               
2 -y+1/2,x+1/2,z+1/4  
3 y+1/2,-x+1/2,z+3/4  
4 x+1/2,-y+1/2,-z+3/4 
5 -x+1/2,y+1/2,-z+1/4 
6 -x,-y,z+1/2         
7 y,x,-z              
8 -y,-x,-z+1/2        
# 
loop_
_pdbx_refine_tls.id 
_pdbx_refine_tls.pdbx_refine_id 
_pdbx_refine_tls.details 
_pdbx_refine_tls.method 
_pdbx_refine_tls.origin_x 
_pdbx_refine_tls.origin_y 
_pdbx_refine_tls.origin_z 
_pdbx_refine_tls.T[1][1] 
_pdbx_refine_tls.T[1][1]_esd 
_pdbx_refine_tls.T[1][2] 
_pdbx_refine_tls.T[1][2]_esd 
_pdbx_refine_tls.T[1][3] 
_pdbx_refine_tls.T[1][3]_esd 
_pdbx_refine_tls.T[2][2] 
_pdbx_refine_tls.T[2][2]_esd 
_pdbx_refine_tls.T[2][3] 
_pdbx_refine_tls.T[2][3]_esd 
_pdbx_refine_tls.T[3][3] 
_pdbx_refine_tls.T[3][3]_esd 
_pdbx_refine_tls.L[1][1] 
_pdbx_refine_tls.L[1][1]_esd 
_pdbx_refine_tls.L[1][2] 
_pdbx_refine_tls.L[1][2]_esd 
_pdbx_refine_tls.L[1][3] 
_pdbx_refine_tls.L[1][3]_esd 
_pdbx_refine_tls.L[2][2] 
_pdbx_refine_tls.L[2][2]_esd 
_pdbx_refine_tls.L[2][3] 
_pdbx_refine_tls.L[2][3]_esd 
_pdbx_refine_tls.L[3][3] 
_pdbx_refine_tls.L[3][3]_esd 
_pdbx_refine_tls.S[1][1] 
_pdbx_refine_tls.S[1][1]_esd 
_pdbx_refine_tls.S[1][2] 
_pdbx_refine_tls.S[1][2]_esd 
_pdbx_refine_tls.S[1][3] 
_pdbx_refine_tls.S[1][3]_esd 
_pdbx_refine_tls.S[2][1] 
_pdbx_refine_tls.S[2][1]_esd 
_pdbx_refine_tls.S[2][2] 
_pdbx_refine_tls.S[2][2]_esd 
_pdbx_refine_tls.S[2][3] 
_pdbx_refine_tls.S[2][3]_esd 
_pdbx_refine_tls.S[3][1] 
_pdbx_refine_tls.S[3][1]_esd 
_pdbx_refine_tls.S[3][2] 
_pdbx_refine_tls.S[3][2]_esd 
_pdbx_refine_tls.S[3][3] 
_pdbx_refine_tls.S[3][3]_esd 
1 'X-RAY DIFFRACTION' ? refined -1.446257090700 3.0277588530   -0.02661758500 0.44110866911  ? -0.099160527337 ? 0.201931074496  ? 0.382819996568 ? 0.000251720095  ? 0.479747244984 ? 5.5711575140  ? -0.17315081474  ? 3.124998331394 ? 4.39998182940  ? -1.56247563897 ? 5.00703378899 ? 0.029952431236  ? 0.55146014685   ? 0.4069498065    ? -0.44061526662  ? 0.013399898418 ? 0.041545975740  ? -0.58560813869  ? 0.81036444982  ? 0.054027550675  ? 
2 'X-RAY DIFFRACTION' ? refined 1.74167451355   -3.9299830222  -5.16791287092 0.382155984358 ? -0.014121147762 ? 0.083591748789  ? 0.415810880251 ? -0.031523312634 ? 0.401641950858 ? 6.6975173528  ? -1.583935960331 ? 1.57117327743  ? 4.42063367209  ? -0.57118633050 ? 4.35391040021 ? 0.018015737060  ? 0.832862651994  ? -0.310734671437 ? -0.475368548497 ? 0.031539517394 ? -0.273933519763 ? 0.083136166742  ? 0.323288730599 ? -0.024478565438 ? 
3 'X-RAY DIFFRACTION' ? refined 3.7830528142    -13.8792725041 -6.41655370302 0.697076061465 ? -0.003761556966 ? 0.279336456138  ? 0.509475837609 ? -0.151619491322 ? 0.81697442414  ? 5.98035925332 ? 0.57104350553   ? 0.60664818505  ? 12.76485558669 ? 2.616876409    ? 8.40920922015 ? -0.254954316361 ? 1.0152664389    ? -1.33563327509  ? -2.093348303790 ? 0.772424778177 ? -0.334754249717 ? 0.76080160147   ? 0.613095128797 ? -0.385515487350 ? 
4 'X-RAY DIFFRACTION' ? refined -3.35624092555  8.71362907283  10.3701888408  0.470921665934 ? 0.016256789270  ? -0.103695896602 ? 0.39675161800  ? -0.112071203050 ? 0.386612545957 ? 0.30982154417 ? -0.22515031354  ? -0.19357722062 ? 10.04818223828 ? -3.30227231612 ? 3.0099195379  ? -0.45496371003  ? -0.731613229046 ? 0.459434459066  ? 1.60213367941   ? 0.4075329375   ? 0.117735949207  ? -0.129361966238 ? 0.544900519468 ? 0.087118832064  ? 
# 
loop_
_pdbx_refine_tls_group.id 
_pdbx_refine_tls_group.pdbx_refine_id 
_pdbx_refine_tls_group.refine_tls_id 
_pdbx_refine_tls_group.beg_label_asym_id 
_pdbx_refine_tls_group.beg_label_seq_id 
_pdbx_refine_tls_group.beg_auth_asym_id 
_pdbx_refine_tls_group.beg_auth_seq_id 
_pdbx_refine_tls_group.beg_PDB_ins_code 
_pdbx_refine_tls_group.end_label_asym_id 
_pdbx_refine_tls_group.end_label_seq_id 
_pdbx_refine_tls_group.end_auth_asym_id 
_pdbx_refine_tls_group.end_auth_seq_id 
_pdbx_refine_tls_group.end_PDB_ins_code 
_pdbx_refine_tls_group.selection 
_pdbx_refine_tls_group.selection_details 
1 'X-RAY DIFFRACTION' 1 ? ? ? ? ? ? ? ? ? ? ? 
;chain 'A' and (resid 5 through 22 )
;
2 'X-RAY DIFFRACTION' 2 ? ? ? ? ? ? ? ? ? ? ? 
;chain 'A' and (resid 23 through 63 )
;
3 'X-RAY DIFFRACTION' 3 ? ? ? ? ? ? ? ? ? ? ? 
;chain 'A' and (resid 64 through 77 )
;
4 'X-RAY DIFFRACTION' 4 ? ? ? ? ? ? ? ? ? ? ? 
;chain 'A' and (resid 78 through 105 )
;
# 
loop_
_software.citation_id 
_software.classification 
_software.compiler_name 
_software.compiler_version 
_software.contact_author 
_software.contact_author_email 
_software.date 
_software.description 
_software.dependencies 
_software.hardware 
_software.language 
_software.location 
_software.mods 
_software.name 
_software.os 
_software.os_version 
_software.type 
_software.version 
_software.pdbx_ordinal 
? refinement       ? ? ? ? ? ? ? ? ? ? ? PHENIX   ? ? ? 1.15.2_3472 1 
? 'data reduction' ? ? ? ? ? ? ? ? ? ? ? HKL-2000 ? ? ? .           2 
? 'data scaling'   ? ? ? ? ? ? ? ? ? ? ? HKL-2000 ? ? ? .           3 
? phasing          ? ? ? ? ? ? ? ? ? ? ? PHASER   ? ? ? .           4 
# 
loop_
_pdbx_unobs_or_zero_occ_residues.id 
_pdbx_unobs_or_zero_occ_residues.PDB_model_num 
_pdbx_unobs_or_zero_occ_residues.polymer_flag 
_pdbx_unobs_or_zero_occ_residues.occupancy_flag 
_pdbx_unobs_or_zero_occ_residues.auth_asym_id 
_pdbx_unobs_or_zero_occ_residues.auth_comp_id 
_pdbx_unobs_or_zero_occ_residues.auth_seq_id 
_pdbx_unobs_or_zero_occ_residues.PDB_ins_code 
_pdbx_unobs_or_zero_occ_residues.label_asym_id 
_pdbx_unobs_or_zero_occ_residues.label_comp_id 
_pdbx_unobs_or_zero_occ_residues.label_seq_id 
1  1 Y 1 A MET 1   ? A MET 1   
2  1 Y 1 A GLU 2   ? A GLU 2   
3  1 Y 1 A VAL 3   ? A VAL 3   
4  1 Y 1 A ASN 4   ? A ASN 4   
5  1 Y 1 A ASN 66  ? A ASN 66  
6  1 Y 1 A GLU 67  ? A GLU 67  
7  1 Y 1 A GLY 68  ? A GLY 68  
8  1 Y 1 A GLU 106 ? A GLU 106 
9  1 Y 1 A ALA 107 ? A ALA 107 
10 1 Y 1 A VAL 108 ? A VAL 108 
11 1 Y 1 A ASN 109 ? A ASN 109 
12 1 Y 1 A GLU 110 ? A GLU 110 
# 
loop_
_chem_comp_atom.comp_id 
_chem_comp_atom.atom_id 
_chem_comp_atom.type_symbol 
_chem_comp_atom.pdbx_aromatic_flag 
_chem_comp_atom.pdbx_stereo_config 
_chem_comp_atom.pdbx_ordinal 
ALA N    N N N 1   
ALA CA   C N S 2   
ALA C    C N N 3   
ALA O    O N N 4   
ALA CB   C N N 5   
ALA OXT  O N N 6   
ALA H    H N N 7   
ALA H2   H N N 8   
ALA HA   H N N 9   
ALA HB1  H N N 10  
ALA HB2  H N N 11  
ALA HB3  H N N 12  
ALA HXT  H N N 13  
ARG N    N N N 14  
ARG CA   C N S 15  
ARG C    C N N 16  
ARG O    O N N 17  
ARG CB   C N N 18  
ARG CG   C N N 19  
ARG CD   C N N 20  
ARG NE   N N N 21  
ARG CZ   C N N 22  
ARG NH1  N N N 23  
ARG NH2  N N N 24  
ARG OXT  O N N 25  
ARG H    H N N 26  
ARG H2   H N N 27  
ARG HA   H N N 28  
ARG HB2  H N N 29  
ARG HB3  H N N 30  
ARG HG2  H N N 31  
ARG HG3  H N N 32  
ARG HD2  H N N 33  
ARG HD3  H N N 34  
ARG HE   H N N 35  
ARG HH11 H N N 36  
ARG HH12 H N N 37  
ARG HH21 H N N 38  
ARG HH22 H N N 39  
ARG HXT  H N N 40  
ASN N    N N N 41  
ASN CA   C N S 42  
ASN C    C N N 43  
ASN O    O N N 44  
ASN CB   C N N 45  
ASN CG   C N N 46  
ASN OD1  O N N 47  
ASN ND2  N N N 48  
ASN OXT  O N N 49  
ASN H    H N N 50  
ASN H2   H N N 51  
ASN HA   H N N 52  
ASN HB2  H N N 53  
ASN HB3  H N N 54  
ASN HD21 H N N 55  
ASN HD22 H N N 56  
ASN HXT  H N N 57  
ASP N    N N N 58  
ASP CA   C N S 59  
ASP C    C N N 60  
ASP O    O N N 61  
ASP CB   C N N 62  
ASP CG   C N N 63  
ASP OD1  O N N 64  
ASP OD2  O N N 65  
ASP OXT  O N N 66  
ASP H    H N N 67  
ASP H2   H N N 68  
ASP HA   H N N 69  
ASP HB2  H N N 70  
ASP HB3  H N N 71  
ASP HD2  H N N 72  
ASP HXT  H N N 73  
CYS N    N N N 74  
CYS CA   C N R 75  
CYS C    C N N 76  
CYS O    O N N 77  
CYS CB   C N N 78  
CYS SG   S N N 79  
CYS OXT  O N N 80  
CYS H    H N N 81  
CYS H2   H N N 82  
CYS HA   H N N 83  
CYS HB2  H N N 84  
CYS HB3  H N N 85  
CYS HG   H N N 86  
CYS HXT  H N N 87  
GLN N    N N N 88  
GLN CA   C N S 89  
GLN C    C N N 90  
GLN O    O N N 91  
GLN CB   C N N 92  
GLN CG   C N N 93  
GLN CD   C N N 94  
GLN OE1  O N N 95  
GLN NE2  N N N 96  
GLN OXT  O N N 97  
GLN H    H N N 98  
GLN H2   H N N 99  
GLN HA   H N N 100 
GLN HB2  H N N 101 
GLN HB3  H N N 102 
GLN HG2  H N N 103 
GLN HG3  H N N 104 
GLN HE21 H N N 105 
GLN HE22 H N N 106 
GLN HXT  H N N 107 
GLU N    N N N 108 
GLU CA   C N S 109 
GLU C    C N N 110 
GLU O    O N N 111 
GLU CB   C N N 112 
GLU CG   C N N 113 
GLU CD   C N N 114 
GLU OE1  O N N 115 
GLU OE2  O N N 116 
GLU OXT  O N N 117 
GLU H    H N N 118 
GLU H2   H N N 119 
GLU HA   H N N 120 
GLU HB2  H N N 121 
GLU HB3  H N N 122 
GLU HG2  H N N 123 
GLU HG3  H N N 124 
GLU HE2  H N N 125 
GLU HXT  H N N 126 
GLY N    N N N 127 
GLY CA   C N N 128 
GLY C    C N N 129 
GLY O    O N N 130 
GLY OXT  O N N 131 
GLY H    H N N 132 
GLY H2   H N N 133 
GLY HA2  H N N 134 
GLY HA3  H N N 135 
GLY HXT  H N N 136 
HOH O    O N N 137 
HOH H1   H N N 138 
HOH H2   H N N 139 
ILE N    N N N 140 
ILE CA   C N S 141 
ILE C    C N N 142 
ILE O    O N N 143 
ILE CB   C N S 144 
ILE CG1  C N N 145 
ILE CG2  C N N 146 
ILE CD1  C N N 147 
ILE OXT  O N N 148 
ILE H    H N N 149 
ILE H2   H N N 150 
ILE HA   H N N 151 
ILE HB   H N N 152 
ILE HG12 H N N 153 
ILE HG13 H N N 154 
ILE HG21 H N N 155 
ILE HG22 H N N 156 
ILE HG23 H N N 157 
ILE HD11 H N N 158 
ILE HD12 H N N 159 
ILE HD13 H N N 160 
ILE HXT  H N N 161 
LEU N    N N N 162 
LEU CA   C N S 163 
LEU C    C N N 164 
LEU O    O N N 165 
LEU CB   C N N 166 
LEU CG   C N N 167 
LEU CD1  C N N 168 
LEU CD2  C N N 169 
LEU OXT  O N N 170 
LEU H    H N N 171 
LEU H2   H N N 172 
LEU HA   H N N 173 
LEU HB2  H N N 174 
LEU HB3  H N N 175 
LEU HG   H N N 176 
LEU HD11 H N N 177 
LEU HD12 H N N 178 
LEU HD13 H N N 179 
LEU HD21 H N N 180 
LEU HD22 H N N 181 
LEU HD23 H N N 182 
LEU HXT  H N N 183 
LYS N    N N N 184 
LYS CA   C N S 185 
LYS C    C N N 186 
LYS O    O N N 187 
LYS CB   C N N 188 
LYS CG   C N N 189 
LYS CD   C N N 190 
LYS CE   C N N 191 
LYS NZ   N N N 192 
LYS OXT  O N N 193 
LYS H    H N N 194 
LYS H2   H N N 195 
LYS HA   H N N 196 
LYS HB2  H N N 197 
LYS HB3  H N N 198 
LYS HG2  H N N 199 
LYS HG3  H N N 200 
LYS HD2  H N N 201 
LYS HD3  H N N 202 
LYS HE2  H N N 203 
LYS HE3  H N N 204 
LYS HZ1  H N N 205 
LYS HZ2  H N N 206 
LYS HZ3  H N N 207 
LYS HXT  H N N 208 
MET N    N N N 209 
MET CA   C N S 210 
MET C    C N N 211 
MET O    O N N 212 
MET CB   C N N 213 
MET CG   C N N 214 
MET SD   S N N 215 
MET CE   C N N 216 
MET OXT  O N N 217 
MET H    H N N 218 
MET H2   H N N 219 
MET HA   H N N 220 
MET HB2  H N N 221 
MET HB3  H N N 222 
MET HG2  H N N 223 
MET HG3  H N N 224 
MET HE1  H N N 225 
MET HE2  H N N 226 
MET HE3  H N N 227 
MET HXT  H N N 228 
PHE N    N N N 229 
PHE CA   C N S 230 
PHE C    C N N 231 
PHE O    O N N 232 
PHE CB   C N N 233 
PHE CG   C Y N 234 
PHE CD1  C Y N 235 
PHE CD2  C Y N 236 
PHE CE1  C Y N 237 
PHE CE2  C Y N 238 
PHE CZ   C Y N 239 
PHE OXT  O N N 240 
PHE H    H N N 241 
PHE H2   H N N 242 
PHE HA   H N N 243 
PHE HB2  H N N 244 
PHE HB3  H N N 245 
PHE HD1  H N N 246 
PHE HD2  H N N 247 
PHE HE1  H N N 248 
PHE HE2  H N N 249 
PHE HZ   H N N 250 
PHE HXT  H N N 251 
PRO N    N N N 252 
PRO CA   C N S 253 
PRO C    C N N 254 
PRO O    O N N 255 
PRO CB   C N N 256 
PRO CG   C N N 257 
PRO CD   C N N 258 
PRO OXT  O N N 259 
PRO H    H N N 260 
PRO HA   H N N 261 
PRO HB2  H N N 262 
PRO HB3  H N N 263 
PRO HG2  H N N 264 
PRO HG3  H N N 265 
PRO HD2  H N N 266 
PRO HD3  H N N 267 
PRO HXT  H N N 268 
SER N    N N N 269 
SER CA   C N S 270 
SER C    C N N 271 
SER O    O N N 272 
SER CB   C N N 273 
SER OG   O N N 274 
SER OXT  O N N 275 
SER H    H N N 276 
SER H2   H N N 277 
SER HA   H N N 278 
SER HB2  H N N 279 
SER HB3  H N N 280 
SER HG   H N N 281 
SER HXT  H N N 282 
THR N    N N N 283 
THR CA   C N S 284 
THR C    C N N 285 
THR O    O N N 286 
THR CB   C N R 287 
THR OG1  O N N 288 
THR CG2  C N N 289 
THR OXT  O N N 290 
THR H    H N N 291 
THR H2   H N N 292 
THR HA   H N N 293 
THR HB   H N N 294 
THR HG1  H N N 295 
THR HG21 H N N 296 
THR HG22 H N N 297 
THR HG23 H N N 298 
THR HXT  H N N 299 
TRP N    N N N 300 
TRP CA   C N S 301 
TRP C    C N N 302 
TRP O    O N N 303 
TRP CB   C N N 304 
TRP CG   C Y N 305 
TRP CD1  C Y N 306 
TRP CD2  C Y N 307 
TRP NE1  N Y N 308 
TRP CE2  C Y N 309 
TRP CE3  C Y N 310 
TRP CZ2  C Y N 311 
TRP CZ3  C Y N 312 
TRP CH2  C Y N 313 
TRP OXT  O N N 314 
TRP H    H N N 315 
TRP H2   H N N 316 
TRP HA   H N N 317 
TRP HB2  H N N 318 
TRP HB3  H N N 319 
TRP HD1  H N N 320 
TRP HE1  H N N 321 
TRP HE3  H N N 322 
TRP HZ2  H N N 323 
TRP HZ3  H N N 324 
TRP HH2  H N N 325 
TRP HXT  H N N 326 
TYR N    N N N 327 
TYR CA   C N S 328 
TYR C    C N N 329 
TYR O    O N N 330 
TYR CB   C N N 331 
TYR CG   C Y N 332 
TYR CD1  C Y N 333 
TYR CD2  C Y N 334 
TYR CE1  C Y N 335 
TYR CE2  C Y N 336 
TYR CZ   C Y N 337 
TYR OH   O N N 338 
TYR OXT  O N N 339 
TYR H    H N N 340 
TYR H2   H N N 341 
TYR HA   H N N 342 
TYR HB2  H N N 343 
TYR HB3  H N N 344 
TYR HD1  H N N 345 
TYR HD2  H N N 346 
TYR HE1  H N N 347 
TYR HE2  H N N 348 
TYR HH   H N N 349 
TYR HXT  H N N 350 
VAL N    N N N 351 
VAL CA   C N S 352 
VAL C    C N N 353 
VAL O    O N N 354 
VAL CB   C N N 355 
VAL CG1  C N N 356 
VAL CG2  C N N 357 
VAL OXT  O N N 358 
VAL H    H N N 359 
VAL H2   H N N 360 
VAL HA   H N N 361 
VAL HB   H N N 362 
VAL HG11 H N N 363 
VAL HG12 H N N 364 
VAL HG13 H N N 365 
VAL HG21 H N N 366 
VAL HG22 H N N 367 
VAL HG23 H N N 368 
VAL HXT  H N N 369 
# 
loop_
_chem_comp_bond.comp_id 
_chem_comp_bond.atom_id_1 
_chem_comp_bond.atom_id_2 
_chem_comp_bond.value_order 
_chem_comp_bond.pdbx_aromatic_flag 
_chem_comp_bond.pdbx_stereo_config 
_chem_comp_bond.pdbx_ordinal 
ALA N   CA   sing N N 1   
ALA N   H    sing N N 2   
ALA N   H2   sing N N 3   
ALA CA  C    sing N N 4   
ALA CA  CB   sing N N 5   
ALA CA  HA   sing N N 6   
ALA C   O    doub N N 7   
ALA C   OXT  sing N N 8   
ALA CB  HB1  sing N N 9   
ALA CB  HB2  sing N N 10  
ALA CB  HB3  sing N N 11  
ALA OXT HXT  sing N N 12  
ARG N   CA   sing N N 13  
ARG N   H    sing N N 14  
ARG N   H2   sing N N 15  
ARG CA  C    sing N N 16  
ARG CA  CB   sing N N 17  
ARG CA  HA   sing N N 18  
ARG C   O    doub N N 19  
ARG C   OXT  sing N N 20  
ARG CB  CG   sing N N 21  
ARG CB  HB2  sing N N 22  
ARG CB  HB3  sing N N 23  
ARG CG  CD   sing N N 24  
ARG CG  HG2  sing N N 25  
ARG CG  HG3  sing N N 26  
ARG CD  NE   sing N N 27  
ARG CD  HD2  sing N N 28  
ARG CD  HD3  sing N N 29  
ARG NE  CZ   sing N N 30  
ARG NE  HE   sing N N 31  
ARG CZ  NH1  sing N N 32  
ARG CZ  NH2  doub N N 33  
ARG NH1 HH11 sing N N 34  
ARG NH1 HH12 sing N N 35  
ARG NH2 HH21 sing N N 36  
ARG NH2 HH22 sing N N 37  
ARG OXT HXT  sing N N 38  
ASN N   CA   sing N N 39  
ASN N   H    sing N N 40  
ASN N   H2   sing N N 41  
ASN CA  C    sing N N 42  
ASN CA  CB   sing N N 43  
ASN CA  HA   sing N N 44  
ASN C   O    doub N N 45  
ASN C   OXT  sing N N 46  
ASN CB  CG   sing N N 47  
ASN CB  HB2  sing N N 48  
ASN CB  HB3  sing N N 49  
ASN CG  OD1  doub N N 50  
ASN CG  ND2  sing N N 51  
ASN ND2 HD21 sing N N 52  
ASN ND2 HD22 sing N N 53  
ASN OXT HXT  sing N N 54  
ASP N   CA   sing N N 55  
ASP N   H    sing N N 56  
ASP N   H2   sing N N 57  
ASP CA  C    sing N N 58  
ASP CA  CB   sing N N 59  
ASP CA  HA   sing N N 60  
ASP C   O    doub N N 61  
ASP C   OXT  sing N N 62  
ASP CB  CG   sing N N 63  
ASP CB  HB2  sing N N 64  
ASP CB  HB3  sing N N 65  
ASP CG  OD1  doub N N 66  
ASP CG  OD2  sing N N 67  
ASP OD2 HD2  sing N N 68  
ASP OXT HXT  sing N N 69  
CYS N   CA   sing N N 70  
CYS N   H    sing N N 71  
CYS N   H2   sing N N 72  
CYS CA  C    sing N N 73  
CYS CA  CB   sing N N 74  
CYS CA  HA   sing N N 75  
CYS C   O    doub N N 76  
CYS C   OXT  sing N N 77  
CYS CB  SG   sing N N 78  
CYS CB  HB2  sing N N 79  
CYS CB  HB3  sing N N 80  
CYS SG  HG   sing N N 81  
CYS OXT HXT  sing N N 82  
GLN N   CA   sing N N 83  
GLN N   H    sing N N 84  
GLN N   H2   sing N N 85  
GLN CA  C    sing N N 86  
GLN CA  CB   sing N N 87  
GLN CA  HA   sing N N 88  
GLN C   O    doub N N 89  
GLN C   OXT  sing N N 90  
GLN CB  CG   sing N N 91  
GLN CB  HB2  sing N N 92  
GLN CB  HB3  sing N N 93  
GLN CG  CD   sing N N 94  
GLN CG  HG2  sing N N 95  
GLN CG  HG3  sing N N 96  
GLN CD  OE1  doub N N 97  
GLN CD  NE2  sing N N 98  
GLN NE2 HE21 sing N N 99  
GLN NE2 HE22 sing N N 100 
GLN OXT HXT  sing N N 101 
GLU N   CA   sing N N 102 
GLU N   H    sing N N 103 
GLU N   H2   sing N N 104 
GLU CA  C    sing N N 105 
GLU CA  CB   sing N N 106 
GLU CA  HA   sing N N 107 
GLU C   O    doub N N 108 
GLU C   OXT  sing N N 109 
GLU CB  CG   sing N N 110 
GLU CB  HB2  sing N N 111 
GLU CB  HB3  sing N N 112 
GLU CG  CD   sing N N 113 
GLU CG  HG2  sing N N 114 
GLU CG  HG3  sing N N 115 
GLU CD  OE1  doub N N 116 
GLU CD  OE2  sing N N 117 
GLU OE2 HE2  sing N N 118 
GLU OXT HXT  sing N N 119 
GLY N   CA   sing N N 120 
GLY N   H    sing N N 121 
GLY N   H2   sing N N 122 
GLY CA  C    sing N N 123 
GLY CA  HA2  sing N N 124 
GLY CA  HA3  sing N N 125 
GLY C   O    doub N N 126 
GLY C   OXT  sing N N 127 
GLY OXT HXT  sing N N 128 
HOH O   H1   sing N N 129 
HOH O   H2   sing N N 130 
ILE N   CA   sing N N 131 
ILE N   H    sing N N 132 
ILE N   H2   sing N N 133 
ILE CA  C    sing N N 134 
ILE CA  CB   sing N N 135 
ILE CA  HA   sing N N 136 
ILE C   O    doub N N 137 
ILE C   OXT  sing N N 138 
ILE CB  CG1  sing N N 139 
ILE CB  CG2  sing N N 140 
ILE CB  HB   sing N N 141 
ILE CG1 CD1  sing N N 142 
ILE CG1 HG12 sing N N 143 
ILE CG1 HG13 sing N N 144 
ILE CG2 HG21 sing N N 145 
ILE CG2 HG22 sing N N 146 
ILE CG2 HG23 sing N N 147 
ILE CD1 HD11 sing N N 148 
ILE CD1 HD12 sing N N 149 
ILE CD1 HD13 sing N N 150 
ILE OXT HXT  sing N N 151 
LEU N   CA   sing N N 152 
LEU N   H    sing N N 153 
LEU N   H2   sing N N 154 
LEU CA  C    sing N N 155 
LEU CA  CB   sing N N 156 
LEU CA  HA   sing N N 157 
LEU C   O    doub N N 158 
LEU C   OXT  sing N N 159 
LEU CB  CG   sing N N 160 
LEU CB  HB2  sing N N 161 
LEU CB  HB3  sing N N 162 
LEU CG  CD1  sing N N 163 
LEU CG  CD2  sing N N 164 
LEU CG  HG   sing N N 165 
LEU CD1 HD11 sing N N 166 
LEU CD1 HD12 sing N N 167 
LEU CD1 HD13 sing N N 168 
LEU CD2 HD21 sing N N 169 
LEU CD2 HD22 sing N N 170 
LEU CD2 HD23 sing N N 171 
LEU OXT HXT  sing N N 172 
LYS N   CA   sing N N 173 
LYS N   H    sing N N 174 
LYS N   H2   sing N N 175 
LYS CA  C    sing N N 176 
LYS CA  CB   sing N N 177 
LYS CA  HA   sing N N 178 
LYS C   O    doub N N 179 
LYS C   OXT  sing N N 180 
LYS CB  CG   sing N N 181 
LYS CB  HB2  sing N N 182 
LYS CB  HB3  sing N N 183 
LYS CG  CD   sing N N 184 
LYS CG  HG2  sing N N 185 
LYS CG  HG3  sing N N 186 
LYS CD  CE   sing N N 187 
LYS CD  HD2  sing N N 188 
LYS CD  HD3  sing N N 189 
LYS CE  NZ   sing N N 190 
LYS CE  HE2  sing N N 191 
LYS CE  HE3  sing N N 192 
LYS NZ  HZ1  sing N N 193 
LYS NZ  HZ2  sing N N 194 
LYS NZ  HZ3  sing N N 195 
LYS OXT HXT  sing N N 196 
MET N   CA   sing N N 197 
MET N   H    sing N N 198 
MET N   H2   sing N N 199 
MET CA  C    sing N N 200 
MET CA  CB   sing N N 201 
MET CA  HA   sing N N 202 
MET C   O    doub N N 203 
MET C   OXT  sing N N 204 
MET CB  CG   sing N N 205 
MET CB  HB2  sing N N 206 
MET CB  HB3  sing N N 207 
MET CG  SD   sing N N 208 
MET CG  HG2  sing N N 209 
MET CG  HG3  sing N N 210 
MET SD  CE   sing N N 211 
MET CE  HE1  sing N N 212 
MET CE  HE2  sing N N 213 
MET CE  HE3  sing N N 214 
MET OXT HXT  sing N N 215 
PHE N   CA   sing N N 216 
PHE N   H    sing N N 217 
PHE N   H2   sing N N 218 
PHE CA  C    sing N N 219 
PHE CA  CB   sing N N 220 
PHE CA  HA   sing N N 221 
PHE C   O    doub N N 222 
PHE C   OXT  sing N N 223 
PHE CB  CG   sing N N 224 
PHE CB  HB2  sing N N 225 
PHE CB  HB3  sing N N 226 
PHE CG  CD1  doub Y N 227 
PHE CG  CD2  sing Y N 228 
PHE CD1 CE1  sing Y N 229 
PHE CD1 HD1  sing N N 230 
PHE CD2 CE2  doub Y N 231 
PHE CD2 HD2  sing N N 232 
PHE CE1 CZ   doub Y N 233 
PHE CE1 HE1  sing N N 234 
PHE CE2 CZ   sing Y N 235 
PHE CE2 HE2  sing N N 236 
PHE CZ  HZ   sing N N 237 
PHE OXT HXT  sing N N 238 
PRO N   CA   sing N N 239 
PRO N   CD   sing N N 240 
PRO N   H    sing N N 241 
PRO CA  C    sing N N 242 
PRO CA  CB   sing N N 243 
PRO CA  HA   sing N N 244 
PRO C   O    doub N N 245 
PRO C   OXT  sing N N 246 
PRO CB  CG   sing N N 247 
PRO CB  HB2  sing N N 248 
PRO CB  HB3  sing N N 249 
PRO CG  CD   sing N N 250 
PRO CG  HG2  sing N N 251 
PRO CG  HG3  sing N N 252 
PRO CD  HD2  sing N N 253 
PRO CD  HD3  sing N N 254 
PRO OXT HXT  sing N N 255 
SER N   CA   sing N N 256 
SER N   H    sing N N 257 
SER N   H2   sing N N 258 
SER CA  C    sing N N 259 
SER CA  CB   sing N N 260 
SER CA  HA   sing N N 261 
SER C   O    doub N N 262 
SER C   OXT  sing N N 263 
SER CB  OG   sing N N 264 
SER CB  HB2  sing N N 265 
SER CB  HB3  sing N N 266 
SER OG  HG   sing N N 267 
SER OXT HXT  sing N N 268 
THR N   CA   sing N N 269 
THR N   H    sing N N 270 
THR N   H2   sing N N 271 
THR CA  C    sing N N 272 
THR CA  CB   sing N N 273 
THR CA  HA   sing N N 274 
THR C   O    doub N N 275 
THR C   OXT  sing N N 276 
THR CB  OG1  sing N N 277 
THR CB  CG2  sing N N 278 
THR CB  HB   sing N N 279 
THR OG1 HG1  sing N N 280 
THR CG2 HG21 sing N N 281 
THR CG2 HG22 sing N N 282 
THR CG2 HG23 sing N N 283 
THR OXT HXT  sing N N 284 
TRP N   CA   sing N N 285 
TRP N   H    sing N N 286 
TRP N   H2   sing N N 287 
TRP CA  C    sing N N 288 
TRP CA  CB   sing N N 289 
TRP CA  HA   sing N N 290 
TRP C   O    doub N N 291 
TRP C   OXT  sing N N 292 
TRP CB  CG   sing N N 293 
TRP CB  HB2  sing N N 294 
TRP CB  HB3  sing N N 295 
TRP CG  CD1  doub Y N 296 
TRP CG  CD2  sing Y N 297 
TRP CD1 NE1  sing Y N 298 
TRP CD1 HD1  sing N N 299 
TRP CD2 CE2  doub Y N 300 
TRP CD2 CE3  sing Y N 301 
TRP NE1 CE2  sing Y N 302 
TRP NE1 HE1  sing N N 303 
TRP CE2 CZ2  sing Y N 304 
TRP CE3 CZ3  doub Y N 305 
TRP CE3 HE3  sing N N 306 
TRP CZ2 CH2  doub Y N 307 
TRP CZ2 HZ2  sing N N 308 
TRP CZ3 CH2  sing Y N 309 
TRP CZ3 HZ3  sing N N 310 
TRP CH2 HH2  sing N N 311 
TRP OXT HXT  sing N N 312 
TYR N   CA   sing N N 313 
TYR N   H    sing N N 314 
TYR N   H2   sing N N 315 
TYR CA  C    sing N N 316 
TYR CA  CB   sing N N 317 
TYR CA  HA   sing N N 318 
TYR C   O    doub N N 319 
TYR C   OXT  sing N N 320 
TYR CB  CG   sing N N 321 
TYR CB  HB2  sing N N 322 
TYR CB  HB3  sing N N 323 
TYR CG  CD1  doub Y N 324 
TYR CG  CD2  sing Y N 325 
TYR CD1 CE1  sing Y N 326 
TYR CD1 HD1  sing N N 327 
TYR CD2 CE2  doub Y N 328 
TYR CD2 HD2  sing N N 329 
TYR CE1 CZ   doub Y N 330 
TYR CE1 HE1  sing N N 331 
TYR CE2 CZ   sing Y N 332 
TYR CE2 HE2  sing N N 333 
TYR CZ  OH   sing N N 334 
TYR OH  HH   sing N N 335 
TYR OXT HXT  sing N N 336 
VAL N   CA   sing N N 337 
VAL N   H    sing N N 338 
VAL N   H2   sing N N 339 
VAL CA  C    sing N N 340 
VAL CA  CB   sing N N 341 
VAL CA  HA   sing N N 342 
VAL C   O    doub N N 343 
VAL C   OXT  sing N N 344 
VAL CB  CG1  sing N N 345 
VAL CB  CG2  sing N N 346 
VAL CB  HB   sing N N 347 
VAL CG1 HG11 sing N N 348 
VAL CG1 HG12 sing N N 349 
VAL CG1 HG13 sing N N 350 
VAL CG2 HG21 sing N N 351 
VAL CG2 HG22 sing N N 352 
VAL CG2 HG23 sing N N 353 
VAL OXT HXT  sing N N 354 
# 
_pdbx_audit_support.funding_organization   'National Research Foundation (NRF, Korea)' 
_pdbx_audit_support.country                'Korea, Republic Of' 
_pdbx_audit_support.grant_number           2021R1F1A1045940 
_pdbx_audit_support.ordinal                1 
# 
_pdbx_entity_nonpoly.entity_id   2 
_pdbx_entity_nonpoly.name        water 
_pdbx_entity_nonpoly.comp_id     HOH 
# 
_pdbx_initial_refinement_model.id               1 
_pdbx_initial_refinement_model.entity_id_list   ? 
_pdbx_initial_refinement_model.type             'experimental model' 
_pdbx_initial_refinement_model.source_name      PDB 
_pdbx_initial_refinement_model.accession_code   5ZQH 
_pdbx_initial_refinement_model.details          ? 
# 
_pdbx_struct_assembly_auth_evidence.id                     1 
_pdbx_struct_assembly_auth_evidence.assembly_id            1 
_pdbx_struct_assembly_auth_evidence.experimental_support   'gel filtration' 
_pdbx_struct_assembly_auth_evidence.details                dimer 
# 
_space_group.name_H-M_alt     'P 41 21 2' 
_space_group.name_Hall        'P 4abw 2nw' 
_space_group.IT_number        92 
_space_group.crystal_system   tetragonal 
_space_group.id               1 
# 
